data_2LTE
#
_entry.id   2LTE
#
_entity_poly.entity_id   1
_entity_poly.type   'polypeptide(L)'
_entity_poly.pdbx_seq_one_letter_code
;MGSSHDHHHHSSGRENLYFQGHMPNDMEDHLLTVLSVASGVPKEEISRDSRMEDLAFDSLVVSELSLKLRKEFGVTGVDD
ELDLLETVDELFQLVEKHRAAGS
;
_entity_poly.pdbx_strand_id   A
#
# COMPACT_ATOMS: atom_id res chain seq x y z
N MET A 1 -20.72 48.85 10.84
CA MET A 1 -19.31 48.67 11.25
C MET A 1 -19.13 47.29 11.89
N GLY A 2 -18.10 46.55 11.46
CA GLY A 2 -17.78 45.22 12.01
C GLY A 2 -18.29 44.09 11.14
N SER A 3 -17.52 43.79 10.08
CA SER A 3 -17.81 42.70 9.14
C SER A 3 -16.54 42.38 8.33
N SER A 4 -16.38 41.09 7.99
CA SER A 4 -15.24 40.58 7.19
C SER A 4 -15.69 39.27 6.52
N HIS A 5 -16.76 39.38 5.71
CA HIS A 5 -17.42 38.23 5.08
C HIS A 5 -16.51 37.58 4.02
N ASP A 6 -16.26 36.28 4.19
CA ASP A 6 -15.52 35.43 3.24
C ASP A 6 -16.12 34.02 3.30
N HIS A 7 -16.72 33.56 2.19
CA HIS A 7 -17.40 32.25 2.12
C HIS A 7 -16.64 31.33 1.13
N HIS A 8 -15.29 31.40 1.19
CA HIS A 8 -14.40 30.60 0.32
C HIS A 8 -14.64 29.09 0.55
N HIS A 9 -14.89 28.38 -0.56
CA HIS A 9 -15.05 26.92 -0.56
C HIS A 9 -13.77 26.28 -1.07
N HIS A 10 -13.31 25.22 -0.38
CA HIS A 10 -12.11 24.45 -0.78
C HIS A 10 -12.37 23.72 -2.11
N SER A 11 -13.61 23.25 -2.27
CA SER A 11 -14.09 22.46 -3.44
C SER A 11 -13.49 21.02 -3.41
N SER A 12 -14.37 20.01 -3.45
CA SER A 12 -14.01 18.59 -3.41
C SER A 12 -15.02 17.77 -4.23
N GLY A 13 -15.51 18.40 -5.33
CA GLY A 13 -16.45 17.78 -6.27
C GLY A 13 -15.90 16.50 -6.91
N ARG A 14 -16.34 15.36 -6.39
CA ARG A 14 -15.90 14.03 -6.84
C ARG A 14 -17.13 13.12 -6.93
N GLU A 15 -17.19 12.28 -7.98
CA GLU A 15 -18.32 11.39 -8.23
C GLU A 15 -17.90 10.26 -9.20
N ASN A 16 -17.59 9.10 -8.62
CA ASN A 16 -17.23 7.87 -9.37
C ASN A 16 -17.32 6.68 -8.42
N LEU A 17 -18.43 5.92 -8.51
CA LEU A 17 -18.73 4.79 -7.59
C LEU A 17 -18.73 3.47 -8.37
N TYR A 18 -17.81 2.57 -8.00
CA TYR A 18 -17.71 1.20 -8.55
C TYR A 18 -17.74 0.18 -7.40
N PHE A 19 -18.08 -1.07 -7.75
CA PHE A 19 -18.10 -2.21 -6.83
C PHE A 19 -16.88 -3.12 -7.09
N GLN A 20 -15.84 -2.53 -7.74
CA GLN A 20 -14.60 -3.26 -8.11
C GLN A 20 -13.77 -3.57 -6.85
N GLY A 21 -13.99 -4.77 -6.31
CA GLY A 21 -13.26 -5.28 -5.14
C GLY A 21 -13.21 -6.80 -5.11
N HIS A 22 -13.46 -7.42 -6.28
CA HIS A 22 -13.47 -8.88 -6.46
C HIS A 22 -12.26 -9.29 -7.31
N MET A 23 -11.47 -10.23 -6.78
CA MET A 23 -10.21 -10.70 -7.38
C MET A 23 -9.19 -9.54 -7.55
N PRO A 24 -8.45 -9.17 -6.45
CA PRO A 24 -7.37 -8.16 -6.53
C PRO A 24 -6.11 -8.78 -7.20
N ASN A 25 -6.16 -8.83 -8.55
CA ASN A 25 -5.10 -9.42 -9.40
C ASN A 25 -3.74 -8.77 -9.11
N ASP A 26 -3.75 -7.43 -9.04
CA ASP A 26 -2.59 -6.63 -8.68
C ASP A 26 -2.57 -6.44 -7.17
N MET A 27 -1.78 -7.30 -6.48
CA MET A 27 -1.47 -7.15 -5.04
C MET A 27 -0.85 -5.76 -4.78
N GLU A 28 0.03 -5.35 -5.72
CA GLU A 28 0.73 -4.06 -5.67
C GLU A 28 -0.25 -2.87 -5.65
N ASP A 29 -1.31 -2.97 -6.48
CA ASP A 29 -2.39 -1.95 -6.53
C ASP A 29 -3.12 -1.87 -5.18
N HIS A 30 -3.44 -3.04 -4.61
CA HIS A 30 -4.21 -3.13 -3.36
C HIS A 30 -3.38 -2.66 -2.15
N LEU A 31 -2.05 -2.90 -2.21
CA LEU A 31 -1.09 -2.48 -1.16
C LEU A 31 -0.86 -0.96 -1.28
N LEU A 32 -0.84 -0.48 -2.54
CA LEU A 32 -0.71 0.95 -2.87
C LEU A 32 -1.97 1.71 -2.40
N THR A 33 -3.13 1.02 -2.44
CA THR A 33 -4.42 1.56 -1.95
C THR A 33 -4.44 1.61 -0.42
N VAL A 34 -3.84 0.59 0.23
CA VAL A 34 -3.64 0.56 1.70
C VAL A 34 -2.84 1.81 2.14
N LEU A 35 -1.77 2.10 1.39
CA LEU A 35 -0.92 3.30 1.61
C LEU A 35 -1.69 4.59 1.25
N SER A 36 -2.52 4.53 0.21
CA SER A 36 -3.27 5.70 -0.30
C SER A 36 -4.34 6.15 0.70
N VAL A 37 -4.86 5.19 1.49
CA VAL A 37 -5.87 5.45 2.53
C VAL A 37 -5.16 5.87 3.85
N ALA A 38 -4.07 5.16 4.20
CA ALA A 38 -3.29 5.40 5.44
C ALA A 38 -2.61 6.78 5.42
N SER A 39 -2.01 7.12 4.26
CA SER A 39 -1.36 8.42 4.04
C SER A 39 -2.39 9.49 3.69
N GLY A 40 -3.49 9.07 3.04
CA GLY A 40 -4.57 9.97 2.60
C GLY A 40 -4.33 10.59 1.22
N VAL A 41 -3.11 10.43 0.70
CA VAL A 41 -2.69 11.00 -0.59
C VAL A 41 -2.96 9.98 -1.74
N PRO A 42 -3.34 10.46 -2.98
CA PRO A 42 -3.60 9.57 -4.17
C PRO A 42 -2.43 8.63 -4.56
N LYS A 43 -2.75 7.70 -5.50
CA LYS A 43 -1.82 6.64 -5.97
C LYS A 43 -0.56 7.23 -6.61
N GLU A 44 -0.72 8.38 -7.30
CA GLU A 44 0.40 9.05 -8.03
C GLU A 44 1.48 9.57 -7.05
N GLU A 45 1.05 9.95 -5.84
CA GLU A 45 1.97 10.51 -4.83
C GLU A 45 2.75 9.43 -4.05
N ILE A 46 2.45 8.14 -4.33
CA ILE A 46 3.14 6.99 -3.70
C ILE A 46 3.66 6.04 -4.79
N SER A 47 4.92 5.61 -4.65
CA SER A 47 5.55 4.63 -5.55
C SER A 47 6.33 3.59 -4.73
N ARG A 48 6.74 2.49 -5.38
CA ARG A 48 7.62 1.48 -4.77
C ARG A 48 8.98 2.12 -4.45
N ASP A 49 9.61 2.71 -5.49
CA ASP A 49 10.85 3.46 -5.35
C ASP A 49 10.53 4.78 -4.63
N SER A 50 10.62 4.71 -3.30
CA SER A 50 10.33 5.81 -2.39
C SER A 50 10.77 5.42 -0.98
N ARG A 51 11.09 6.43 -0.16
CA ARG A 51 11.48 6.25 1.25
C ARG A 51 10.24 6.40 2.14
N MET A 52 10.28 5.76 3.31
CA MET A 52 9.21 5.85 4.31
C MET A 52 9.27 7.24 4.98
N GLU A 53 8.45 8.16 4.48
CA GLU A 53 8.27 9.52 5.03
C GLU A 53 6.88 9.61 5.72
N ASP A 54 6.00 10.55 5.29
CA ASP A 54 4.62 10.64 5.80
C ASP A 54 3.70 9.66 4.99
N LEU A 55 4.13 8.39 4.97
CA LEU A 55 3.47 7.30 4.23
C LEU A 55 3.20 6.12 5.16
N ALA A 56 4.24 5.76 5.96
CA ALA A 56 4.20 4.61 6.88
C ALA A 56 5.34 4.69 7.92
N PHE A 57 5.88 5.91 8.15
CA PHE A 57 7.00 6.13 9.10
C PHE A 57 6.59 7.15 10.18
N ASP A 58 5.75 6.65 11.10
CA ASP A 58 5.22 7.39 12.25
C ASP A 58 4.31 6.43 13.03
N SER A 59 4.42 6.41 14.37
CA SER A 59 3.73 5.43 15.24
C SER A 59 2.21 5.34 14.97
N LEU A 60 1.56 6.50 14.71
CA LEU A 60 0.12 6.55 14.39
C LEU A 60 -0.16 5.91 13.02
N VAL A 61 0.65 6.30 12.02
CA VAL A 61 0.49 5.85 10.62
C VAL A 61 0.84 4.34 10.49
N VAL A 62 1.71 3.84 11.38
CA VAL A 62 2.11 2.40 11.43
C VAL A 62 0.97 1.58 12.05
N SER A 63 0.30 2.14 13.07
CA SER A 63 -0.87 1.52 13.71
C SER A 63 -2.07 1.48 12.74
N GLU A 64 -2.18 2.54 11.91
CA GLU A 64 -3.22 2.65 10.87
C GLU A 64 -2.92 1.65 9.73
N LEU A 65 -1.64 1.57 9.34
CA LEU A 65 -1.15 0.67 8.28
C LEU A 65 -1.41 -0.79 8.64
N SER A 66 -1.04 -1.14 9.88
CA SER A 66 -1.25 -2.48 10.45
C SER A 66 -2.74 -2.82 10.44
N LEU A 67 -3.57 -1.85 10.90
CA LEU A 67 -5.03 -1.99 10.97
C LEU A 67 -5.62 -2.38 9.60
N LYS A 68 -5.07 -1.77 8.53
CA LYS A 68 -5.46 -2.09 7.14
C LYS A 68 -5.06 -3.52 6.81
N LEU A 69 -3.76 -3.83 7.00
CA LEU A 69 -3.13 -5.12 6.60
C LEU A 69 -3.84 -6.34 7.23
N ARG A 70 -4.38 -6.17 8.46
CA ARG A 70 -5.11 -7.23 9.19
C ARG A 70 -6.34 -7.70 8.39
N LYS A 71 -6.99 -6.76 7.72
CA LYS A 71 -8.23 -6.99 6.96
C LYS A 71 -7.93 -7.28 5.47
N GLU A 72 -7.10 -6.42 4.86
CA GLU A 72 -6.86 -6.41 3.41
C GLU A 72 -6.04 -7.62 2.95
N PHE A 73 -5.01 -7.98 3.74
CA PHE A 73 -4.07 -9.07 3.39
C PHE A 73 -3.99 -10.14 4.51
N GLY A 74 -4.66 -9.89 5.66
CA GLY A 74 -4.60 -10.81 6.81
C GLY A 74 -3.29 -10.72 7.60
N VAL A 75 -2.41 -9.78 7.19
CA VAL A 75 -1.06 -9.61 7.77
C VAL A 75 -1.18 -8.85 9.11
N THR A 76 -1.14 -9.62 10.22
CA THR A 76 -1.40 -9.11 11.59
C THR A 76 -0.21 -9.43 12.51
N GLY A 77 0.02 -8.55 13.52
CA GLY A 77 1.06 -8.76 14.54
C GLY A 77 2.47 -8.52 14.04
N VAL A 78 2.59 -7.86 12.88
CA VAL A 78 3.87 -7.63 12.16
C VAL A 78 4.54 -6.29 12.57
N ASP A 79 4.48 -5.98 13.87
CA ASP A 79 5.04 -4.73 14.44
C ASP A 79 6.52 -4.54 14.10
N ASP A 80 7.29 -5.65 14.26
CA ASP A 80 8.75 -5.67 13.99
C ASP A 80 9.05 -5.43 12.51
N GLU A 81 8.20 -6.02 11.66
CA GLU A 81 8.30 -5.92 10.19
C GLU A 81 8.04 -4.47 9.72
N LEU A 82 7.06 -3.81 10.36
CA LEU A 82 6.69 -2.42 10.07
C LEU A 82 7.71 -1.44 10.67
N ASP A 83 8.40 -1.91 11.72
CA ASP A 83 9.52 -1.18 12.36
C ASP A 83 10.77 -1.23 11.47
N LEU A 84 10.88 -2.30 10.66
CA LEU A 84 12.02 -2.54 9.74
C LEU A 84 11.77 -1.94 8.34
N LEU A 85 10.71 -1.12 8.18
CA LEU A 85 10.40 -0.45 6.90
C LEU A 85 11.29 0.79 6.69
N GLU A 86 11.96 0.83 5.53
CA GLU A 86 12.87 1.91 5.14
C GLU A 86 12.43 2.43 3.76
N THR A 87 12.15 1.49 2.83
CA THR A 87 11.58 1.82 1.51
C THR A 87 10.17 1.20 1.35
N VAL A 88 9.38 1.83 0.48
CA VAL A 88 8.01 1.40 0.19
C VAL A 88 8.03 0.08 -0.61
N ASP A 89 9.01 -0.05 -1.52
CA ASP A 89 9.24 -1.28 -2.31
C ASP A 89 9.53 -2.46 -1.40
N GLU A 90 10.29 -2.19 -0.32
CA GLU A 90 10.60 -3.17 0.72
C GLU A 90 9.31 -3.68 1.40
N LEU A 91 8.33 -2.78 1.63
CA LEU A 91 7.00 -3.17 2.16
C LEU A 91 6.25 -4.12 1.18
N PHE A 92 6.32 -3.81 -0.14
CA PHE A 92 5.74 -4.67 -1.20
C PHE A 92 6.38 -6.08 -1.17
N GLN A 93 7.73 -6.11 -1.04
CA GLN A 93 8.53 -7.35 -0.99
C GLN A 93 8.28 -8.12 0.31
N LEU A 94 8.01 -7.37 1.39
CA LEU A 94 7.85 -7.92 2.76
C LEU A 94 6.56 -8.73 2.84
N VAL A 95 5.43 -8.07 2.49
CA VAL A 95 4.10 -8.69 2.51
C VAL A 95 4.02 -9.84 1.48
N GLU A 96 4.81 -9.71 0.39
CA GLU A 96 5.00 -10.76 -0.64
C GLU A 96 5.60 -12.03 -0.01
N LYS A 97 6.74 -11.84 0.68
CA LYS A 97 7.50 -12.94 1.32
C LYS A 97 6.74 -13.50 2.55
N HIS A 98 5.91 -12.64 3.16
CA HIS A 98 5.14 -12.98 4.37
C HIS A 98 3.89 -13.81 4.00
N ARG A 99 3.34 -13.54 2.79
CA ARG A 99 2.20 -14.27 2.23
C ARG A 99 2.66 -15.66 1.76
N ALA A 100 3.86 -15.68 1.13
CA ALA A 100 4.51 -16.91 0.65
C ALA A 100 4.88 -17.81 1.83
N ALA A 101 5.39 -17.18 2.91
CA ALA A 101 5.79 -17.82 4.18
C ALA A 101 6.93 -18.85 3.99
N GLY A 102 7.22 -19.63 5.05
CA GLY A 102 8.20 -20.73 5.00
C GLY A 102 7.53 -22.10 5.07
N SER A 103 6.19 -22.12 4.92
CA SER A 103 5.39 -23.35 4.97
C SER A 103 5.30 -23.98 3.55
N MET A 1 -12.52 43.91 -32.38
CA MET A 1 -11.50 44.24 -31.37
C MET A 1 -10.42 43.15 -31.33
N GLY A 2 -9.15 43.58 -31.19
CA GLY A 2 -8.01 42.66 -31.07
C GLY A 2 -7.74 42.19 -29.65
N SER A 3 -8.67 42.51 -28.72
CA SER A 3 -8.60 42.12 -27.31
C SER A 3 -8.70 40.59 -27.18
N SER A 4 -7.53 39.92 -27.21
CA SER A 4 -7.43 38.47 -27.20
C SER A 4 -6.03 38.07 -26.69
N HIS A 5 -5.94 37.79 -25.37
CA HIS A 5 -4.72 37.26 -24.75
C HIS A 5 -4.59 35.75 -25.07
N ASP A 6 -3.43 35.15 -24.76
CA ASP A 6 -3.25 33.69 -24.87
C ASP A 6 -3.93 33.01 -23.66
N HIS A 7 -4.30 31.75 -23.86
CA HIS A 7 -4.94 30.91 -22.83
C HIS A 7 -4.45 29.48 -22.99
N HIS A 8 -4.43 28.74 -21.88
CA HIS A 8 -3.93 27.35 -21.82
C HIS A 8 -5.03 26.42 -21.29
N HIS A 9 -4.81 25.10 -21.41
CA HIS A 9 -5.75 24.07 -20.94
C HIS A 9 -5.04 23.09 -19.99
N HIS A 10 -5.84 22.36 -19.20
CA HIS A 10 -5.36 21.34 -18.26
C HIS A 10 -6.48 20.30 -18.03
N SER A 11 -6.13 19.01 -18.15
CA SER A 11 -7.04 17.88 -17.96
C SER A 11 -6.66 17.11 -16.69
N SER A 12 -7.67 16.59 -15.98
CA SER A 12 -7.49 15.84 -14.73
C SER A 12 -6.95 14.42 -14.98
N GLY A 13 -7.16 13.91 -16.22
CA GLY A 13 -6.77 12.55 -16.60
C GLY A 13 -7.62 11.50 -15.88
N ARG A 14 -7.01 10.36 -15.55
CA ARG A 14 -7.65 9.31 -14.73
C ARG A 14 -6.57 8.36 -14.17
N GLU A 15 -6.69 8.05 -12.87
CA GLU A 15 -5.87 7.00 -12.22
C GLU A 15 -6.53 5.62 -12.47
N ASN A 16 -7.85 5.62 -12.69
CA ASN A 16 -8.63 4.40 -12.96
C ASN A 16 -8.27 3.89 -14.36
N LEU A 17 -7.48 2.82 -14.38
CA LEU A 17 -6.93 2.21 -15.61
C LEU A 17 -7.07 0.67 -15.54
N TYR A 18 -6.58 -0.01 -16.60
CA TYR A 18 -6.55 -1.48 -16.74
C TYR A 18 -7.98 -2.05 -16.85
N PHE A 19 -8.48 -2.12 -18.09
CA PHE A 19 -9.78 -2.77 -18.43
C PHE A 19 -9.54 -4.07 -19.23
N GLN A 20 -8.28 -4.50 -19.30
CA GLN A 20 -7.86 -5.72 -20.02
C GLN A 20 -8.38 -6.97 -19.27
N GLY A 21 -9.36 -7.67 -19.89
CA GLY A 21 -10.08 -8.75 -19.21
C GLY A 21 -10.99 -8.19 -18.12
N HIS A 22 -10.45 -8.11 -16.89
CA HIS A 22 -11.10 -7.41 -15.77
C HIS A 22 -10.01 -6.57 -15.05
N MET A 23 -9.33 -7.18 -14.07
CA MET A 23 -8.23 -6.57 -13.31
C MET A 23 -7.61 -7.68 -12.43
N PRO A 24 -6.61 -8.46 -12.99
CA PRO A 24 -5.99 -9.60 -12.26
C PRO A 24 -4.94 -9.13 -11.24
N ASN A 25 -4.72 -9.98 -10.22
CA ASN A 25 -3.68 -9.79 -9.19
C ASN A 25 -3.89 -8.48 -8.39
N ASP A 26 -4.67 -8.56 -7.30
CA ASP A 26 -4.88 -7.42 -6.38
C ASP A 26 -3.75 -7.42 -5.33
N MET A 27 -2.57 -6.91 -5.74
CA MET A 27 -1.38 -6.82 -4.87
C MET A 27 -0.72 -5.44 -5.01
N GLU A 28 -0.28 -5.07 -6.23
CA GLU A 28 0.53 -3.84 -6.45
C GLU A 28 -0.32 -2.56 -6.33
N ASP A 29 -1.30 -2.40 -7.24
CA ASP A 29 -2.25 -1.25 -7.25
C ASP A 29 -3.07 -1.24 -5.95
N HIS A 30 -3.34 -2.46 -5.46
CA HIS A 30 -4.11 -2.70 -4.24
C HIS A 30 -3.37 -2.14 -3.00
N LEU A 31 -2.04 -2.36 -2.95
CA LEU A 31 -1.20 -1.90 -1.81
C LEU A 31 -0.98 -0.38 -1.88
N LEU A 32 -0.91 0.19 -3.10
CA LEU A 32 -0.84 1.66 -3.29
C LEU A 32 -2.14 2.34 -2.79
N THR A 33 -3.27 1.60 -2.86
CA THR A 33 -4.56 2.04 -2.28
C THR A 33 -4.50 1.96 -0.73
N VAL A 34 -3.94 0.85 -0.21
CA VAL A 34 -3.73 0.62 1.24
C VAL A 34 -2.92 1.79 1.85
N LEU A 35 -1.86 2.18 1.13
CA LEU A 35 -0.95 3.24 1.53
C LEU A 35 -1.64 4.61 1.50
N SER A 36 -2.44 4.89 0.45
CA SER A 36 -3.09 6.20 0.28
C SER A 36 -4.11 6.48 1.39
N VAL A 37 -4.80 5.40 1.83
CA VAL A 37 -5.78 5.46 2.93
C VAL A 37 -5.08 5.59 4.30
N ALA A 38 -3.92 4.91 4.47
CA ALA A 38 -3.18 4.89 5.75
C ALA A 38 -2.36 6.20 5.98
N SER A 39 -1.81 6.72 4.88
CA SER A 39 -0.92 7.90 4.90
C SER A 39 -1.74 9.19 4.83
N GLY A 40 -2.58 9.28 3.78
CA GLY A 40 -3.36 10.49 3.47
C GLY A 40 -3.02 11.05 2.10
N VAL A 41 -1.79 10.75 1.60
CA VAL A 41 -1.36 11.15 0.26
C VAL A 41 -2.00 10.23 -0.81
N PRO A 42 -2.61 10.80 -1.90
CA PRO A 42 -3.27 10.00 -2.97
C PRO A 42 -2.28 9.05 -3.69
N LYS A 43 -2.84 8.03 -4.38
CA LYS A 43 -2.09 6.95 -5.08
C LYS A 43 -1.13 7.51 -6.16
N GLU A 44 -1.48 8.69 -6.70
CA GLU A 44 -0.70 9.38 -7.76
C GLU A 44 0.67 9.88 -7.22
N GLU A 45 0.74 10.09 -5.88
CA GLU A 45 1.97 10.53 -5.17
C GLU A 45 2.85 9.34 -4.81
N ILE A 46 2.23 8.14 -4.79
CA ILE A 46 2.86 6.91 -4.30
C ILE A 46 3.37 6.07 -5.49
N SER A 47 4.61 5.58 -5.36
CA SER A 47 5.22 4.63 -6.31
C SER A 47 5.63 3.36 -5.55
N ARG A 48 5.98 2.30 -6.29
CA ARG A 48 6.39 0.99 -5.70
C ARG A 48 7.80 1.07 -5.08
N ASP A 49 8.60 2.06 -5.50
CA ASP A 49 9.99 2.26 -5.00
C ASP A 49 10.06 3.44 -4.01
N SER A 50 8.90 4.07 -3.74
CA SER A 50 8.82 5.32 -2.95
C SER A 50 9.28 5.11 -1.49
N ARG A 51 9.78 6.19 -0.88
CA ARG A 51 10.16 6.22 0.54
C ARG A 51 8.91 6.26 1.44
N MET A 52 9.08 5.89 2.71
CA MET A 52 8.00 5.83 3.72
C MET A 52 8.10 7.01 4.71
N GLU A 53 8.69 8.14 4.25
CA GLU A 53 9.02 9.28 5.13
C GLU A 53 7.76 9.87 5.76
N ASP A 54 6.87 10.37 4.89
CA ASP A 54 5.59 10.98 5.29
C ASP A 54 4.47 9.92 5.26
N LEU A 55 4.73 8.79 4.58
CA LEU A 55 3.75 7.69 4.35
C LEU A 55 3.71 6.70 5.51
N ALA A 56 4.76 6.74 6.34
CA ALA A 56 4.91 5.88 7.52
C ALA A 56 5.86 6.58 8.51
N PHE A 57 6.57 5.77 9.34
CA PHE A 57 7.54 6.27 10.34
C PHE A 57 6.88 7.16 11.39
N ASP A 58 5.96 6.52 12.11
CA ASP A 58 5.20 7.10 13.21
C ASP A 58 4.32 6.00 13.78
N SER A 59 4.23 5.90 15.12
CA SER A 59 3.50 4.80 15.79
C SER A 59 2.03 4.73 15.34
N LEU A 60 1.42 5.90 15.06
CA LEU A 60 -0.02 5.99 14.72
C LEU A 60 -0.25 5.65 13.22
N VAL A 61 0.69 6.11 12.34
CA VAL A 61 0.62 5.81 10.89
C VAL A 61 0.90 4.30 10.62
N VAL A 62 1.86 3.76 11.37
CA VAL A 62 2.24 2.34 11.30
C VAL A 62 1.16 1.45 11.95
N SER A 63 0.46 1.99 12.98
CA SER A 63 -0.71 1.31 13.60
C SER A 63 -1.89 1.27 12.62
N GLU A 64 -1.99 2.33 11.80
CA GLU A 64 -3.01 2.47 10.75
C GLU A 64 -2.71 1.48 9.60
N LEU A 65 -1.41 1.35 9.26
CA LEU A 65 -0.93 0.49 8.17
C LEU A 65 -0.98 -1.00 8.55
N SER A 66 -0.72 -1.31 9.84
CA SER A 66 -0.78 -2.69 10.36
C SER A 66 -2.24 -3.15 10.45
N LEU A 67 -3.10 -2.23 10.90
CA LEU A 67 -4.57 -2.42 10.91
C LEU A 67 -5.08 -2.68 9.47
N LYS A 68 -4.48 -1.95 8.52
CA LYS A 68 -4.82 -2.05 7.10
C LYS A 68 -4.50 -3.46 6.57
N LEU A 69 -3.23 -3.88 6.67
CA LEU A 69 -2.75 -5.19 6.17
C LEU A 69 -3.46 -6.36 6.87
N ARG A 70 -3.73 -6.16 8.17
CA ARG A 70 -4.48 -7.12 9.03
C ARG A 70 -5.86 -7.41 8.43
N LYS A 71 -6.51 -6.36 7.96
CA LYS A 71 -7.86 -6.42 7.38
C LYS A 71 -7.81 -6.77 5.87
N GLU A 72 -6.75 -6.31 5.18
CA GLU A 72 -6.71 -6.29 3.70
C GLU A 72 -6.12 -7.59 3.12
N PHE A 73 -4.90 -7.94 3.58
CA PHE A 73 -4.16 -9.13 3.11
C PHE A 73 -4.07 -10.20 4.21
N GLY A 74 -4.63 -9.90 5.40
CA GLY A 74 -4.59 -10.79 6.57
C GLY A 74 -3.23 -10.80 7.28
N VAL A 75 -2.32 -9.88 6.86
CA VAL A 75 -0.95 -9.80 7.38
C VAL A 75 -0.94 -9.02 8.72
N THR A 76 -1.00 -9.77 9.83
CA THR A 76 -1.18 -9.24 11.20
C THR A 76 0.10 -9.41 12.05
N GLY A 77 0.25 -8.54 13.08
CA GLY A 77 1.38 -8.63 14.02
C GLY A 77 2.69 -8.08 13.45
N VAL A 78 2.62 -7.56 12.22
CA VAL A 78 3.80 -7.05 11.48
C VAL A 78 4.00 -5.53 11.70
N ASP A 79 3.34 -4.99 12.73
CA ASP A 79 3.40 -3.55 13.09
C ASP A 79 4.86 -3.09 13.28
N ASP A 80 5.59 -3.82 14.12
CA ASP A 80 7.02 -3.61 14.38
C ASP A 80 7.83 -3.69 13.06
N GLU A 81 7.50 -4.69 12.23
CA GLU A 81 8.18 -4.91 10.93
C GLU A 81 8.03 -3.69 9.99
N LEU A 82 6.84 -3.06 10.03
CA LEU A 82 6.50 -1.87 9.21
C LEU A 82 7.35 -0.66 9.61
N ASP A 83 7.64 -0.57 10.92
CA ASP A 83 8.57 0.45 11.47
C ASP A 83 9.98 0.30 10.82
N LEU A 84 10.43 -0.95 10.69
CA LEU A 84 11.76 -1.26 10.08
C LEU A 84 11.78 -1.04 8.55
N LEU A 85 10.59 -1.03 7.90
CA LEU A 85 10.48 -0.80 6.44
C LEU A 85 10.66 0.70 6.11
N GLU A 86 11.59 0.98 5.19
CA GLU A 86 11.95 2.35 4.79
C GLU A 86 11.32 2.73 3.44
N THR A 87 11.06 1.71 2.59
CA THR A 87 10.49 1.91 1.23
C THR A 87 9.30 0.96 0.98
N VAL A 88 8.53 1.29 -0.07
CA VAL A 88 7.32 0.57 -0.45
C VAL A 88 7.65 -0.83 -1.01
N ASP A 89 8.78 -0.94 -1.74
CA ASP A 89 9.24 -2.23 -2.31
C ASP A 89 9.69 -3.20 -1.21
N GLU A 90 10.18 -2.66 -0.08
CA GLU A 90 10.48 -3.46 1.13
C GLU A 90 9.17 -4.02 1.73
N LEU A 91 8.11 -3.19 1.72
CA LEU A 91 6.76 -3.63 2.16
C LEU A 91 6.22 -4.76 1.25
N PHE A 92 6.42 -4.60 -0.06
CA PHE A 92 6.01 -5.60 -1.07
C PHE A 92 6.66 -6.96 -0.81
N GLN A 93 8.00 -7.00 -0.78
CA GLN A 93 8.77 -8.25 -0.62
C GLN A 93 8.50 -8.89 0.75
N LEU A 94 8.10 -8.07 1.75
CA LEU A 94 7.72 -8.57 3.08
C LEU A 94 6.40 -9.34 3.01
N VAL A 95 5.37 -8.71 2.38
CA VAL A 95 4.03 -9.33 2.23
C VAL A 95 4.12 -10.67 1.48
N GLU A 96 4.91 -10.68 0.38
CA GLU A 96 5.08 -11.85 -0.50
C GLU A 96 5.84 -13.01 0.21
N LYS A 97 6.96 -12.65 0.89
CA LYS A 97 7.81 -13.61 1.62
C LYS A 97 7.03 -14.27 2.77
N HIS A 98 6.50 -13.42 3.65
CA HIS A 98 5.78 -13.83 4.87
C HIS A 98 4.46 -14.58 4.55
N ARG A 99 3.92 -14.34 3.34
CA ARG A 99 2.72 -15.04 2.83
C ARG A 99 3.03 -16.53 2.58
N ALA A 100 4.05 -16.78 1.72
CA ALA A 100 4.40 -18.13 1.24
C ALA A 100 5.41 -18.81 2.20
N ALA A 101 6.60 -18.20 2.30
CA ALA A 101 7.68 -18.69 3.17
C ALA A 101 7.42 -18.28 4.63
N GLY A 102 6.62 -19.11 5.33
CA GLY A 102 6.22 -18.87 6.73
C GLY A 102 7.20 -19.47 7.74
N SER A 103 8.52 -19.42 7.41
CA SER A 103 9.59 -19.96 8.25
C SER A 103 10.95 -19.33 7.83
N MET A 1 40.17 31.65 -3.64
CA MET A 1 40.14 30.76 -4.83
C MET A 1 39.35 29.48 -4.52
N GLY A 2 38.93 28.76 -5.59
CA GLY A 2 38.24 27.47 -5.46
C GLY A 2 36.72 27.57 -5.52
N SER A 3 36.20 28.75 -5.92
CA SER A 3 34.75 28.99 -6.07
C SER A 3 34.24 28.46 -7.43
N SER A 4 34.13 27.12 -7.52
CA SER A 4 33.65 26.41 -8.71
C SER A 4 32.11 26.31 -8.66
N HIS A 5 31.44 26.91 -9.65
CA HIS A 5 29.97 26.90 -9.77
C HIS A 5 29.59 26.63 -11.23
N ASP A 6 29.36 25.34 -11.55
CA ASP A 6 28.98 24.88 -12.90
C ASP A 6 27.46 24.69 -12.96
N HIS A 7 26.76 25.70 -13.51
CA HIS A 7 25.30 25.71 -13.62
C HIS A 7 24.87 24.85 -14.83
N HIS A 8 24.10 23.79 -14.57
CA HIS A 8 23.54 22.92 -15.63
C HIS A 8 22.26 22.22 -15.11
N HIS A 9 21.11 22.54 -15.72
CA HIS A 9 19.81 21.90 -15.42
C HIS A 9 19.02 21.76 -16.74
N HIS A 10 18.67 20.52 -17.09
CA HIS A 10 17.94 20.19 -18.34
C HIS A 10 17.08 18.93 -18.07
N SER A 11 15.88 19.14 -17.51
CA SER A 11 14.94 18.05 -17.18
C SER A 11 13.71 18.12 -18.10
N SER A 12 13.33 16.95 -18.66
CA SER A 12 12.16 16.80 -19.55
C SER A 12 11.76 15.32 -19.62
N GLY A 13 12.68 14.48 -20.13
CA GLY A 13 12.49 13.04 -20.23
C GLY A 13 11.67 12.63 -21.45
N ARG A 14 12.11 11.56 -22.13
CA ARG A 14 11.42 10.99 -23.30
C ARG A 14 10.31 10.03 -22.83
N GLU A 15 10.67 9.13 -21.90
CA GLU A 15 9.75 8.12 -21.35
C GLU A 15 9.06 8.67 -20.07
N ASN A 16 7.99 9.44 -20.30
CA ASN A 16 7.20 10.08 -19.23
C ASN A 16 6.16 9.09 -18.67
N LEU A 17 5.83 9.25 -17.37
CA LEU A 17 4.75 8.52 -16.67
C LEU A 17 5.01 6.99 -16.59
N TYR A 18 4.06 6.25 -16.01
CA TYR A 18 4.14 4.78 -15.87
C TYR A 18 2.71 4.18 -15.95
N PHE A 19 2.40 3.53 -17.09
CA PHE A 19 1.10 2.86 -17.31
C PHE A 19 1.28 1.35 -17.25
N GLN A 20 0.98 0.76 -16.07
CA GLN A 20 1.21 -0.67 -15.79
C GLN A 20 -0.13 -1.36 -15.45
N GLY A 21 -0.85 -1.76 -16.50
CA GLY A 21 -2.17 -2.41 -16.36
C GLY A 21 -2.04 -3.92 -16.17
N HIS A 22 -1.15 -4.55 -16.96
CA HIS A 22 -0.86 -5.99 -16.87
C HIS A 22 0.00 -6.27 -15.62
N MET A 23 -0.65 -6.70 -14.54
CA MET A 23 0.01 -6.98 -13.24
C MET A 23 -0.76 -8.12 -12.52
N PRO A 24 -0.33 -9.42 -12.74
CA PRO A 24 -1.05 -10.61 -12.19
C PRO A 24 -0.73 -10.90 -10.71
N ASN A 25 -0.03 -9.97 -10.04
CA ASN A 25 0.39 -10.12 -8.64
C ASN A 25 -0.81 -9.98 -7.68
N ASP A 26 -1.64 -8.93 -7.92
CA ASP A 26 -2.75 -8.53 -7.03
C ASP A 26 -2.24 -8.36 -5.58
N MET A 27 -1.46 -7.27 -5.35
CA MET A 27 -0.76 -7.02 -4.08
C MET A 27 -0.16 -5.60 -4.08
N GLU A 28 0.67 -5.28 -5.11
CA GLU A 28 1.40 -3.99 -5.21
C GLU A 28 0.41 -2.79 -5.24
N ASP A 29 -0.67 -2.98 -5.99
CA ASP A 29 -1.73 -1.99 -6.20
C ASP A 29 -2.62 -1.86 -4.95
N HIS A 30 -2.73 -2.98 -4.20
CA HIS A 30 -3.55 -3.04 -2.98
C HIS A 30 -2.90 -2.22 -1.86
N LEU A 31 -1.60 -2.45 -1.67
CA LEU A 31 -0.76 -1.71 -0.69
C LEU A 31 -0.69 -0.22 -1.08
N LEU A 32 -0.67 0.04 -2.39
CA LEU A 32 -0.67 1.40 -2.96
C LEU A 32 -1.94 2.17 -2.55
N THR A 33 -3.09 1.46 -2.55
CA THR A 33 -4.39 1.99 -2.10
C THR A 33 -4.40 2.21 -0.56
N VAL A 34 -3.79 1.26 0.18
CA VAL A 34 -3.69 1.32 1.66
C VAL A 34 -2.93 2.59 2.10
N LEU A 35 -1.77 2.83 1.45
CA LEU A 35 -0.92 4.00 1.73
C LEU A 35 -1.60 5.31 1.30
N SER A 36 -2.43 5.23 0.25
CA SER A 36 -3.21 6.38 -0.26
C SER A 36 -4.20 6.89 0.81
N VAL A 37 -4.87 5.96 1.50
CA VAL A 37 -5.90 6.27 2.51
C VAL A 37 -5.23 6.67 3.86
N ALA A 38 -4.23 5.88 4.28
CA ALA A 38 -3.55 6.03 5.59
C ALA A 38 -2.69 7.31 5.65
N SER A 39 -1.95 7.58 4.57
CA SER A 39 -1.02 8.74 4.50
C SER A 39 -1.70 9.99 3.91
N GLY A 40 -2.88 9.79 3.27
CA GLY A 40 -3.69 10.90 2.76
C GLY A 40 -3.18 11.51 1.44
N VAL A 41 -2.38 10.73 0.70
CA VAL A 41 -1.81 11.14 -0.60
C VAL A 41 -2.48 10.34 -1.75
N PRO A 42 -2.54 10.89 -3.00
CA PRO A 42 -2.88 10.09 -4.22
C PRO A 42 -1.92 8.90 -4.42
N LYS A 43 -2.43 7.83 -5.06
CA LYS A 43 -1.66 6.61 -5.40
C LYS A 43 -0.51 6.93 -6.38
N GLU A 44 -0.71 8.00 -7.18
CA GLU A 44 0.22 8.43 -8.23
C GLU A 44 1.47 9.12 -7.65
N GLU A 45 1.37 9.60 -6.39
CA GLU A 45 2.50 10.22 -5.67
C GLU A 45 3.52 9.14 -5.31
N ILE A 46 2.99 7.97 -4.96
CA ILE A 46 3.78 6.80 -4.56
C ILE A 46 4.09 5.96 -5.81
N SER A 47 5.21 6.27 -6.46
CA SER A 47 5.65 5.61 -7.71
C SER A 47 6.62 4.45 -7.39
N ARG A 48 6.48 3.87 -6.17
CA ARG A 48 7.40 2.92 -5.54
C ARG A 48 8.66 3.64 -5.05
N ASP A 49 9.26 4.47 -5.92
CA ASP A 49 10.27 5.49 -5.52
C ASP A 49 9.63 6.52 -4.56
N SER A 50 9.56 6.14 -3.28
CA SER A 50 8.94 6.92 -2.20
C SER A 50 9.46 6.43 -0.84
N ARG A 51 9.46 7.34 0.15
CA ARG A 51 9.98 7.08 1.51
C ARG A 51 8.83 6.81 2.48
N MET A 52 8.98 5.77 3.33
CA MET A 52 7.95 5.38 4.33
C MET A 52 8.00 6.25 5.58
N GLU A 53 8.84 7.32 5.57
CA GLU A 53 8.99 8.24 6.70
C GLU A 53 7.68 8.97 7.02
N ASP A 54 6.87 9.19 5.97
CA ASP A 54 5.46 9.63 6.10
C ASP A 54 4.53 8.42 5.97
N LEU A 55 4.85 7.55 4.99
CA LEU A 55 3.91 6.52 4.46
C LEU A 55 3.73 5.29 5.39
N ALA A 56 4.59 5.14 6.44
CA ALA A 56 4.53 3.96 7.37
C ALA A 56 5.41 4.12 8.62
N PHE A 57 5.91 5.34 8.90
CA PHE A 57 6.78 5.58 10.10
C PHE A 57 6.04 6.40 11.19
N ASP A 58 4.98 7.11 10.80
CA ASP A 58 4.13 7.83 11.76
C ASP A 58 3.32 6.81 12.57
N SER A 59 3.24 7.01 13.91
CA SER A 59 2.63 6.03 14.85
C SER A 59 1.19 5.62 14.47
N LEU A 60 0.42 6.59 13.93
CA LEU A 60 -0.97 6.35 13.51
C LEU A 60 -0.98 5.46 12.26
N VAL A 61 -0.05 5.74 11.33
CA VAL A 61 0.07 5.00 10.05
C VAL A 61 0.61 3.57 10.29
N VAL A 62 1.52 3.41 11.26
CA VAL A 62 2.08 2.08 11.62
C VAL A 62 0.96 1.18 12.18
N SER A 63 0.15 1.78 13.07
CA SER A 63 -0.97 1.09 13.73
C SER A 63 -2.09 0.77 12.71
N GLU A 64 -2.33 1.71 11.78
CA GLU A 64 -3.38 1.58 10.74
C GLU A 64 -2.97 0.55 9.67
N LEU A 65 -1.66 0.52 9.36
CA LEU A 65 -1.07 -0.39 8.36
C LEU A 65 -1.04 -1.82 8.92
N SER A 66 -0.68 -1.94 10.21
CA SER A 66 -0.72 -3.21 10.96
C SER A 66 -2.15 -3.76 10.99
N LEU A 67 -3.12 -2.84 11.24
CA LEU A 67 -4.56 -3.14 11.28
C LEU A 67 -5.06 -3.56 9.88
N LYS A 68 -4.55 -2.88 8.83
CA LYS A 68 -5.04 -3.04 7.47
C LYS A 68 -4.60 -4.39 6.89
N LEU A 69 -3.28 -4.62 6.90
CA LEU A 69 -2.66 -5.87 6.38
C LEU A 69 -3.22 -7.11 7.12
N ARG A 70 -3.51 -6.92 8.42
CA ARG A 70 -4.13 -7.94 9.30
C ARG A 70 -5.51 -8.40 8.78
N LYS A 71 -6.27 -7.48 8.17
CA LYS A 71 -7.62 -7.76 7.65
C LYS A 71 -7.55 -8.14 6.15
N GLU A 72 -6.99 -7.22 5.32
CA GLU A 72 -6.91 -7.35 3.85
C GLU A 72 -6.22 -8.66 3.42
N PHE A 73 -5.10 -9.00 4.09
CA PHE A 73 -4.23 -10.14 3.72
C PHE A 73 -4.15 -11.20 4.85
N GLY A 74 -4.33 -10.76 6.10
CA GLY A 74 -4.07 -11.63 7.27
C GLY A 74 -2.65 -11.48 7.80
N VAL A 75 -1.90 -10.50 7.23
CA VAL A 75 -0.52 -10.18 7.62
C VAL A 75 -0.52 -9.40 8.96
N THR A 76 -0.45 -10.15 10.07
CA THR A 76 -0.57 -9.62 11.45
C THR A 76 0.76 -9.82 12.22
N GLY A 77 0.89 -9.08 13.34
CA GLY A 77 2.08 -9.14 14.21
C GLY A 77 3.36 -8.67 13.51
N VAL A 78 3.20 -7.86 12.45
CA VAL A 78 4.32 -7.35 11.63
C VAL A 78 4.72 -5.93 12.04
N ASP A 79 4.22 -5.48 13.21
CA ASP A 79 4.44 -4.13 13.78
C ASP A 79 5.94 -3.74 13.79
N ASP A 80 6.78 -4.64 14.32
CA ASP A 80 8.25 -4.50 14.34
C ASP A 80 8.81 -4.33 12.92
N GLU A 81 8.38 -5.25 12.03
CA GLU A 81 8.83 -5.32 10.63
C GLU A 81 8.43 -4.05 9.83
N LEU A 82 7.30 -3.42 10.21
CA LEU A 82 6.80 -2.19 9.55
C LEU A 82 7.72 -1.00 9.90
N ASP A 83 8.23 -1.00 11.15
CA ASP A 83 9.21 0.00 11.61
C ASP A 83 10.61 -0.28 11.02
N LEU A 84 10.87 -1.55 10.63
CA LEU A 84 12.15 -1.95 9.97
C LEU A 84 12.16 -1.58 8.48
N LEU A 85 10.99 -1.22 7.92
CA LEU A 85 10.88 -0.76 6.52
C LEU A 85 11.50 0.63 6.35
N GLU A 86 11.87 0.98 5.11
CA GLU A 86 12.41 2.30 4.77
C GLU A 86 11.77 2.81 3.47
N THR A 87 11.64 1.91 2.48
CA THR A 87 11.06 2.22 1.16
C THR A 87 9.76 1.43 0.93
N VAL A 88 8.95 1.95 -0.01
CA VAL A 88 7.68 1.33 -0.44
C VAL A 88 7.92 -0.08 -1.00
N ASP A 89 9.05 -0.24 -1.70
CA ASP A 89 9.50 -1.52 -2.26
C ASP A 89 9.69 -2.58 -1.15
N GLU A 90 10.15 -2.14 0.04
CA GLU A 90 10.33 -3.02 1.23
C GLU A 90 8.97 -3.45 1.82
N LEU A 91 7.98 -2.55 1.82
CA LEU A 91 6.59 -2.90 2.23
C LEU A 91 6.01 -3.98 1.30
N PHE A 92 6.26 -3.79 0.01
CA PHE A 92 5.81 -4.69 -1.06
C PHE A 92 6.45 -6.07 -0.89
N GLN A 93 7.74 -6.09 -0.48
CA GLN A 93 8.46 -7.35 -0.18
C GLN A 93 7.84 -8.07 1.02
N LEU A 94 7.61 -7.31 2.10
CA LEU A 94 7.08 -7.82 3.39
C LEU A 94 5.78 -8.60 3.15
N VAL A 95 4.77 -7.91 2.61
CA VAL A 95 3.42 -8.44 2.45
C VAL A 95 3.38 -9.57 1.40
N GLU A 96 4.27 -9.47 0.37
CA GLU A 96 4.44 -10.53 -0.66
C GLU A 96 4.89 -11.86 -0.02
N LYS A 97 5.88 -11.77 0.89
CA LYS A 97 6.47 -12.93 1.57
C LYS A 97 5.46 -13.58 2.52
N HIS A 98 4.77 -12.75 3.33
CA HIS A 98 3.74 -13.23 4.28
C HIS A 98 2.48 -13.74 3.56
N ARG A 99 2.24 -13.25 2.32
CA ARG A 99 1.17 -13.72 1.43
C ARG A 99 1.48 -15.17 0.97
N ALA A 100 2.75 -15.41 0.61
CA ALA A 100 3.24 -16.73 0.17
C ALA A 100 3.74 -17.59 1.34
N ALA A 101 3.67 -17.01 2.58
CA ALA A 101 4.11 -17.64 3.84
C ALA A 101 5.64 -17.88 3.86
N GLY A 102 6.39 -16.78 4.05
CA GLY A 102 7.86 -16.79 4.12
C GLY A 102 8.57 -17.24 2.84
N SER A 103 7.85 -17.23 1.71
CA SER A 103 8.37 -17.75 0.42
C SER A 103 8.70 -16.56 -0.51
N MET A 1 -47.75 37.31 -49.07
CA MET A 1 -47.62 38.62 -48.38
C MET A 1 -48.28 38.55 -47.00
N GLY A 2 -47.48 38.84 -45.95
CA GLY A 2 -47.96 38.81 -44.56
C GLY A 2 -46.91 39.35 -43.59
N SER A 3 -47.33 39.64 -42.36
CA SER A 3 -46.46 40.20 -41.31
C SER A 3 -45.94 39.07 -40.39
N SER A 4 -44.61 38.86 -40.38
CA SER A 4 -43.95 37.81 -39.57
C SER A 4 -43.23 38.46 -38.37
N HIS A 5 -42.71 37.61 -37.46
CA HIS A 5 -42.02 38.03 -36.24
C HIS A 5 -41.04 36.94 -35.77
N ASP A 6 -40.07 37.32 -34.93
CA ASP A 6 -39.14 36.39 -34.27
C ASP A 6 -39.45 36.34 -32.76
N HIS A 7 -38.58 35.64 -32.00
CA HIS A 7 -38.65 35.54 -30.54
C HIS A 7 -37.32 34.98 -29.98
N HIS A 8 -36.34 35.88 -29.80
CA HIS A 8 -34.99 35.54 -29.28
C HIS A 8 -35.08 35.00 -27.83
N HIS A 9 -34.48 33.81 -27.59
CA HIS A 9 -34.41 33.20 -26.25
C HIS A 9 -33.04 32.50 -26.07
N HIS A 10 -32.32 32.90 -24.99
CA HIS A 10 -31.07 32.24 -24.55
C HIS A 10 -31.36 31.36 -23.32
N SER A 11 -30.52 30.33 -23.12
CA SER A 11 -30.68 29.35 -22.02
C SER A 11 -29.30 28.71 -21.69
N SER A 12 -28.25 29.53 -21.81
CA SER A 12 -26.84 29.11 -21.62
C SER A 12 -26.49 28.94 -20.13
N GLY A 13 -25.22 28.56 -19.85
CA GLY A 13 -24.74 28.32 -18.49
C GLY A 13 -25.00 26.89 -18.02
N ARG A 14 -25.30 26.00 -18.98
CA ARG A 14 -25.61 24.58 -18.73
C ARG A 14 -24.31 23.78 -18.55
N GLU A 15 -24.21 23.07 -17.42
CA GLU A 15 -23.03 22.25 -17.07
C GLU A 15 -23.48 20.99 -16.30
N ASN A 16 -22.77 19.87 -16.55
CA ASN A 16 -23.01 18.59 -15.87
C ASN A 16 -21.72 17.75 -15.90
N LEU A 17 -20.88 17.94 -14.88
CA LEU A 17 -19.62 17.17 -14.70
C LEU A 17 -19.91 15.81 -14.04
N TYR A 18 -18.88 14.95 -14.06
CA TYR A 18 -18.98 13.53 -13.63
C TYR A 18 -17.63 13.06 -13.06
N PHE A 19 -17.65 11.91 -12.37
CA PHE A 19 -16.42 11.24 -11.87
C PHE A 19 -16.68 9.72 -11.67
N GLN A 20 -17.79 9.21 -12.23
CA GLN A 20 -18.20 7.80 -12.07
C GLN A 20 -17.38 6.91 -13.02
N GLY A 21 -16.19 6.49 -12.54
CA GLY A 21 -15.30 5.63 -13.32
C GLY A 21 -14.01 5.36 -12.58
N HIS A 22 -14.04 4.37 -11.66
CA HIS A 22 -12.86 3.97 -10.86
C HIS A 22 -13.07 2.54 -10.31
N MET A 23 -12.03 1.69 -10.44
CA MET A 23 -12.03 0.30 -9.95
C MET A 23 -10.61 -0.05 -9.43
N PRO A 24 -10.31 0.24 -8.13
CA PRO A 24 -9.03 -0.18 -7.50
C PRO A 24 -9.07 -1.68 -7.12
N ASN A 25 -8.71 -2.55 -8.07
CA ASN A 25 -8.79 -4.02 -7.90
C ASN A 25 -7.52 -4.70 -8.45
N ASP A 26 -6.51 -4.83 -7.57
CA ASP A 26 -5.23 -5.52 -7.86
C ASP A 26 -4.44 -5.64 -6.54
N MET A 27 -3.51 -6.61 -6.48
CA MET A 27 -2.63 -6.87 -5.33
C MET A 27 -1.80 -5.61 -4.98
N GLU A 28 -0.95 -5.19 -5.93
CA GLU A 28 -0.01 -4.06 -5.78
C GLU A 28 -0.75 -2.73 -5.61
N ASP A 29 -1.91 -2.65 -6.28
CA ASP A 29 -2.88 -1.54 -6.14
C ASP A 29 -3.26 -1.32 -4.67
N HIS A 30 -3.59 -2.44 -3.98
CA HIS A 30 -4.08 -2.41 -2.60
C HIS A 30 -2.97 -2.07 -1.60
N LEU A 31 -1.69 -2.39 -1.91
CA LEU A 31 -0.53 -1.87 -1.10
C LEU A 31 -0.53 -0.33 -1.14
N LEU A 32 -0.73 0.21 -2.36
CA LEU A 32 -0.80 1.66 -2.61
C LEU A 32 -2.06 2.30 -1.95
N THR A 33 -3.17 1.54 -1.95
CA THR A 33 -4.46 2.00 -1.39
C THR A 33 -4.37 2.13 0.15
N VAL A 34 -3.72 1.13 0.79
CA VAL A 34 -3.51 1.14 2.25
C VAL A 34 -2.67 2.36 2.68
N LEU A 35 -1.54 2.58 1.98
CA LEU A 35 -0.59 3.66 2.29
C LEU A 35 -1.19 5.05 2.01
N SER A 36 -1.97 5.18 0.92
CA SER A 36 -2.52 6.49 0.48
C SER A 36 -3.53 7.05 1.49
N VAL A 37 -4.40 6.16 1.95
CA VAL A 37 -5.44 6.49 2.93
C VAL A 37 -4.79 6.71 4.32
N ALA A 38 -3.67 6.02 4.59
CA ALA A 38 -2.92 6.14 5.86
C ALA A 38 -2.11 7.46 5.94
N SER A 39 -1.54 7.89 4.79
CA SER A 39 -0.63 9.06 4.74
C SER A 39 -1.39 10.34 4.37
N GLY A 40 -2.00 10.34 3.18
CA GLY A 40 -2.73 11.50 2.66
C GLY A 40 -2.51 11.69 1.17
N VAL A 41 -1.31 11.30 0.68
CA VAL A 41 -0.97 11.39 -0.75
C VAL A 41 -1.76 10.33 -1.55
N PRO A 42 -2.26 10.65 -2.80
CA PRO A 42 -2.95 9.65 -3.65
C PRO A 42 -2.06 8.44 -4.00
N LYS A 43 -2.71 7.29 -4.23
CA LYS A 43 -2.05 6.02 -4.59
C LYS A 43 -1.25 6.11 -5.91
N GLU A 44 -1.58 7.13 -6.73
CA GLU A 44 -0.85 7.47 -7.97
C GLU A 44 0.57 7.97 -7.66
N GLU A 45 0.71 8.72 -6.54
CA GLU A 45 2.01 9.26 -6.08
C GLU A 45 2.89 8.19 -5.43
N ILE A 46 2.31 7.02 -5.16
CA ILE A 46 3.00 5.92 -4.47
C ILE A 46 3.52 4.88 -5.49
N SER A 47 4.83 4.66 -5.43
CA SER A 47 5.54 3.62 -6.18
C SER A 47 6.53 2.95 -5.23
N ARG A 48 7.26 1.95 -5.73
CA ARG A 48 8.31 1.23 -4.97
C ARG A 48 9.34 2.20 -4.30
N ASP A 49 10.00 3.07 -5.08
CA ASP A 49 11.07 3.97 -4.54
C ASP A 49 10.53 5.36 -4.17
N SER A 50 9.19 5.48 -4.01
CA SER A 50 8.53 6.71 -3.52
C SER A 50 8.83 6.96 -2.02
N ARG A 51 9.39 5.91 -1.35
CA ARG A 51 9.84 5.95 0.05
C ARG A 51 8.65 6.03 1.04
N MET A 52 8.95 6.00 2.35
CA MET A 52 7.94 5.97 3.42
C MET A 52 8.19 7.06 4.47
N GLU A 53 8.80 8.16 4.03
CA GLU A 53 9.15 9.31 4.90
C GLU A 53 7.88 9.86 5.61
N ASP A 54 6.79 9.90 4.85
CA ASP A 54 5.44 10.28 5.34
C ASP A 54 4.46 9.09 5.19
N LEU A 55 4.77 8.19 4.24
CA LEU A 55 3.83 7.16 3.74
C LEU A 55 3.67 5.98 4.72
N ALA A 56 4.73 5.68 5.49
CA ALA A 56 4.70 4.63 6.54
C ALA A 56 5.93 4.76 7.45
N PHE A 57 5.78 5.57 8.52
CA PHE A 57 6.83 5.78 9.53
C PHE A 57 6.20 6.33 10.82
N ASP A 58 5.14 7.15 10.65
CA ASP A 58 4.37 7.74 11.76
C ASP A 58 3.67 6.65 12.61
N SER A 59 3.53 6.92 13.93
CA SER A 59 2.95 5.97 14.90
C SER A 59 1.52 5.51 14.49
N LEU A 60 0.69 6.49 14.07
CA LEU A 60 -0.70 6.22 13.65
C LEU A 60 -0.73 5.43 12.33
N VAL A 61 0.19 5.78 11.41
CA VAL A 61 0.27 5.13 10.09
C VAL A 61 0.66 3.64 10.23
N VAL A 62 1.73 3.36 11.01
CA VAL A 62 2.31 2.00 11.15
C VAL A 62 1.34 1.06 11.91
N SER A 63 0.65 1.60 12.94
CA SER A 63 -0.38 0.85 13.68
C SER A 63 -1.52 0.47 12.72
N GLU A 64 -2.09 1.49 12.06
CA GLU A 64 -3.20 1.32 11.09
C GLU A 64 -2.78 0.45 9.89
N LEU A 65 -1.47 0.47 9.56
CA LEU A 65 -0.88 -0.31 8.46
C LEU A 65 -1.03 -1.82 8.73
N SER A 66 -0.65 -2.26 9.95
CA SER A 66 -0.79 -3.67 10.38
C SER A 66 -2.28 -4.06 10.53
N LEU A 67 -3.11 -3.10 11.00
CA LEU A 67 -4.57 -3.29 11.19
C LEU A 67 -5.31 -3.45 9.84
N LYS A 68 -4.80 -2.75 8.81
CA LYS A 68 -5.43 -2.70 7.48
C LYS A 68 -4.99 -3.90 6.65
N LEU A 69 -3.67 -4.22 6.68
CA LEU A 69 -3.09 -5.43 6.04
C LEU A 69 -3.71 -6.72 6.64
N ARG A 70 -4.14 -6.63 7.91
CA ARG A 70 -4.87 -7.70 8.63
C ARG A 70 -6.17 -8.07 7.88
N LYS A 71 -6.87 -7.06 7.35
CA LYS A 71 -8.12 -7.25 6.58
C LYS A 71 -7.82 -7.54 5.10
N GLU A 72 -6.91 -6.76 4.53
CA GLU A 72 -6.63 -6.75 3.09
C GLU A 72 -5.95 -8.06 2.62
N PHE A 73 -4.85 -8.45 3.30
CA PHE A 73 -4.01 -9.61 2.91
C PHE A 73 -3.89 -10.65 4.03
N GLY A 74 -4.45 -10.34 5.23
CA GLY A 74 -4.34 -11.22 6.41
C GLY A 74 -2.98 -11.12 7.11
N VAL A 75 -2.19 -10.10 6.74
CA VAL A 75 -0.83 -9.88 7.28
C VAL A 75 -0.91 -9.06 8.60
N THR A 76 -0.67 -9.74 9.73
CA THR A 76 -0.88 -9.20 11.10
C THR A 76 0.32 -9.60 11.99
N GLY A 77 0.53 -8.81 13.07
CA GLY A 77 1.67 -9.01 13.97
C GLY A 77 3.00 -8.76 13.29
N VAL A 78 2.98 -7.77 12.38
CA VAL A 78 4.14 -7.37 11.56
C VAL A 78 4.52 -5.90 11.83
N ASP A 79 3.83 -5.27 12.80
CA ASP A 79 3.95 -3.82 13.12
C ASP A 79 5.40 -3.40 13.44
N ASP A 80 6.14 -4.28 14.14
CA ASP A 80 7.57 -4.07 14.43
C ASP A 80 8.39 -3.95 13.14
N GLU A 81 8.19 -4.91 12.23
CA GLU A 81 8.91 -4.97 10.94
C GLU A 81 8.46 -3.81 10.00
N LEU A 82 7.23 -3.28 10.24
CA LEU A 82 6.69 -2.11 9.51
C LEU A 82 7.39 -0.81 9.96
N ASP A 83 7.81 -0.76 11.24
CA ASP A 83 8.65 0.34 11.77
C ASP A 83 10.03 0.31 11.11
N LEU A 84 10.53 -0.93 10.88
CA LEU A 84 11.84 -1.16 10.22
C LEU A 84 11.77 -1.00 8.68
N LEU A 85 10.57 -0.67 8.14
CA LEU A 85 10.41 -0.28 6.73
C LEU A 85 10.76 1.20 6.56
N GLU A 86 11.37 1.54 5.41
CA GLU A 86 11.68 2.92 5.01
C GLU A 86 11.30 3.16 3.55
N THR A 87 10.93 2.06 2.84
CA THR A 87 10.66 2.11 1.40
C THR A 87 9.42 1.23 1.10
N VAL A 88 8.65 1.66 0.09
CA VAL A 88 7.43 0.95 -0.35
C VAL A 88 7.82 -0.35 -1.07
N ASP A 89 8.98 -0.31 -1.75
CA ASP A 89 9.60 -1.50 -2.38
C ASP A 89 9.82 -2.60 -1.33
N GLU A 90 10.26 -2.16 -0.13
CA GLU A 90 10.55 -3.05 1.00
C GLU A 90 9.23 -3.61 1.61
N LEU A 91 8.13 -2.83 1.51
CA LEU A 91 6.77 -3.29 1.92
C LEU A 91 6.29 -4.45 1.04
N PHE A 92 6.48 -4.32 -0.28
CA PHE A 92 6.13 -5.37 -1.25
C PHE A 92 6.90 -6.67 -0.91
N GLN A 93 8.21 -6.51 -0.64
CA GLN A 93 9.08 -7.64 -0.26
C GLN A 93 8.61 -8.31 1.06
N LEU A 94 8.15 -7.47 2.01
CA LEU A 94 7.62 -7.90 3.32
C LEU A 94 6.37 -8.77 3.13
N VAL A 95 5.34 -8.16 2.53
CA VAL A 95 4.01 -8.75 2.39
C VAL A 95 4.06 -10.05 1.58
N GLU A 96 4.80 -10.06 0.45
CA GLU A 96 4.91 -11.24 -0.44
C GLU A 96 5.63 -12.43 0.24
N LYS A 97 6.65 -12.15 1.07
CA LYS A 97 7.34 -13.21 1.86
C LYS A 97 6.41 -13.82 2.94
N HIS A 98 5.58 -12.97 3.56
CA HIS A 98 4.61 -13.41 4.59
C HIS A 98 3.29 -13.94 3.96
N ARG A 99 3.03 -13.60 2.69
CA ARG A 99 1.81 -14.04 1.97
C ARG A 99 2.04 -15.47 1.45
N ALA A 100 3.20 -15.68 0.80
CA ALA A 100 3.60 -16.96 0.24
C ALA A 100 4.07 -17.91 1.36
N ALA A 101 4.91 -17.37 2.28
CA ALA A 101 5.53 -18.10 3.40
C ALA A 101 6.46 -19.22 2.89
N GLY A 102 6.89 -20.12 3.79
CA GLY A 102 7.77 -21.24 3.41
C GLY A 102 8.06 -22.13 4.60
N SER A 103 7.00 -22.63 5.25
CA SER A 103 7.10 -23.51 6.42
C SER A 103 7.25 -24.99 5.95
N MET A 1 13.97 55.38 -43.44
CA MET A 1 13.72 53.97 -43.04
C MET A 1 14.66 53.57 -41.89
N GLY A 2 14.15 52.73 -40.97
CA GLY A 2 14.95 52.23 -39.85
C GLY A 2 14.12 51.46 -38.82
N SER A 3 13.09 50.74 -39.29
CA SER A 3 12.23 49.90 -38.44
C SER A 3 12.98 48.61 -38.05
N SER A 4 13.10 48.36 -36.73
CA SER A 4 13.85 47.21 -36.21
C SER A 4 13.21 46.75 -34.88
N HIS A 5 12.60 45.55 -34.91
CA HIS A 5 11.95 44.93 -33.75
C HIS A 5 12.40 43.47 -33.63
N ASP A 6 12.62 43.02 -32.38
CA ASP A 6 13.08 41.65 -32.08
C ASP A 6 11.87 40.68 -31.99
N HIS A 7 12.17 39.41 -31.65
CA HIS A 7 11.15 38.38 -31.36
C HIS A 7 11.71 37.33 -30.38
N HIS A 8 10.92 36.99 -29.35
CA HIS A 8 11.30 35.97 -28.35
C HIS A 8 10.05 35.17 -27.91
N HIS A 9 10.10 33.85 -28.13
CA HIS A 9 9.02 32.92 -27.83
C HIS A 9 9.61 31.59 -27.37
N HIS A 10 8.90 30.90 -26.46
CA HIS A 10 9.31 29.59 -25.95
C HIS A 10 8.11 28.63 -25.96
N SER A 11 8.10 27.69 -26.91
CA SER A 11 7.09 26.62 -26.97
C SER A 11 7.48 25.51 -25.98
N SER A 12 7.21 25.79 -24.70
CA SER A 12 7.56 24.92 -23.56
C SER A 12 6.29 24.21 -23.04
N GLY A 13 6.39 22.90 -22.81
CA GLY A 13 5.25 22.09 -22.36
C GLY A 13 5.67 20.94 -21.45
N ARG A 14 4.66 20.36 -20.77
CA ARG A 14 4.83 19.16 -19.92
C ARG A 14 3.84 18.08 -20.39
N GLU A 15 4.01 16.85 -19.87
CA GLU A 15 3.11 15.72 -20.15
C GLU A 15 1.76 15.94 -19.43
N ASN A 16 0.66 15.85 -20.19
CA ASN A 16 -0.71 16.05 -19.65
C ASN A 16 -1.11 14.87 -18.75
N LEU A 17 -1.18 13.67 -19.35
CA LEU A 17 -1.59 12.43 -18.67
C LEU A 17 -0.35 11.53 -18.45
N TYR A 18 -0.49 10.60 -17.48
CA TYR A 18 0.55 9.61 -17.13
C TYR A 18 -0.13 8.24 -16.97
N PHE A 19 0.69 7.20 -16.74
CA PHE A 19 0.20 5.83 -16.40
C PHE A 19 0.54 5.53 -14.93
N GLN A 20 -0.48 5.31 -14.10
CA GLN A 20 -0.31 5.07 -12.66
C GLN A 20 0.09 3.59 -12.42
N GLY A 21 1.35 3.39 -11.96
CA GLY A 21 1.85 2.06 -11.58
C GLY A 21 2.35 1.22 -12.76
N HIS A 22 3.06 0.14 -12.42
CA HIS A 22 3.62 -0.82 -13.39
C HIS A 22 2.52 -1.78 -13.89
N MET A 23 2.04 -2.65 -13.00
CA MET A 23 0.95 -3.61 -13.26
C MET A 23 0.07 -3.72 -12.01
N PRO A 24 -1.14 -3.06 -12.00
CA PRO A 24 -2.07 -3.09 -10.86
C PRO A 24 -2.94 -4.40 -10.83
N ASN A 25 -2.24 -5.56 -10.80
CA ASN A 25 -2.88 -6.90 -10.73
C ASN A 25 -3.70 -7.02 -9.44
N ASP A 26 -2.99 -6.91 -8.30
CA ASP A 26 -3.60 -6.78 -6.97
C ASP A 26 -2.62 -6.09 -6.03
N MET A 27 -1.63 -6.86 -5.52
CA MET A 27 -0.78 -6.45 -4.37
C MET A 27 -0.08 -5.08 -4.57
N GLU A 28 0.32 -4.79 -5.82
CA GLU A 28 0.99 -3.53 -6.16
C GLU A 28 0.04 -2.34 -5.91
N ASP A 29 -1.13 -2.39 -6.56
CA ASP A 29 -2.16 -1.34 -6.44
C ASP A 29 -2.73 -1.28 -5.01
N HIS A 30 -2.86 -2.46 -4.40
CA HIS A 30 -3.59 -2.66 -3.13
C HIS A 30 -2.83 -2.02 -1.96
N LEU A 31 -1.53 -2.36 -1.83
CA LEU A 31 -0.67 -1.76 -0.80
C LEU A 31 -0.45 -0.27 -1.09
N LEU A 32 -0.40 0.09 -2.39
CA LEU A 32 -0.26 1.50 -2.82
C LEU A 32 -1.50 2.32 -2.40
N THR A 33 -2.68 1.65 -2.39
CA THR A 33 -3.97 2.27 -1.99
C THR A 33 -4.01 2.52 -0.48
N VAL A 34 -3.71 1.48 0.34
CA VAL A 34 -3.78 1.59 1.82
C VAL A 34 -2.78 2.65 2.35
N LEU A 35 -1.64 2.80 1.64
CA LEU A 35 -0.64 3.85 1.93
C LEU A 35 -1.13 5.24 1.50
N SER A 36 -1.90 5.29 0.39
CA SER A 36 -2.52 6.54 -0.12
C SER A 36 -3.54 7.10 0.87
N VAL A 37 -4.27 6.19 1.54
CA VAL A 37 -5.30 6.55 2.53
C VAL A 37 -4.64 6.80 3.91
N ALA A 38 -3.45 6.20 4.14
CA ALA A 38 -2.67 6.38 5.38
C ALA A 38 -1.98 7.76 5.42
N SER A 39 -1.40 8.15 4.28
CA SER A 39 -0.62 9.39 4.15
C SER A 39 -1.53 10.58 3.82
N GLY A 40 -2.36 10.39 2.78
CA GLY A 40 -3.24 11.44 2.28
C GLY A 40 -3.01 11.72 0.80
N VAL A 41 -1.75 11.58 0.35
CA VAL A 41 -1.37 11.78 -1.07
C VAL A 41 -1.88 10.62 -1.96
N PRO A 42 -2.58 10.92 -3.12
CA PRO A 42 -3.04 9.88 -4.09
C PRO A 42 -1.92 8.96 -4.61
N LYS A 43 -2.32 7.75 -5.09
CA LYS A 43 -1.40 6.74 -5.66
C LYS A 43 -0.56 7.27 -6.84
N GLU A 44 -1.12 8.28 -7.53
CA GLU A 44 -0.48 8.92 -8.70
C GLU A 44 0.77 9.71 -8.30
N GLU A 45 0.86 10.10 -7.02
CA GLU A 45 2.01 10.84 -6.47
C GLU A 45 2.91 9.94 -5.60
N ILE A 46 2.56 8.64 -5.52
CA ILE A 46 3.35 7.63 -4.77
C ILE A 46 3.97 6.63 -5.76
N SER A 47 5.31 6.53 -5.75
CA SER A 47 6.05 5.52 -6.51
C SER A 47 6.48 4.39 -5.54
N ARG A 48 6.94 3.24 -6.10
CA ARG A 48 7.41 2.10 -5.29
C ARG A 48 8.75 2.42 -4.62
N ASP A 49 9.46 3.43 -5.14
CA ASP A 49 10.66 3.99 -4.50
C ASP A 49 10.44 5.51 -4.30
N SER A 50 9.68 5.83 -3.25
CA SER A 50 9.50 7.20 -2.72
C SER A 50 9.87 7.22 -1.23
N ARG A 51 10.64 6.18 -0.82
CA ARG A 51 10.98 5.86 0.57
C ARG A 51 9.71 5.66 1.45
N MET A 52 9.89 5.57 2.77
CA MET A 52 8.80 5.39 3.72
C MET A 52 9.15 6.11 5.03
N GLU A 53 8.85 7.42 5.06
CA GLU A 53 8.97 8.29 6.24
C GLU A 53 7.62 8.95 6.58
N ASP A 54 6.61 8.72 5.72
CA ASP A 54 5.26 9.30 5.86
C ASP A 54 4.17 8.24 5.58
N LEU A 55 4.45 7.35 4.61
CA LEU A 55 3.48 6.33 4.17
C LEU A 55 3.19 5.27 5.25
N ALA A 56 4.23 4.89 6.03
CA ALA A 56 4.11 3.93 7.15
C ALA A 56 5.38 3.97 8.03
N PHE A 57 5.49 4.97 8.91
CA PHE A 57 6.69 5.17 9.74
C PHE A 57 6.34 5.77 11.12
N ASP A 58 5.12 6.31 11.23
CA ASP A 58 4.54 6.78 12.51
C ASP A 58 3.75 5.63 13.16
N SER A 59 3.68 5.62 14.51
CA SER A 59 3.04 4.56 15.29
C SER A 59 1.58 4.31 14.85
N LEU A 60 0.80 5.40 14.68
CA LEU A 60 -0.61 5.33 14.32
C LEU A 60 -0.78 4.83 12.86
N VAL A 61 0.15 5.25 11.98
CA VAL A 61 0.13 4.87 10.55
C VAL A 61 0.49 3.40 10.35
N VAL A 62 1.48 2.92 11.13
CA VAL A 62 1.97 1.53 11.07
C VAL A 62 0.92 0.57 11.65
N SER A 63 0.24 1.00 12.73
CA SER A 63 -0.86 0.24 13.34
C SER A 63 -2.04 0.11 12.37
N GLU A 64 -2.40 1.25 11.74
CA GLU A 64 -3.51 1.33 10.78
C GLU A 64 -3.23 0.44 9.55
N LEU A 65 -1.98 0.50 9.07
CA LEU A 65 -1.49 -0.38 7.99
C LEU A 65 -1.69 -1.85 8.39
N SER A 66 -1.24 -2.19 9.62
CA SER A 66 -1.32 -3.55 10.17
C SER A 66 -2.77 -4.02 10.40
N LEU A 67 -3.72 -3.06 10.53
CA LEU A 67 -5.16 -3.39 10.64
C LEU A 67 -5.69 -3.98 9.32
N LYS A 68 -5.42 -3.26 8.20
CA LYS A 68 -5.83 -3.71 6.84
C LYS A 68 -4.96 -4.89 6.35
N LEU A 69 -3.71 -4.98 6.85
CA LEU A 69 -2.83 -6.12 6.56
C LEU A 69 -3.39 -7.40 7.20
N ARG A 70 -3.79 -7.29 8.48
CA ARG A 70 -4.38 -8.40 9.26
C ARG A 70 -5.70 -8.85 8.64
N LYS A 71 -6.52 -7.87 8.23
CA LYS A 71 -7.87 -8.10 7.72
C LYS A 71 -7.85 -8.82 6.35
N GLU A 72 -6.99 -8.31 5.44
CA GLU A 72 -7.02 -8.72 4.02
C GLU A 72 -5.93 -9.75 3.70
N PHE A 73 -4.69 -9.47 4.12
CA PHE A 73 -3.51 -10.29 3.79
C PHE A 73 -3.14 -11.28 4.92
N GLY A 74 -3.76 -11.08 6.11
CA GLY A 74 -3.49 -11.89 7.30
C GLY A 74 -2.18 -11.53 8.00
N VAL A 75 -1.54 -10.43 7.59
CA VAL A 75 -0.21 -10.02 8.09
C VAL A 75 -0.36 -9.17 9.38
N THR A 76 0.02 -9.76 10.53
CA THR A 76 -0.02 -9.09 11.85
C THR A 76 1.09 -9.68 12.76
N GLY A 77 1.36 -9.01 13.89
CA GLY A 77 2.48 -9.37 14.78
C GLY A 77 3.84 -8.99 14.18
N VAL A 78 3.82 -7.99 13.28
CA VAL A 78 4.99 -7.57 12.47
C VAL A 78 5.25 -6.05 12.63
N ASP A 79 4.71 -5.45 13.70
CA ASP A 79 4.77 -3.99 13.98
C ASP A 79 6.21 -3.43 13.93
N ASP A 80 7.15 -4.20 14.48
CA ASP A 80 8.57 -3.81 14.58
C ASP A 80 9.24 -3.83 13.19
N GLU A 81 8.86 -4.83 12.41
CA GLU A 81 9.35 -5.04 11.03
C GLU A 81 8.78 -3.95 10.09
N LEU A 82 7.54 -3.49 10.38
CA LEU A 82 6.86 -2.40 9.64
C LEU A 82 7.48 -1.03 9.99
N ASP A 83 7.98 -0.92 11.23
CA ASP A 83 8.69 0.29 11.69
C ASP A 83 10.08 0.37 11.04
N LEU A 84 10.68 -0.81 10.79
CA LEU A 84 12.03 -0.93 10.18
C LEU A 84 11.98 -0.56 8.68
N LEU A 85 10.78 -0.56 8.07
CA LEU A 85 10.57 -0.16 6.66
C LEU A 85 11.06 1.26 6.39
N GLU A 86 11.82 1.42 5.30
CA GLU A 86 12.33 2.71 4.84
C GLU A 86 11.98 2.93 3.35
N THR A 87 11.41 1.90 2.67
CA THR A 87 10.94 2.02 1.26
C THR A 87 9.60 1.28 1.04
N VAL A 88 8.86 1.76 0.02
CA VAL A 88 7.54 1.23 -0.36
C VAL A 88 7.69 -0.19 -0.94
N ASP A 89 8.76 -0.35 -1.76
CA ASP A 89 9.06 -1.61 -2.45
C ASP A 89 9.42 -2.72 -1.44
N GLU A 90 10.00 -2.30 -0.29
CA GLU A 90 10.31 -3.21 0.82
C GLU A 90 9.01 -3.72 1.47
N LEU A 91 8.01 -2.82 1.64
CA LEU A 91 6.68 -3.20 2.17
C LEU A 91 5.98 -4.19 1.21
N PHE A 92 6.07 -3.93 -0.11
CA PHE A 92 5.49 -4.82 -1.14
C PHE A 92 6.01 -6.27 -0.96
N GLN A 93 7.33 -6.40 -0.82
CA GLN A 93 7.99 -7.70 -0.61
C GLN A 93 7.65 -8.29 0.78
N LEU A 94 7.56 -7.44 1.81
CA LEU A 94 7.25 -7.84 3.21
C LEU A 94 5.91 -8.59 3.27
N VAL A 95 4.87 -7.92 2.76
CA VAL A 95 3.50 -8.42 2.74
C VAL A 95 3.43 -9.71 1.91
N GLU A 96 4.11 -9.71 0.75
CA GLU A 96 4.18 -10.86 -0.18
C GLU A 96 4.72 -12.11 0.55
N LYS A 97 5.76 -11.93 1.38
CA LYS A 97 6.40 -13.04 2.12
C LYS A 97 5.44 -13.64 3.16
N HIS A 98 4.80 -12.76 3.96
CA HIS A 98 3.86 -13.19 5.03
C HIS A 98 2.50 -13.67 4.45
N ARG A 99 2.22 -13.29 3.20
CA ARG A 99 0.97 -13.67 2.50
C ARG A 99 1.11 -15.08 1.90
N ALA A 100 2.16 -15.27 1.08
CA ALA A 100 2.42 -16.53 0.35
C ALA A 100 2.91 -17.64 1.30
N ALA A 101 3.54 -17.24 2.42
CA ALA A 101 3.88 -18.17 3.51
C ALA A 101 2.94 -17.92 4.70
N GLY A 102 1.83 -18.68 4.72
CA GLY A 102 0.83 -18.58 5.79
C GLY A 102 1.32 -19.20 7.10
N SER A 103 2.24 -18.49 7.78
CA SER A 103 2.93 -18.98 8.98
C SER A 103 3.47 -17.75 9.76
N MET A 1 11.39 -12.10 28.99
CA MET A 1 12.69 -12.79 28.86
C MET A 1 13.09 -12.89 27.37
N GLY A 2 12.48 -13.84 26.63
CA GLY A 2 12.75 -14.04 25.20
C GLY A 2 12.02 -13.02 24.34
N SER A 3 12.57 -11.80 24.26
CA SER A 3 11.92 -10.64 23.62
C SER A 3 12.91 -9.90 22.68
N SER A 4 13.93 -10.63 22.21
CA SER A 4 14.98 -10.06 21.34
C SER A 4 14.58 -10.16 19.86
N HIS A 5 14.19 -9.01 19.27
CA HIS A 5 13.99 -8.88 17.82
C HIS A 5 15.36 -8.72 17.14
N ASP A 6 15.68 -9.61 16.19
CA ASP A 6 16.88 -9.49 15.34
C ASP A 6 16.45 -8.90 13.98
N HIS A 7 17.38 -8.15 13.36
CA HIS A 7 17.17 -7.52 12.04
C HIS A 7 18.01 -8.23 10.97
N HIS A 8 17.73 -9.53 10.77
CA HIS A 8 18.41 -10.34 9.74
C HIS A 8 17.99 -9.86 8.35
N HIS A 9 18.83 -8.99 7.76
CA HIS A 9 18.58 -8.35 6.46
C HIS A 9 19.39 -9.05 5.34
N HIS A 10 18.68 -9.48 4.30
CA HIS A 10 19.26 -10.17 3.12
C HIS A 10 18.28 -10.07 1.94
N SER A 11 16.98 -10.06 2.26
CA SER A 11 15.90 -9.81 1.29
C SER A 11 16.00 -8.36 0.78
N SER A 12 16.29 -8.20 -0.53
CA SER A 12 16.47 -6.89 -1.16
C SER A 12 15.66 -6.82 -2.48
N GLY A 13 15.18 -5.61 -2.79
CA GLY A 13 14.32 -5.35 -3.94
C GLY A 13 15.01 -5.61 -5.26
N ARG A 14 14.43 -6.53 -6.05
CA ARG A 14 15.01 -6.98 -7.33
C ARG A 14 14.61 -5.99 -8.44
N GLU A 15 13.29 -5.99 -8.74
CA GLU A 15 12.66 -5.19 -9.82
C GLU A 15 13.38 -5.40 -11.18
N ASN A 16 14.01 -6.58 -11.32
CA ASN A 16 14.78 -6.98 -12.51
C ASN A 16 13.83 -7.48 -13.61
N LEU A 17 13.57 -6.60 -14.61
CA LEU A 17 12.62 -6.85 -15.72
C LEU A 17 11.20 -7.11 -15.18
N TYR A 18 10.86 -6.37 -14.11
CA TYR A 18 9.58 -6.50 -13.40
C TYR A 18 8.52 -5.61 -14.06
N PHE A 19 8.00 -6.06 -15.20
CA PHE A 19 7.01 -5.32 -16.01
C PHE A 19 5.62 -5.91 -15.79
N GLN A 20 4.80 -5.21 -14.98
CA GLN A 20 3.41 -5.61 -14.70
C GLN A 20 2.50 -5.09 -15.83
N GLY A 21 2.45 -3.75 -15.97
CA GLY A 21 1.69 -3.07 -17.00
C GLY A 21 0.20 -3.35 -16.93
N HIS A 22 -0.23 -4.40 -17.65
CA HIS A 22 -1.64 -4.88 -17.68
C HIS A 22 -1.86 -6.07 -16.74
N MET A 23 -0.98 -6.20 -15.73
CA MET A 23 -1.13 -7.15 -14.61
C MET A 23 -1.04 -6.36 -13.28
N PRO A 24 -2.11 -5.56 -12.93
CA PRO A 24 -2.18 -4.80 -11.68
C PRO A 24 -3.03 -5.53 -10.61
N ASN A 25 -3.55 -4.74 -9.64
CA ASN A 25 -4.48 -5.19 -8.59
C ASN A 25 -3.77 -6.11 -7.59
N ASP A 26 -3.65 -7.42 -7.97
CA ASP A 26 -3.05 -8.56 -7.21
C ASP A 26 -2.67 -8.23 -5.74
N MET A 27 -1.53 -7.56 -5.54
CA MET A 27 -1.06 -7.12 -4.21
C MET A 27 -0.67 -5.63 -4.25
N GLU A 28 0.07 -5.23 -5.29
CA GLU A 28 0.77 -3.93 -5.36
C GLU A 28 -0.20 -2.75 -5.24
N ASP A 29 -1.18 -2.71 -6.15
CA ASP A 29 -2.15 -1.60 -6.25
C ASP A 29 -3.04 -1.52 -5.00
N HIS A 30 -3.20 -2.66 -4.31
CA HIS A 30 -3.87 -2.71 -3.01
C HIS A 30 -3.02 -1.99 -1.94
N LEU A 31 -1.68 -2.25 -1.91
CA LEU A 31 -0.75 -1.54 -0.98
C LEU A 31 -0.61 -0.04 -1.35
N LEU A 32 -0.79 0.28 -2.65
CA LEU A 32 -0.83 1.69 -3.12
C LEU A 32 -2.05 2.40 -2.50
N THR A 33 -3.17 1.67 -2.40
CA THR A 33 -4.42 2.18 -1.78
C THR A 33 -4.28 2.23 -0.25
N VAL A 34 -3.52 1.28 0.33
CA VAL A 34 -3.27 1.22 1.79
C VAL A 34 -2.50 2.47 2.25
N LEU A 35 -1.32 2.69 1.65
CA LEU A 35 -0.42 3.80 2.01
C LEU A 35 -1.09 5.17 1.74
N SER A 36 -1.81 5.27 0.60
CA SER A 36 -2.42 6.52 0.18
C SER A 36 -3.49 6.99 1.18
N VAL A 37 -4.49 6.12 1.43
CA VAL A 37 -5.64 6.44 2.30
C VAL A 37 -5.20 6.60 3.78
N ALA A 38 -4.29 5.73 4.25
CA ALA A 38 -3.78 5.75 5.64
C ALA A 38 -2.96 7.03 5.94
N SER A 39 -2.32 7.61 4.90
CA SER A 39 -1.55 8.87 5.02
C SER A 39 -2.42 10.10 4.70
N GLY A 40 -3.47 9.89 3.89
CA GLY A 40 -4.34 10.99 3.42
C GLY A 40 -3.83 11.64 2.13
N VAL A 41 -2.91 10.93 1.43
CA VAL A 41 -2.37 11.35 0.13
C VAL A 41 -3.05 10.54 -1.02
N PRO A 42 -3.00 11.02 -2.30
CA PRO A 42 -3.40 10.19 -3.47
C PRO A 42 -2.40 9.03 -3.77
N LYS A 43 -2.89 7.98 -4.48
CA LYS A 43 -2.04 6.85 -4.97
C LYS A 43 -1.01 7.34 -5.99
N GLU A 44 -1.28 8.52 -6.58
CA GLU A 44 -0.36 9.23 -7.49
C GLU A 44 1.00 9.50 -6.80
N GLU A 45 0.94 9.70 -5.47
CA GLU A 45 2.13 9.98 -4.63
C GLU A 45 2.66 8.68 -3.97
N ILE A 46 2.24 7.51 -4.49
CA ILE A 46 2.67 6.18 -3.97
C ILE A 46 3.29 5.36 -5.13
N SER A 47 4.37 4.61 -4.83
CA SER A 47 5.11 3.78 -5.80
C SER A 47 5.85 2.64 -5.06
N ARG A 48 6.75 1.91 -5.76
CA ARG A 48 7.58 0.85 -5.13
C ARG A 48 8.71 1.42 -4.26
N ASP A 49 8.92 2.75 -4.32
CA ASP A 49 9.67 3.50 -3.29
C ASP A 49 9.34 4.99 -3.45
N SER A 50 8.34 5.44 -2.69
CA SER A 50 8.00 6.86 -2.57
C SER A 50 8.43 7.39 -1.19
N ARG A 51 9.28 6.61 -0.47
CA ARG A 51 9.72 6.89 0.90
C ARG A 51 8.53 6.92 1.89
N MET A 52 8.39 5.84 2.69
CA MET A 52 7.33 5.74 3.71
C MET A 52 7.64 6.62 4.94
N GLU A 53 8.80 7.30 4.93
CA GLU A 53 9.15 8.31 5.97
C GLU A 53 8.13 9.48 5.98
N ASP A 54 7.58 9.78 4.80
CA ASP A 54 6.50 10.77 4.63
C ASP A 54 5.13 10.09 4.82
N LEU A 55 5.04 8.87 4.29
CA LEU A 55 3.77 8.12 4.21
C LEU A 55 3.46 7.42 5.57
N ALA A 56 4.00 6.20 5.76
CA ALA A 56 3.71 5.38 6.94
C ALA A 56 4.91 5.40 7.90
N PHE A 57 4.99 6.48 8.69
CA PHE A 57 6.08 6.72 9.65
C PHE A 57 5.57 7.43 10.91
N ASP A 58 4.31 7.91 10.86
CA ASP A 58 3.62 8.45 12.05
C ASP A 58 2.94 7.28 12.79
N SER A 59 2.84 7.38 14.13
CA SER A 59 2.33 6.31 15.01
C SER A 59 0.93 5.80 14.58
N LEU A 60 0.07 6.76 14.18
CA LEU A 60 -1.32 6.46 13.75
C LEU A 60 -1.32 5.80 12.36
N VAL A 61 -0.45 6.29 11.45
CA VAL A 61 -0.40 5.79 10.05
C VAL A 61 0.16 4.35 10.00
N VAL A 62 1.16 4.06 10.86
CA VAL A 62 1.75 2.72 11.01
C VAL A 62 0.72 1.76 11.65
N SER A 63 -0.12 2.30 12.57
CA SER A 63 -1.20 1.55 13.22
C SER A 63 -2.29 1.16 12.19
N GLU A 64 -2.63 2.11 11.30
CA GLU A 64 -3.62 1.92 10.22
C GLU A 64 -3.02 1.10 9.04
N LEU A 65 -1.68 1.12 8.92
CA LEU A 65 -0.95 0.29 7.94
C LEU A 65 -1.03 -1.18 8.36
N SER A 66 -0.70 -1.42 9.65
CA SER A 66 -0.76 -2.75 10.29
C SER A 66 -2.19 -3.30 10.27
N LEU A 67 -3.15 -2.41 10.55
CA LEU A 67 -4.60 -2.70 10.53
C LEU A 67 -5.03 -3.19 9.12
N LYS A 68 -4.60 -2.43 8.09
CA LYS A 68 -4.98 -2.66 6.69
C LYS A 68 -4.36 -3.99 6.15
N LEU A 69 -3.10 -4.23 6.52
CA LEU A 69 -2.35 -5.44 6.13
C LEU A 69 -2.99 -6.70 6.75
N ARG A 70 -3.40 -6.57 8.02
CA ARG A 70 -4.08 -7.64 8.77
C ARG A 70 -5.52 -7.87 8.25
N LYS A 71 -6.18 -6.78 7.82
CA LYS A 71 -7.61 -6.81 7.45
C LYS A 71 -7.82 -7.42 6.04
N GLU A 72 -7.26 -6.77 5.01
CA GLU A 72 -7.42 -7.21 3.61
C GLU A 72 -6.58 -8.47 3.30
N PHE A 73 -5.28 -8.40 3.64
CA PHE A 73 -4.27 -9.40 3.21
C PHE A 73 -4.12 -10.54 4.22
N GLY A 74 -4.33 -10.22 5.51
CA GLY A 74 -4.10 -11.18 6.61
C GLY A 74 -2.66 -11.15 7.09
N VAL A 75 -1.86 -10.20 6.56
CA VAL A 75 -0.44 -10.02 6.92
C VAL A 75 -0.34 -9.31 8.29
N THR A 76 -0.34 -10.16 9.34
CA THR A 76 -0.31 -9.74 10.75
C THR A 76 1.13 -9.93 11.32
N GLY A 77 1.41 -9.26 12.46
CA GLY A 77 2.68 -9.41 13.18
C GLY A 77 3.88 -8.89 12.40
N VAL A 78 3.67 -7.75 11.72
CA VAL A 78 4.69 -7.10 10.87
C VAL A 78 5.11 -5.74 11.44
N ASP A 79 4.59 -5.41 12.63
CA ASP A 79 4.69 -4.07 13.26
C ASP A 79 6.16 -3.61 13.44
N ASP A 80 6.99 -4.53 13.97
CA ASP A 80 8.43 -4.29 14.21
C ASP A 80 9.16 -4.07 12.88
N GLU A 81 8.74 -4.85 11.87
CA GLU A 81 9.30 -4.81 10.51
C GLU A 81 8.97 -3.47 9.86
N LEU A 82 7.72 -2.96 10.08
CA LEU A 82 7.26 -1.67 9.53
C LEU A 82 8.15 -0.53 10.04
N ASP A 83 8.57 -0.66 11.32
CA ASP A 83 9.52 0.25 11.97
C ASP A 83 10.93 0.15 11.32
N LEU A 84 11.33 -1.09 10.97
CA LEU A 84 12.63 -1.37 10.31
C LEU A 84 12.63 -0.94 8.82
N LEU A 85 11.42 -0.80 8.22
CA LEU A 85 11.26 -0.47 6.79
C LEU A 85 11.33 1.04 6.53
N GLU A 86 11.73 1.38 5.30
CA GLU A 86 11.79 2.75 4.77
C GLU A 86 11.22 2.77 3.33
N THR A 87 11.53 1.69 2.60
CA THR A 87 11.24 1.51 1.17
C THR A 87 10.02 0.58 0.98
N VAL A 88 9.19 0.88 -0.02
CA VAL A 88 7.91 0.18 -0.24
C VAL A 88 8.14 -1.19 -0.90
N ASP A 89 9.25 -1.35 -1.65
CA ASP A 89 9.60 -2.63 -2.32
C ASP A 89 9.88 -3.71 -1.25
N GLU A 90 10.56 -3.28 -0.18
CA GLU A 90 10.82 -4.09 1.01
C GLU A 90 9.51 -4.44 1.75
N LEU A 91 8.56 -3.48 1.76
CA LEU A 91 7.18 -3.70 2.27
C LEU A 91 6.40 -4.71 1.37
N PHE A 92 6.65 -4.67 0.05
CA PHE A 92 6.01 -5.58 -0.93
C PHE A 92 6.47 -7.03 -0.70
N GLN A 93 7.79 -7.23 -0.63
CA GLN A 93 8.37 -8.57 -0.43
C GLN A 93 8.12 -9.08 1.01
N LEU A 94 7.78 -8.16 1.95
CA LEU A 94 7.32 -8.53 3.32
C LEU A 94 5.93 -9.21 3.27
N VAL A 95 5.00 -8.57 2.53
CA VAL A 95 3.64 -9.09 2.31
C VAL A 95 3.70 -10.42 1.51
N GLU A 96 4.60 -10.45 0.51
CA GLU A 96 4.90 -11.63 -0.32
C GLU A 96 5.42 -12.80 0.55
N LYS A 97 6.29 -12.44 1.52
CA LYS A 97 6.93 -13.39 2.44
C LYS A 97 5.86 -14.09 3.31
N HIS A 98 4.91 -13.28 3.81
CA HIS A 98 3.82 -13.74 4.71
C HIS A 98 2.72 -14.48 3.95
N ARG A 99 2.59 -14.20 2.64
CA ARG A 99 1.52 -14.78 1.81
C ARG A 99 1.96 -16.14 1.22
N ALA A 100 3.25 -16.22 0.82
CA ALA A 100 3.84 -17.43 0.22
C ALA A 100 4.17 -18.46 1.31
N ALA A 101 4.99 -18.03 2.29
CA ALA A 101 5.28 -18.82 3.49
C ALA A 101 4.20 -18.52 4.55
N GLY A 102 3.37 -19.55 4.85
CA GLY A 102 2.18 -19.40 5.70
C GLY A 102 2.48 -18.81 7.08
N SER A 103 2.22 -17.49 7.23
CA SER A 103 2.40 -16.76 8.49
C SER A 103 1.02 -16.59 9.18
N MET A 1 -1.34 -15.48 -43.21
CA MET A 1 -1.46 -14.09 -42.68
C MET A 1 -1.26 -14.09 -41.15
N GLY A 2 -0.18 -13.46 -40.69
CA GLY A 2 0.13 -13.38 -39.26
C GLY A 2 -0.45 -12.12 -38.62
N SER A 3 0.23 -11.61 -37.60
CA SER A 3 -0.18 -10.39 -36.87
C SER A 3 1.07 -9.66 -36.36
N SER A 4 1.26 -8.41 -36.80
CA SER A 4 2.40 -7.57 -36.39
C SER A 4 1.95 -6.10 -36.27
N HIS A 5 1.68 -5.69 -35.02
CA HIS A 5 1.41 -4.29 -34.65
C HIS A 5 1.69 -4.14 -33.15
N ASP A 6 2.10 -2.95 -32.71
CA ASP A 6 2.30 -2.65 -31.28
C ASP A 6 0.94 -2.41 -30.61
N HIS A 7 0.77 -2.93 -29.40
CA HIS A 7 -0.49 -2.83 -28.63
C HIS A 7 -0.55 -1.51 -27.83
N HIS A 8 0.62 -0.88 -27.62
CA HIS A 8 0.74 0.32 -26.75
C HIS A 8 0.57 1.64 -27.56
N HIS A 9 0.11 1.54 -28.82
CA HIS A 9 -0.13 2.73 -29.69
C HIS A 9 -1.24 3.60 -29.08
N HIS A 10 -0.83 4.70 -28.44
CA HIS A 10 -1.72 5.63 -27.71
C HIS A 10 -1.60 7.05 -28.29
N SER A 11 -2.73 7.76 -28.35
CA SER A 11 -2.77 9.17 -28.75
C SER A 11 -2.87 10.06 -27.50
N SER A 12 -2.56 11.37 -27.67
CA SER A 12 -2.70 12.37 -26.61
C SER A 12 -4.17 12.84 -26.55
N GLY A 13 -4.86 12.44 -25.47
CA GLY A 13 -6.27 12.79 -25.26
C GLY A 13 -6.52 13.25 -23.83
N ARG A 14 -6.53 12.27 -22.89
CA ARG A 14 -6.74 12.49 -21.44
C ARG A 14 -8.01 13.32 -21.15
N GLU A 15 -9.15 12.63 -21.00
CA GLU A 15 -10.47 13.25 -20.75
C GLU A 15 -10.48 13.98 -19.40
N ASN A 16 -11.23 15.11 -19.32
CA ASN A 16 -11.27 16.00 -18.13
C ASN A 16 -11.78 15.22 -16.89
N LEU A 17 -12.69 14.27 -17.14
CA LEU A 17 -13.22 13.35 -16.14
C LEU A 17 -12.93 11.94 -16.66
N TYR A 18 -11.86 11.30 -16.16
CA TYR A 18 -11.40 9.98 -16.62
C TYR A 18 -11.43 8.94 -15.46
N PHE A 19 -12.26 9.23 -14.44
CA PHE A 19 -12.30 8.46 -13.17
C PHE A 19 -12.69 6.98 -13.39
N GLN A 20 -13.53 6.74 -14.42
CA GLN A 20 -13.93 5.38 -14.85
C GLN A 20 -12.74 4.67 -15.54
N GLY A 21 -12.62 3.36 -15.31
CA GLY A 21 -11.55 2.54 -15.89
C GLY A 21 -10.62 1.97 -14.82
N HIS A 22 -10.47 2.72 -13.71
CA HIS A 22 -9.66 2.29 -12.56
C HIS A 22 -10.39 1.19 -11.76
N MET A 23 -9.86 -0.04 -11.78
CA MET A 23 -10.30 -1.12 -10.87
C MET A 23 -9.25 -1.27 -9.74
N PRO A 24 -9.69 -1.56 -8.48
CA PRO A 24 -8.76 -1.87 -7.35
C PRO A 24 -8.23 -3.32 -7.43
N ASN A 25 -8.76 -4.09 -8.41
CA ASN A 25 -8.34 -5.48 -8.66
C ASN A 25 -6.95 -5.49 -9.33
N ASP A 26 -5.92 -5.55 -8.47
CA ASP A 26 -4.50 -5.57 -8.89
C ASP A 26 -3.63 -5.92 -7.67
N MET A 27 -2.32 -6.18 -7.89
CA MET A 27 -1.35 -6.41 -6.80
C MET A 27 -0.85 -5.06 -6.27
N GLU A 28 -0.17 -4.30 -7.16
CA GLU A 28 0.45 -3.00 -6.83
C GLU A 28 -0.59 -1.98 -6.37
N ASP A 29 -1.59 -1.71 -7.25
CA ASP A 29 -2.61 -0.65 -7.05
C ASP A 29 -3.40 -0.87 -5.76
N HIS A 30 -3.69 -2.13 -5.43
CA HIS A 30 -4.47 -2.50 -4.23
C HIS A 30 -3.69 -2.19 -2.93
N LEU A 31 -2.40 -2.55 -2.90
CA LEU A 31 -1.50 -2.23 -1.76
C LEU A 31 -1.21 -0.72 -1.73
N LEU A 32 -1.26 -0.09 -2.92
CA LEU A 32 -1.02 1.35 -3.11
C LEU A 32 -2.23 2.16 -2.61
N THR A 33 -3.43 1.52 -2.64
CA THR A 33 -4.67 2.07 -2.06
C THR A 33 -4.57 2.09 -0.52
N VAL A 34 -4.03 0.98 0.04
CA VAL A 34 -3.74 0.87 1.49
C VAL A 34 -2.80 2.01 1.94
N LEU A 35 -1.78 2.27 1.11
CA LEU A 35 -0.76 3.31 1.35
C LEU A 35 -1.36 4.72 1.28
N SER A 36 -2.26 4.94 0.32
CA SER A 36 -2.87 6.27 0.08
C SER A 36 -3.84 6.65 1.20
N VAL A 37 -4.46 5.63 1.81
CA VAL A 37 -5.33 5.81 2.99
C VAL A 37 -4.48 6.08 4.25
N ALA A 38 -3.34 5.34 4.37
CA ALA A 38 -2.42 5.43 5.53
C ALA A 38 -1.67 6.79 5.58
N SER A 39 -1.32 7.33 4.40
CA SER A 39 -0.58 8.60 4.27
C SER A 39 -1.56 9.79 4.16
N GLY A 40 -2.45 9.70 3.15
CA GLY A 40 -3.38 10.78 2.83
C GLY A 40 -3.25 11.23 1.37
N VAL A 41 -2.04 11.05 0.79
CA VAL A 41 -1.75 11.43 -0.61
C VAL A 41 -2.27 10.34 -1.58
N PRO A 42 -2.70 10.71 -2.83
CA PRO A 42 -3.16 9.74 -3.87
C PRO A 42 -2.13 8.62 -4.17
N LYS A 43 -2.64 7.51 -4.74
CA LYS A 43 -1.82 6.32 -5.10
C LYS A 43 -0.73 6.71 -6.13
N GLU A 44 -1.09 7.62 -7.03
CA GLU A 44 -0.22 8.09 -8.13
C GLU A 44 0.85 9.08 -7.63
N GLU A 45 0.73 9.51 -6.36
CA GLU A 45 1.77 10.30 -5.66
C GLU A 45 2.74 9.38 -4.92
N ILE A 46 2.46 8.06 -4.96
CA ILE A 46 3.26 7.03 -4.28
C ILE A 46 3.89 6.10 -5.33
N SER A 47 5.16 5.72 -5.10
CA SER A 47 5.89 4.76 -5.93
C SER A 47 6.60 3.76 -5.00
N ARG A 48 7.02 2.60 -5.55
CA ARG A 48 7.85 1.62 -4.81
C ARG A 48 9.25 2.22 -4.52
N ASP A 49 9.72 3.03 -5.50
CA ASP A 49 11.02 3.74 -5.46
C ASP A 49 11.12 4.72 -4.27
N SER A 50 9.94 5.11 -3.74
CA SER A 50 9.81 6.12 -2.68
C SER A 50 10.26 5.56 -1.30
N ARG A 51 10.65 6.48 -0.40
CA ARG A 51 10.99 6.16 1.00
C ARG A 51 9.74 6.30 1.90
N MET A 52 9.91 5.97 3.18
CA MET A 52 8.82 5.98 4.17
C MET A 52 9.03 7.10 5.19
N GLU A 53 8.13 8.10 5.12
CA GLU A 53 8.06 9.22 6.07
C GLU A 53 6.59 9.42 6.43
N ASP A 54 5.76 9.57 5.38
CA ASP A 54 4.30 9.75 5.47
C ASP A 54 3.59 8.41 5.25
N LEU A 55 4.15 7.62 4.30
CA LEU A 55 3.53 6.38 3.77
C LEU A 55 3.42 5.28 4.83
N ALA A 56 4.50 5.10 5.61
CA ALA A 56 4.57 4.10 6.69
C ALA A 56 5.81 4.35 7.56
N PHE A 57 5.70 5.26 8.55
CA PHE A 57 6.83 5.60 9.44
C PHE A 57 6.31 6.06 10.80
N ASP A 58 5.34 6.97 10.78
CA ASP A 58 4.68 7.48 12.00
C ASP A 58 3.94 6.33 12.72
N SER A 59 3.95 6.35 14.07
CA SER A 59 3.40 5.27 14.91
C SER A 59 1.92 4.98 14.57
N LEU A 60 1.12 6.04 14.40
CA LEU A 60 -0.31 5.95 14.07
C LEU A 60 -0.50 5.34 12.66
N VAL A 61 0.37 5.73 11.71
CA VAL A 61 0.34 5.22 10.31
C VAL A 61 0.61 3.70 10.28
N VAL A 62 1.60 3.26 11.07
CA VAL A 62 2.00 1.83 11.17
C VAL A 62 0.93 1.00 11.94
N SER A 63 0.23 1.65 12.89
CA SER A 63 -0.89 1.04 13.64
C SER A 63 -2.07 0.76 12.70
N GLU A 64 -2.35 1.74 11.81
CA GLU A 64 -3.41 1.61 10.80
C GLU A 64 -2.97 0.65 9.69
N LEU A 65 -1.66 0.62 9.39
CA LEU A 65 -1.08 -0.24 8.34
C LEU A 65 -1.26 -1.71 8.70
N SER A 66 -0.94 -2.07 9.96
CA SER A 66 -1.07 -3.43 10.49
C SER A 66 -2.56 -3.82 10.66
N LEU A 67 -3.42 -2.82 10.94
CA LEU A 67 -4.89 -2.99 11.00
C LEU A 67 -5.44 -3.31 9.58
N LYS A 68 -4.87 -2.63 8.57
CA LYS A 68 -5.17 -2.87 7.15
C LYS A 68 -4.69 -4.27 6.76
N LEU A 69 -3.46 -4.63 7.19
CA LEU A 69 -2.85 -5.93 6.86
C LEU A 69 -3.66 -7.09 7.47
N ARG A 70 -4.37 -6.82 8.59
CA ARG A 70 -5.36 -7.76 9.18
C ARG A 70 -6.48 -8.07 8.14
N LYS A 71 -7.03 -6.99 7.57
CA LYS A 71 -8.17 -7.06 6.62
C LYS A 71 -7.73 -7.65 5.25
N GLU A 72 -6.57 -7.19 4.77
CA GLU A 72 -6.11 -7.43 3.40
C GLU A 72 -5.45 -8.82 3.27
N PHE A 73 -4.47 -9.10 4.15
CA PHE A 73 -3.61 -10.31 4.03
C PHE A 73 -3.59 -11.16 5.33
N GLY A 74 -4.34 -10.73 6.37
CA GLY A 74 -4.36 -11.42 7.68
C GLY A 74 -3.06 -11.29 8.48
N VAL A 75 -2.11 -10.48 7.98
CA VAL A 75 -0.76 -10.33 8.55
C VAL A 75 -0.78 -9.39 9.77
N THR A 76 -0.28 -9.90 10.93
CA THR A 76 -0.27 -9.15 12.21
C THR A 76 0.95 -9.58 13.05
N GLY A 77 1.40 -8.69 13.96
CA GLY A 77 2.58 -8.93 14.79
C GLY A 77 3.84 -8.32 14.19
N VAL A 78 3.78 -8.02 12.88
CA VAL A 78 4.89 -7.45 12.10
C VAL A 78 5.04 -5.94 12.31
N ASP A 79 4.29 -5.37 13.29
CA ASP A 79 4.24 -3.92 13.59
C ASP A 79 5.66 -3.32 13.80
N ASP A 80 6.51 -4.10 14.49
CA ASP A 80 7.92 -3.76 14.76
C ASP A 80 8.72 -3.72 13.44
N GLU A 81 8.49 -4.76 12.62
CA GLU A 81 9.19 -4.97 11.34
C GLU A 81 8.76 -3.90 10.30
N LEU A 82 7.51 -3.39 10.44
CA LEU A 82 6.96 -2.29 9.61
C LEU A 82 7.67 -0.98 9.97
N ASP A 83 7.95 -0.82 11.27
CA ASP A 83 8.72 0.30 11.84
C ASP A 83 10.18 0.30 11.32
N LEU A 84 10.73 -0.90 11.07
CA LEU A 84 12.10 -1.08 10.54
C LEU A 84 12.18 -0.83 9.00
N LEU A 85 11.02 -0.85 8.30
CA LEU A 85 10.96 -0.54 6.86
C LEU A 85 11.22 0.95 6.62
N GLU A 86 12.01 1.26 5.58
CA GLU A 86 12.38 2.64 5.21
C GLU A 86 12.01 2.90 3.73
N THR A 87 11.68 1.84 2.99
CA THR A 87 11.41 1.91 1.55
C THR A 87 10.15 1.10 1.21
N VAL A 88 9.42 1.58 0.20
CA VAL A 88 8.13 1.01 -0.21
C VAL A 88 8.35 -0.32 -0.95
N ASP A 89 9.51 -0.45 -1.65
CA ASP A 89 9.96 -1.74 -2.25
C ASP A 89 9.94 -2.86 -1.20
N GLU A 90 10.56 -2.54 -0.04
CA GLU A 90 10.73 -3.48 1.08
C GLU A 90 9.37 -3.94 1.61
N LEU A 91 8.40 -3.00 1.70
CA LEU A 91 7.02 -3.31 2.13
C LEU A 91 6.32 -4.28 1.17
N PHE A 92 6.40 -3.99 -0.15
CA PHE A 92 5.79 -4.85 -1.19
C PHE A 92 6.34 -6.28 -1.13
N GLN A 93 7.66 -6.39 -0.87
CA GLN A 93 8.35 -7.69 -0.78
C GLN A 93 8.07 -8.39 0.56
N LEU A 94 7.88 -7.59 1.62
CA LEU A 94 7.64 -8.10 2.98
C LEU A 94 6.24 -8.74 3.06
N VAL A 95 5.24 -7.92 2.69
CA VAL A 95 3.82 -8.33 2.63
C VAL A 95 3.66 -9.57 1.75
N GLU A 96 4.34 -9.57 0.59
CA GLU A 96 4.35 -10.69 -0.35
C GLU A 96 4.97 -11.95 0.28
N LYS A 97 6.06 -11.76 1.03
CA LYS A 97 6.82 -12.88 1.66
C LYS A 97 6.00 -13.51 2.81
N HIS A 98 5.14 -12.68 3.46
CA HIS A 98 4.21 -13.14 4.52
C HIS A 98 2.98 -13.84 3.92
N ARG A 99 2.52 -13.32 2.77
CA ARG A 99 1.31 -13.80 2.06
C ARG A 99 1.58 -15.11 1.30
N ALA A 100 2.79 -15.22 0.74
CA ALA A 100 3.23 -16.40 -0.04
C ALA A 100 3.78 -17.47 0.91
N ALA A 101 4.64 -17.02 1.85
CA ALA A 101 5.23 -17.86 2.94
C ALA A 101 6.02 -19.07 2.37
N GLY A 102 6.31 -20.06 3.25
CA GLY A 102 7.03 -21.29 2.86
C GLY A 102 8.28 -21.48 3.69
N SER A 103 9.26 -20.59 3.49
CA SER A 103 10.56 -20.61 4.20
C SER A 103 11.04 -19.16 4.43
N MET A 1 12.85 14.53 12.04
CA MET A 1 12.69 15.79 12.81
C MET A 1 12.26 16.91 11.84
N GLY A 2 10.93 17.09 11.70
CA GLY A 2 10.35 18.10 10.81
C GLY A 2 9.28 17.51 9.90
N SER A 3 8.42 18.40 9.36
CA SER A 3 7.32 18.01 8.45
C SER A 3 6.82 19.24 7.69
N SER A 4 6.53 19.06 6.40
CA SER A 4 5.92 20.11 5.54
C SER A 4 4.39 20.21 5.77
N HIS A 5 3.84 19.19 6.50
CA HIS A 5 2.42 19.10 6.91
C HIS A 5 1.49 18.78 5.71
N ASP A 6 0.18 18.74 5.99
CA ASP A 6 -0.87 18.49 4.99
C ASP A 6 -1.03 19.69 4.04
N HIS A 7 -1.53 19.41 2.83
CA HIS A 7 -1.90 20.40 1.82
C HIS A 7 -3.18 19.92 1.14
N HIS A 8 -4.33 20.28 1.74
CA HIS A 8 -5.67 19.84 1.31
C HIS A 8 -6.06 20.47 -0.04
N HIS A 9 -6.28 19.61 -1.04
CA HIS A 9 -6.74 20.00 -2.38
C HIS A 9 -8.07 19.29 -2.70
N HIS A 10 -8.99 20.01 -3.36
CA HIS A 10 -10.29 19.47 -3.78
C HIS A 10 -10.11 18.68 -5.08
N SER A 11 -10.22 17.34 -4.98
CA SER A 11 -10.13 16.41 -6.13
C SER A 11 -11.51 16.21 -6.80
N SER A 12 -12.36 17.25 -6.71
CA SER A 12 -13.75 17.25 -7.22
C SER A 12 -13.79 17.27 -8.76
N GLY A 13 -12.66 17.68 -9.38
CA GLY A 13 -12.49 17.61 -10.84
C GLY A 13 -12.16 16.19 -11.31
N ARG A 14 -11.14 16.05 -12.19
CA ARG A 14 -10.68 14.75 -12.74
C ARG A 14 -11.84 14.05 -13.50
N GLU A 15 -12.18 14.63 -14.66
CA GLU A 15 -13.30 14.19 -15.53
C GLU A 15 -12.75 13.52 -16.81
N ASN A 16 -11.43 13.20 -16.79
CA ASN A 16 -10.68 12.68 -17.95
C ASN A 16 -10.82 11.14 -18.11
N LEU A 17 -11.99 10.59 -17.68
CA LEU A 17 -12.31 9.14 -17.73
C LEU A 17 -11.54 8.34 -16.65
N TYR A 18 -12.20 7.30 -16.10
CA TYR A 18 -11.68 6.49 -15.00
C TYR A 18 -10.56 5.55 -15.48
N PHE A 19 -9.43 5.54 -14.75
CA PHE A 19 -8.27 4.69 -15.06
C PHE A 19 -8.64 3.20 -14.95
N GLN A 20 -8.72 2.52 -16.10
CA GLN A 20 -8.99 1.08 -16.18
C GLN A 20 -7.93 0.40 -17.07
N GLY A 21 -7.19 -0.55 -16.46
CA GLY A 21 -6.27 -1.41 -17.20
C GLY A 21 -6.93 -2.76 -17.46
N HIS A 22 -8.08 -2.71 -18.19
CA HIS A 22 -9.01 -3.84 -18.39
C HIS A 22 -9.64 -4.23 -17.04
N MET A 23 -8.85 -4.89 -16.19
CA MET A 23 -9.19 -5.12 -14.76
C MET A 23 -8.19 -4.30 -13.91
N PRO A 24 -8.55 -3.05 -13.47
CA PRO A 24 -7.63 -2.15 -12.71
C PRO A 24 -7.51 -2.52 -11.20
N ASN A 25 -7.19 -3.79 -10.93
CA ASN A 25 -7.01 -4.30 -9.56
C ASN A 25 -5.91 -5.38 -9.57
N ASP A 26 -5.06 -5.34 -8.54
CA ASP A 26 -3.91 -6.24 -8.40
C ASP A 26 -3.36 -6.10 -6.98
N MET A 27 -2.44 -7.00 -6.57
CA MET A 27 -1.78 -6.93 -5.25
C MET A 27 -1.09 -5.57 -5.04
N GLU A 28 -0.34 -5.15 -6.08
CA GLU A 28 0.37 -3.85 -6.08
C GLU A 28 -0.61 -2.67 -5.98
N ASP A 29 -1.76 -2.81 -6.67
CA ASP A 29 -2.84 -1.80 -6.68
C ASP A 29 -3.46 -1.67 -5.27
N HIS A 30 -3.69 -2.82 -4.62
CA HIS A 30 -4.26 -2.90 -3.26
C HIS A 30 -3.27 -2.36 -2.21
N LEU A 31 -1.95 -2.64 -2.41
CA LEU A 31 -0.89 -2.27 -1.45
C LEU A 31 -0.66 -0.75 -1.43
N LEU A 32 -0.70 -0.14 -2.62
CA LEU A 32 -0.60 1.32 -2.76
C LEU A 32 -1.85 2.03 -2.20
N THR A 33 -3.03 1.36 -2.29
CA THR A 33 -4.28 1.86 -1.67
C THR A 33 -4.20 1.72 -0.12
N VAL A 34 -3.53 0.65 0.36
CA VAL A 34 -3.23 0.47 1.79
C VAL A 34 -2.45 1.68 2.32
N LEU A 35 -1.43 2.08 1.56
CA LEU A 35 -0.56 3.21 1.86
C LEU A 35 -1.30 4.56 1.77
N SER A 36 -2.23 4.69 0.79
CA SER A 36 -2.95 5.94 0.55
C SER A 36 -3.91 6.28 1.70
N VAL A 37 -4.53 5.23 2.27
CA VAL A 37 -5.47 5.36 3.39
C VAL A 37 -4.70 5.47 4.73
N ALA A 38 -3.48 4.89 4.78
CA ALA A 38 -2.60 4.92 5.97
C ALA A 38 -1.98 6.32 6.17
N SER A 39 -1.54 6.94 5.05
CA SER A 39 -0.83 8.23 5.07
C SER A 39 -1.80 9.41 4.94
N GLY A 40 -2.50 9.48 3.79
CA GLY A 40 -3.38 10.61 3.46
C GLY A 40 -3.28 10.98 1.98
N VAL A 41 -2.04 10.90 1.43
CA VAL A 41 -1.78 11.13 0.00
C VAL A 41 -2.38 9.97 -0.84
N PRO A 42 -2.97 10.25 -2.05
CA PRO A 42 -3.51 9.20 -2.96
C PRO A 42 -2.38 8.30 -3.52
N LYS A 43 -2.74 7.08 -3.97
CA LYS A 43 -1.76 6.09 -4.47
C LYS A 43 -1.13 6.52 -5.81
N GLU A 44 -1.80 7.46 -6.49
CA GLU A 44 -1.29 8.14 -7.69
C GLU A 44 0.08 8.84 -7.42
N GLU A 45 0.27 9.30 -6.17
CA GLU A 45 1.53 9.94 -5.71
C GLU A 45 2.55 8.89 -5.23
N ILE A 46 2.06 7.72 -4.83
CA ILE A 46 2.86 6.66 -4.19
C ILE A 46 3.51 5.74 -5.26
N SER A 47 4.75 5.31 -4.99
CA SER A 47 5.56 4.45 -5.87
C SER A 47 6.50 3.59 -5.01
N ARG A 48 7.29 2.71 -5.65
CA ARG A 48 8.36 1.94 -4.98
C ARG A 48 9.54 2.87 -4.58
N ASP A 49 9.65 4.00 -5.32
CA ASP A 49 10.65 5.05 -5.05
C ASP A 49 10.37 5.73 -3.71
N SER A 50 9.06 5.82 -3.35
CA SER A 50 8.59 6.49 -2.13
C SER A 50 9.19 5.82 -0.87
N ARG A 51 10.15 6.51 -0.25
CA ARG A 51 10.65 6.15 1.06
C ARG A 51 9.70 6.67 2.13
N MET A 52 9.72 6.02 3.31
CA MET A 52 8.82 6.32 4.41
C MET A 52 9.18 7.70 5.02
N GLU A 53 8.55 8.76 4.48
CA GLU A 53 8.70 10.16 4.93
C GLU A 53 7.49 10.60 5.77
N ASP A 54 6.40 9.83 5.62
CA ASP A 54 5.10 10.08 6.28
C ASP A 54 4.35 8.74 6.38
N LEU A 55 4.35 8.04 5.23
CA LEU A 55 3.85 6.67 5.09
C LEU A 55 4.65 5.75 6.03
N ALA A 56 3.96 5.04 6.94
CA ALA A 56 4.59 4.12 7.93
C ALA A 56 5.71 4.79 8.77
N PHE A 57 5.71 6.13 8.88
CA PHE A 57 6.82 6.89 9.52
C PHE A 57 6.33 7.61 10.80
N ASP A 58 5.20 7.16 11.34
CA ASP A 58 4.68 7.60 12.63
C ASP A 58 3.95 6.43 13.28
N SER A 59 3.96 6.38 14.62
CA SER A 59 3.35 5.30 15.43
C SER A 59 1.89 4.99 15.04
N LEU A 60 1.11 6.06 14.80
CA LEU A 60 -0.30 5.97 14.39
C LEU A 60 -0.43 5.43 12.94
N VAL A 61 0.50 5.86 12.08
CA VAL A 61 0.49 5.50 10.63
C VAL A 61 0.99 4.05 10.41
N VAL A 62 1.85 3.56 11.32
CA VAL A 62 2.35 2.16 11.33
C VAL A 62 1.24 1.22 11.81
N SER A 63 0.52 1.65 12.87
CA SER A 63 -0.64 0.93 13.40
C SER A 63 -1.74 0.83 12.32
N GLU A 64 -1.95 1.95 11.61
CA GLU A 64 -2.94 2.05 10.53
C GLU A 64 -2.56 1.15 9.36
N LEU A 65 -1.23 1.08 9.07
CA LEU A 65 -0.67 0.25 8.00
C LEU A 65 -0.91 -1.24 8.28
N SER A 66 -0.65 -1.67 9.54
CA SER A 66 -0.78 -3.07 9.98
C SER A 66 -2.25 -3.53 9.93
N LEU A 67 -3.15 -2.68 10.42
CA LEU A 67 -4.62 -2.93 10.43
C LEU A 67 -5.18 -2.96 9.00
N LYS A 68 -4.57 -2.16 8.11
CA LYS A 68 -4.98 -2.05 6.70
C LYS A 68 -4.58 -3.34 5.95
N LEU A 69 -3.33 -3.76 6.19
CA LEU A 69 -2.77 -5.02 5.65
C LEU A 69 -3.54 -6.23 6.22
N ARG A 70 -4.04 -6.09 7.46
CA ARG A 70 -4.76 -7.15 8.20
C ARG A 70 -6.12 -7.47 7.55
N LYS A 71 -6.74 -6.47 6.91
CA LYS A 71 -8.06 -6.62 6.25
C LYS A 71 -7.88 -6.97 4.77
N GLU A 72 -7.01 -6.20 4.08
CA GLU A 72 -6.75 -6.35 2.64
C GLU A 72 -6.09 -7.71 2.33
N PHE A 73 -4.97 -7.98 3.02
CA PHE A 73 -4.12 -9.16 2.74
C PHE A 73 -4.18 -10.20 3.88
N GLY A 74 -4.56 -9.78 5.09
CA GLY A 74 -4.50 -10.65 6.29
C GLY A 74 -3.14 -10.61 6.98
N VAL A 75 -2.30 -9.62 6.61
CA VAL A 75 -0.94 -9.45 7.18
C VAL A 75 -0.99 -8.52 8.41
N THR A 76 -0.64 -9.07 9.58
CA THR A 76 -0.59 -8.35 10.85
C THR A 76 0.48 -8.95 11.75
N GLY A 77 0.79 -8.26 12.87
CA GLY A 77 1.81 -8.72 13.81
C GLY A 77 3.22 -8.31 13.40
N VAL A 78 3.33 -7.66 12.22
CA VAL A 78 4.61 -7.18 11.66
C VAL A 78 4.80 -5.68 11.98
N ASP A 79 4.04 -5.18 12.96
CA ASP A 79 3.95 -3.74 13.34
C ASP A 79 5.35 -3.10 13.52
N ASP A 80 6.16 -3.75 14.39
CA ASP A 80 7.54 -3.29 14.71
C ASP A 80 8.41 -3.27 13.45
N GLU A 81 8.23 -4.29 12.60
CA GLU A 81 9.00 -4.48 11.36
C GLU A 81 8.58 -3.44 10.29
N LEU A 82 7.36 -2.88 10.42
CA LEU A 82 6.86 -1.78 9.56
C LEU A 82 7.59 -0.47 9.92
N ASP A 83 7.93 -0.30 11.21
CA ASP A 83 8.81 0.81 11.68
C ASP A 83 10.20 0.70 11.05
N LEU A 84 10.71 -0.55 10.95
CA LEU A 84 12.03 -0.85 10.34
C LEU A 84 12.00 -0.63 8.80
N LEU A 85 10.81 -0.71 8.19
CA LEU A 85 10.63 -0.40 6.75
C LEU A 85 10.84 1.09 6.50
N GLU A 86 11.77 1.42 5.58
CA GLU A 86 12.04 2.80 5.16
C GLU A 86 11.73 2.93 3.64
N THR A 87 11.17 1.87 3.03
CA THR A 87 10.86 1.80 1.58
C THR A 87 9.58 1.00 1.33
N VAL A 88 8.80 1.44 0.33
CA VAL A 88 7.61 0.73 -0.17
C VAL A 88 8.02 -0.58 -0.87
N ASP A 89 9.21 -0.58 -1.52
CA ASP A 89 9.75 -1.74 -2.24
C ASP A 89 10.02 -2.94 -1.28
N GLU A 90 10.60 -2.64 -0.10
CA GLU A 90 10.82 -3.66 0.95
C GLU A 90 9.48 -4.07 1.61
N LEU A 91 8.49 -3.17 1.62
CA LEU A 91 7.10 -3.51 2.04
C LEU A 91 6.48 -4.55 1.08
N PHE A 92 6.77 -4.42 -0.24
CA PHE A 92 6.31 -5.38 -1.28
C PHE A 92 6.79 -6.81 -0.96
N GLN A 93 8.12 -6.98 -0.85
CA GLN A 93 8.72 -8.31 -0.61
C GLN A 93 8.31 -8.88 0.76
N LEU A 94 8.06 -7.97 1.74
CA LEU A 94 7.64 -8.37 3.10
C LEU A 94 6.26 -9.03 3.08
N VAL A 95 5.26 -8.30 2.54
CA VAL A 95 3.87 -8.76 2.50
C VAL A 95 3.76 -10.08 1.69
N GLU A 96 4.37 -10.13 0.49
CA GLU A 96 4.30 -11.29 -0.43
C GLU A 96 4.98 -12.55 0.15
N LYS A 97 6.19 -12.39 0.71
CA LYS A 97 6.95 -13.52 1.29
C LYS A 97 6.22 -14.09 2.51
N HIS A 98 5.79 -13.19 3.40
CA HIS A 98 5.13 -13.52 4.67
C HIS A 98 3.66 -13.98 4.46
N ARG A 99 3.09 -13.68 3.27
CA ARG A 99 1.73 -14.12 2.90
C ARG A 99 1.78 -15.58 2.41
N ALA A 100 2.76 -15.86 1.53
CA ALA A 100 2.98 -17.20 0.94
C ALA A 100 3.55 -18.17 1.98
N ALA A 101 4.36 -17.63 2.90
CA ALA A 101 4.96 -18.36 4.02
C ALA A 101 4.34 -17.85 5.35
N GLY A 102 5.05 -18.04 6.48
CA GLY A 102 4.59 -17.55 7.79
C GLY A 102 5.28 -18.28 8.93
N SER A 103 5.09 -19.61 8.99
CA SER A 103 5.70 -20.49 10.00
C SER A 103 6.05 -21.84 9.32
N MET A 1 -20.33 -10.89 20.91
CA MET A 1 -21.13 -11.60 19.90
C MET A 1 -20.26 -12.71 19.26
N GLY A 2 -20.51 -13.98 19.67
CA GLY A 2 -19.72 -15.12 19.22
C GLY A 2 -18.30 -15.11 19.81
N SER A 3 -17.40 -15.90 19.23
CA SER A 3 -15.97 -15.94 19.60
C SER A 3 -15.15 -16.57 18.47
N SER A 4 -14.36 -15.75 17.77
CA SER A 4 -13.50 -16.18 16.66
C SER A 4 -12.19 -16.80 17.21
N HIS A 5 -11.93 -18.06 16.85
CA HIS A 5 -10.69 -18.79 17.20
C HIS A 5 -10.07 -19.39 15.93
N ASP A 6 -10.61 -18.98 14.77
CA ASP A 6 -10.32 -19.59 13.46
C ASP A 6 -9.03 -18.99 12.88
N HIS A 7 -8.13 -19.87 12.40
CA HIS A 7 -6.90 -19.49 11.69
C HIS A 7 -6.36 -20.70 10.91
N HIS A 8 -5.25 -20.52 10.18
CA HIS A 8 -4.62 -21.62 9.42
C HIS A 8 -3.37 -22.13 10.17
N HIS A 9 -3.08 -23.43 9.98
CA HIS A 9 -1.84 -24.06 10.46
C HIS A 9 -1.37 -25.09 9.40
N HIS A 10 -1.47 -24.66 8.13
CA HIS A 10 -1.06 -25.45 6.96
C HIS A 10 0.46 -25.34 6.78
N SER A 11 1.20 -26.32 7.34
CA SER A 11 2.66 -26.41 7.23
C SER A 11 3.01 -27.57 6.29
N SER A 12 3.53 -27.23 5.10
CA SER A 12 3.88 -28.20 4.04
C SER A 12 4.90 -27.59 3.07
N GLY A 13 5.75 -26.69 3.61
CA GLY A 13 6.70 -25.91 2.82
C GLY A 13 7.90 -26.72 2.31
N ARG A 14 7.68 -27.47 1.22
CA ARG A 14 8.74 -28.14 0.46
C ARG A 14 9.11 -27.26 -0.74
N GLU A 15 10.28 -26.60 -0.66
CA GLU A 15 10.72 -25.66 -1.70
C GLU A 15 11.30 -26.44 -2.89
N ASN A 16 10.42 -26.74 -3.85
CA ASN A 16 10.77 -27.38 -5.12
C ASN A 16 10.66 -26.33 -6.22
N LEU A 17 11.75 -26.12 -6.99
CA LEU A 17 11.83 -25.08 -8.03
C LEU A 17 10.83 -25.35 -9.19
N TYR A 18 9.61 -24.79 -9.05
CA TYR A 18 8.55 -24.87 -10.06
C TYR A 18 7.81 -23.53 -10.11
N PHE A 19 7.22 -23.22 -11.28
CA PHE A 19 6.46 -21.99 -11.50
C PHE A 19 4.98 -22.24 -11.24
N GLN A 20 4.42 -21.54 -10.23
CA GLN A 20 2.98 -21.53 -9.95
C GLN A 20 2.35 -20.36 -10.72
N GLY A 21 2.46 -20.45 -12.06
CA GLY A 21 2.01 -19.41 -12.98
C GLY A 21 0.48 -19.26 -12.99
N HIS A 22 0.01 -18.15 -12.44
CA HIS A 22 -1.42 -17.78 -12.42
C HIS A 22 -1.61 -16.40 -13.05
N MET A 23 -2.88 -15.93 -13.09
CA MET A 23 -3.23 -14.58 -13.58
C MET A 23 -2.61 -13.53 -12.63
N PRO A 24 -1.86 -12.51 -13.17
CA PRO A 24 -1.07 -11.54 -12.37
C PRO A 24 -1.92 -10.45 -11.64
N ASN A 25 -3.10 -10.84 -11.12
CA ASN A 25 -3.82 -10.06 -10.11
C ASN A 25 -3.09 -10.23 -8.77
N ASP A 26 -2.23 -9.27 -8.44
CA ASP A 26 -1.43 -9.25 -7.20
C ASP A 26 -2.00 -8.16 -6.27
N MET A 27 -1.39 -7.99 -5.09
CA MET A 27 -1.77 -6.95 -4.11
C MET A 27 -1.17 -5.58 -4.46
N GLU A 28 -0.33 -5.50 -5.52
CA GLU A 28 0.52 -4.30 -5.84
C GLU A 28 -0.25 -2.96 -5.79
N ASP A 29 -1.25 -2.82 -6.68
CA ASP A 29 -2.06 -1.59 -6.79
C ASP A 29 -2.99 -1.43 -5.58
N HIS A 30 -3.34 -2.56 -4.94
CA HIS A 30 -4.27 -2.61 -3.81
C HIS A 30 -3.61 -2.09 -2.51
N LEU A 31 -2.31 -2.39 -2.37
CA LEU A 31 -1.49 -2.00 -1.20
C LEU A 31 -1.12 -0.52 -1.36
N LEU A 32 -0.93 -0.11 -2.62
CA LEU A 32 -0.66 1.29 -3.00
C LEU A 32 -1.93 2.16 -2.74
N THR A 33 -3.12 1.55 -2.88
CA THR A 33 -4.42 2.18 -2.52
C THR A 33 -4.52 2.38 -0.98
N VAL A 34 -4.08 1.35 -0.23
CA VAL A 34 -4.00 1.41 1.25
C VAL A 34 -3.12 2.58 1.71
N LEU A 35 -1.98 2.75 1.03
CA LEU A 35 -1.03 3.84 1.31
C LEU A 35 -1.64 5.21 0.99
N SER A 36 -2.51 5.26 -0.04
CA SER A 36 -3.19 6.50 -0.46
C SER A 36 -4.13 7.02 0.64
N VAL A 37 -4.78 6.07 1.32
CA VAL A 37 -5.67 6.37 2.46
C VAL A 37 -4.83 6.75 3.69
N ALA A 38 -3.81 5.92 3.97
CA ALA A 38 -2.99 5.99 5.20
C ALA A 38 -2.13 7.28 5.25
N SER A 39 -1.74 7.79 4.06
CA SER A 39 -1.01 9.06 3.95
C SER A 39 -2.00 10.21 3.78
N GLY A 40 -2.89 10.06 2.80
CA GLY A 40 -3.85 11.10 2.43
C GLY A 40 -3.58 11.71 1.06
N VAL A 41 -2.40 11.39 0.47
CA VAL A 41 -2.03 11.84 -0.90
C VAL A 41 -2.70 10.93 -1.95
N PRO A 42 -2.90 11.42 -3.22
CA PRO A 42 -3.38 10.58 -4.34
C PRO A 42 -2.39 9.43 -4.69
N LYS A 43 -2.94 8.36 -5.29
CA LYS A 43 -2.18 7.16 -5.70
C LYS A 43 -1.08 7.50 -6.73
N GLU A 44 -1.26 8.63 -7.44
CA GLU A 44 -0.34 9.11 -8.47
C GLU A 44 1.04 9.47 -7.87
N GLU A 45 1.03 10.05 -6.65
CA GLU A 45 2.26 10.56 -5.98
C GLU A 45 2.99 9.47 -5.17
N ILE A 46 2.42 8.26 -5.16
CA ILE A 46 2.98 7.11 -4.40
C ILE A 46 3.80 6.23 -5.34
N SER A 47 4.95 5.77 -4.85
CA SER A 47 5.82 4.83 -5.57
C SER A 47 6.47 3.89 -4.56
N ARG A 48 6.79 2.67 -5.03
CA ARG A 48 7.65 1.74 -4.28
C ARG A 48 9.06 2.35 -4.12
N ASP A 49 9.47 3.16 -5.12
CA ASP A 49 10.73 3.92 -5.09
C ASP A 49 10.52 5.22 -4.29
N SER A 50 10.56 5.07 -2.96
CA SER A 50 10.33 6.15 -1.99
C SER A 50 10.82 5.69 -0.62
N ARG A 51 11.33 6.63 0.21
CA ARG A 51 11.87 6.33 1.57
C ARG A 51 10.74 6.31 2.62
N MET A 52 9.50 5.99 2.19
CA MET A 52 8.25 6.21 2.95
C MET A 52 7.97 7.73 3.09
N GLU A 53 8.31 8.49 2.01
CA GLU A 53 8.18 9.96 1.96
C GLU A 53 6.72 10.43 2.18
N ASP A 54 6.37 10.62 3.48
CA ASP A 54 5.02 11.02 3.94
C ASP A 54 3.96 9.93 3.65
N LEU A 55 4.41 8.73 3.25
CA LEU A 55 3.53 7.62 2.82
C LEU A 55 3.26 6.64 3.98
N ALA A 56 4.33 6.36 4.75
CA ALA A 56 4.30 5.45 5.90
C ALA A 56 5.48 5.74 6.84
N PHE A 57 5.73 4.81 7.80
CA PHE A 57 6.83 4.87 8.81
C PHE A 57 6.45 5.77 10.03
N ASP A 58 5.56 6.76 9.81
CA ASP A 58 4.90 7.51 10.90
C ASP A 58 4.13 6.53 11.82
N SER A 59 4.23 6.73 13.15
CA SER A 59 3.69 5.81 14.17
C SER A 59 2.19 5.50 13.95
N LEU A 60 1.40 6.54 13.65
CA LEU A 60 -0.06 6.42 13.45
C LEU A 60 -0.36 5.65 12.14
N VAL A 61 0.44 5.91 11.10
CA VAL A 61 0.31 5.21 9.80
C VAL A 61 0.67 3.72 9.94
N VAL A 62 1.69 3.41 10.77
CA VAL A 62 2.12 2.02 11.04
C VAL A 62 1.03 1.25 11.83
N SER A 63 0.32 1.98 12.73
CA SER A 63 -0.82 1.42 13.49
C SER A 63 -1.94 0.98 12.53
N GLU A 64 -2.29 1.89 11.60
CA GLU A 64 -3.33 1.66 10.58
C GLU A 64 -2.90 0.57 9.57
N LEU A 65 -1.60 0.57 9.24
CA LEU A 65 -1.01 -0.35 8.24
C LEU A 65 -1.02 -1.78 8.77
N SER A 66 -0.64 -1.94 10.06
CA SER A 66 -0.63 -3.25 10.74
C SER A 66 -2.04 -3.80 10.89
N LEU A 67 -2.97 -2.91 11.25
CA LEU A 67 -4.41 -3.22 11.41
C LEU A 67 -5.02 -3.64 10.04
N LYS A 68 -4.54 -2.98 8.97
CA LYS A 68 -5.04 -3.20 7.60
C LYS A 68 -4.58 -4.57 7.09
N LEU A 69 -3.27 -4.83 7.22
CA LEU A 69 -2.65 -6.09 6.81
C LEU A 69 -3.26 -7.27 7.58
N ARG A 70 -3.54 -7.03 8.87
CA ARG A 70 -4.05 -8.05 9.81
C ARG A 70 -5.39 -8.66 9.33
N LYS A 71 -6.39 -7.80 9.05
CA LYS A 71 -7.72 -8.27 8.60
C LYS A 71 -7.73 -8.49 7.08
N GLU A 72 -7.51 -7.39 6.33
CA GLU A 72 -7.76 -7.32 4.88
C GLU A 72 -6.81 -8.24 4.07
N PHE A 73 -5.51 -8.18 4.39
CA PHE A 73 -4.47 -8.98 3.69
C PHE A 73 -4.23 -10.34 4.40
N GLY A 74 -4.60 -10.43 5.70
CA GLY A 74 -4.38 -11.63 6.51
C GLY A 74 -2.97 -11.75 7.09
N VAL A 75 -2.11 -10.75 6.79
CA VAL A 75 -0.71 -10.71 7.21
C VAL A 75 -0.59 -10.04 8.60
N THR A 76 -0.27 -10.84 9.63
CA THR A 76 -0.19 -10.36 11.02
C THR A 76 1.09 -10.87 11.71
N GLY A 77 1.43 -10.29 12.88
CA GLY A 77 2.66 -10.62 13.61
C GLY A 77 3.90 -10.03 12.94
N VAL A 78 3.68 -9.03 12.08
CA VAL A 78 4.73 -8.34 11.30
C VAL A 78 4.91 -6.90 11.80
N ASP A 79 4.39 -6.62 13.02
CA ASP A 79 4.32 -5.26 13.61
C ASP A 79 5.72 -4.63 13.75
N ASP A 80 6.67 -5.44 14.25
CA ASP A 80 8.07 -5.02 14.45
C ASP A 80 8.77 -4.82 13.09
N GLU A 81 8.43 -5.66 12.11
CA GLU A 81 8.97 -5.58 10.75
C GLU A 81 8.42 -4.33 10.00
N LEU A 82 7.21 -3.91 10.38
CA LEU A 82 6.58 -2.68 9.84
C LEU A 82 7.23 -1.42 10.45
N ASP A 83 7.79 -1.59 11.65
CA ASP A 83 8.60 -0.56 12.30
C ASP A 83 9.97 -0.44 11.60
N LEU A 84 10.51 -1.60 11.17
CA LEU A 84 11.84 -1.72 10.52
C LEU A 84 11.79 -1.45 9.00
N LEU A 85 10.70 -0.82 8.52
CA LEU A 85 10.56 -0.45 7.10
C LEU A 85 11.43 0.76 6.75
N GLU A 86 12.25 0.60 5.71
CA GLU A 86 13.10 1.65 5.16
C GLU A 86 12.37 2.37 4.03
N THR A 87 11.99 1.58 3.00
CA THR A 87 11.33 2.07 1.79
C THR A 87 9.94 1.43 1.62
N VAL A 88 9.17 1.98 0.67
CA VAL A 88 7.85 1.41 0.30
C VAL A 88 8.07 0.07 -0.44
N ASP A 89 9.18 -0.01 -1.21
CA ASP A 89 9.61 -1.24 -1.91
C ASP A 89 9.87 -2.37 -0.91
N GLU A 90 10.48 -2.00 0.24
CA GLU A 90 10.73 -2.89 1.39
C GLU A 90 9.38 -3.47 1.92
N LEU A 91 8.36 -2.59 2.03
CA LEU A 91 7.00 -2.96 2.47
C LEU A 91 6.36 -3.99 1.52
N PHE A 92 6.45 -3.75 0.20
CA PHE A 92 5.91 -4.68 -0.83
C PHE A 92 6.53 -6.08 -0.70
N GLN A 93 7.86 -6.14 -0.48
CA GLN A 93 8.59 -7.42 -0.31
C GLN A 93 8.20 -8.11 1.01
N LEU A 94 7.97 -7.31 2.06
CA LEU A 94 7.62 -7.80 3.40
C LEU A 94 6.28 -8.55 3.37
N VAL A 95 5.23 -7.85 2.93
CA VAL A 95 3.86 -8.39 2.88
C VAL A 95 3.79 -9.60 1.92
N GLU A 96 4.57 -9.54 0.82
CA GLU A 96 4.64 -10.61 -0.21
C GLU A 96 5.20 -11.91 0.37
N LYS A 97 6.29 -11.80 1.15
CA LYS A 97 6.99 -12.94 1.76
C LYS A 97 6.08 -13.64 2.79
N HIS A 98 5.36 -12.84 3.58
CA HIS A 98 4.44 -13.34 4.62
C HIS A 98 3.08 -13.78 4.03
N ARG A 99 2.80 -13.31 2.79
CA ARG A 99 1.60 -13.72 2.02
C ARG A 99 1.78 -15.17 1.52
N ALA A 100 2.98 -15.46 1.01
CA ALA A 100 3.35 -16.80 0.50
C ALA A 100 3.68 -17.74 1.67
N ALA A 101 4.77 -17.42 2.39
CA ALA A 101 5.20 -18.15 3.58
C ALA A 101 4.36 -17.68 4.78
N GLY A 102 3.33 -18.47 5.09
CA GLY A 102 2.38 -18.16 6.16
C GLY A 102 1.05 -18.83 5.87
N SER A 103 0.53 -18.56 4.65
CA SER A 103 -0.69 -19.15 4.10
C SER A 103 -1.95 -18.84 4.99
N MET A 1 -54.88 21.10 -6.51
CA MET A 1 -54.18 22.19 -5.79
C MET A 1 -53.81 21.75 -4.37
N GLY A 2 -52.50 21.62 -4.10
CA GLY A 2 -52.00 21.26 -2.78
C GLY A 2 -50.48 21.44 -2.67
N SER A 3 -49.99 21.70 -1.45
CA SER A 3 -48.56 21.87 -1.16
C SER A 3 -47.85 20.48 -1.18
N SER A 4 -47.16 20.18 -2.31
CA SER A 4 -46.49 18.90 -2.53
C SER A 4 -45.29 18.71 -1.59
N HIS A 5 -44.40 19.75 -1.55
CA HIS A 5 -43.15 19.77 -0.74
C HIS A 5 -42.18 18.65 -1.16
N ASP A 6 -41.11 19.04 -1.88
CA ASP A 6 -40.14 18.09 -2.46
C ASP A 6 -38.73 18.26 -1.85
N HIS A 7 -38.02 17.12 -1.73
CA HIS A 7 -36.62 17.04 -1.24
C HIS A 7 -35.89 15.87 -1.93
N HIS A 8 -36.08 15.70 -3.26
CA HIS A 8 -35.42 14.59 -4.00
C HIS A 8 -33.92 14.89 -4.29
N HIS A 9 -33.10 14.82 -3.23
CA HIS A 9 -31.65 15.01 -3.31
C HIS A 9 -30.97 13.65 -3.47
N HIS A 10 -29.91 13.62 -4.28
CA HIS A 10 -29.18 12.39 -4.64
C HIS A 10 -27.77 12.78 -5.14
N SER A 11 -26.76 12.00 -4.75
CA SER A 11 -25.36 12.28 -5.08
C SER A 11 -24.62 10.97 -5.38
N SER A 12 -24.40 10.70 -6.67
CA SER A 12 -23.68 9.51 -7.16
C SER A 12 -22.79 9.94 -8.35
N GLY A 13 -21.49 10.15 -8.08
CA GLY A 13 -20.55 10.62 -9.10
C GLY A 13 -19.32 9.73 -9.17
N ARG A 14 -19.43 8.64 -9.95
CA ARG A 14 -18.29 7.74 -10.22
C ARG A 14 -18.42 7.14 -11.64
N GLU A 15 -17.31 7.18 -12.38
CA GLU A 15 -17.18 6.60 -13.72
C GLU A 15 -15.68 6.46 -14.00
N ASN A 16 -15.24 5.23 -14.41
CA ASN A 16 -13.80 4.88 -14.60
C ASN A 16 -13.07 4.85 -13.22
N LEU A 17 -11.87 4.19 -13.19
CA LEU A 17 -11.02 4.02 -11.99
C LEU A 17 -11.72 3.03 -11.03
N TYR A 18 -11.29 1.77 -11.09
CA TYR A 18 -11.86 0.66 -10.31
C TYR A 18 -10.86 0.22 -9.24
N PHE A 19 -11.37 -0.38 -8.16
CA PHE A 19 -10.55 -0.83 -7.01
C PHE A 19 -9.73 -2.09 -7.40
N GLN A 20 -10.25 -2.86 -8.37
CA GLN A 20 -9.57 -4.04 -8.95
C GLN A 20 -8.54 -3.63 -10.03
N GLY A 21 -8.51 -2.32 -10.35
CA GLY A 21 -7.69 -1.78 -11.43
C GLY A 21 -8.34 -2.04 -12.78
N HIS A 22 -7.77 -2.99 -13.52
CA HIS A 22 -8.27 -3.40 -14.86
C HIS A 22 -8.56 -4.92 -14.82
N MET A 23 -7.50 -5.69 -14.57
CA MET A 23 -7.57 -7.14 -14.34
C MET A 23 -7.46 -7.40 -12.82
N PRO A 24 -8.53 -7.95 -12.15
CA PRO A 24 -8.49 -8.33 -10.71
C PRO A 24 -7.42 -9.42 -10.39
N ASN A 25 -7.30 -9.74 -9.08
CA ASN A 25 -6.27 -10.63 -8.49
C ASN A 25 -4.88 -9.95 -8.55
N ASP A 26 -4.60 -9.16 -7.50
CA ASP A 26 -3.37 -8.36 -7.36
C ASP A 26 -3.21 -7.90 -5.91
N MET A 27 -1.96 -7.86 -5.44
CA MET A 27 -1.61 -7.34 -4.10
C MET A 27 -0.95 -5.96 -4.22
N GLU A 28 -0.13 -5.76 -5.29
CA GLU A 28 0.79 -4.61 -5.41
C GLU A 28 0.04 -3.26 -5.52
N ASP A 29 -0.74 -3.11 -6.60
CA ASP A 29 -1.56 -1.90 -6.86
C ASP A 29 -2.59 -1.67 -5.72
N HIS A 30 -3.10 -2.79 -5.16
CA HIS A 30 -4.07 -2.77 -4.05
C HIS A 30 -3.42 -2.27 -2.75
N LEU A 31 -2.13 -2.62 -2.53
CA LEU A 31 -1.36 -2.16 -1.36
C LEU A 31 -1.05 -0.67 -1.51
N LEU A 32 -0.77 -0.25 -2.75
CA LEU A 32 -0.54 1.16 -3.12
C LEU A 32 -1.78 2.03 -2.81
N THR A 33 -2.98 1.43 -3.05
CA THR A 33 -4.27 2.06 -2.72
C THR A 33 -4.49 2.11 -1.18
N VAL A 34 -4.07 1.03 -0.50
CA VAL A 34 -4.12 0.93 0.98
C VAL A 34 -3.26 2.03 1.63
N LEU A 35 -2.10 2.32 1.01
CA LEU A 35 -1.16 3.37 1.46
C LEU A 35 -1.72 4.76 1.15
N SER A 36 -2.45 4.88 0.04
CA SER A 36 -3.11 6.14 -0.35
C SER A 36 -4.13 6.57 0.72
N VAL A 37 -4.82 5.57 1.28
CA VAL A 37 -5.82 5.77 2.34
C VAL A 37 -5.12 5.94 3.72
N ALA A 38 -4.03 5.19 3.94
CA ALA A 38 -3.29 5.17 5.23
C ALA A 38 -2.51 6.50 5.47
N SER A 39 -1.97 7.07 4.37
CA SER A 39 -1.17 8.31 4.42
C SER A 39 -2.08 9.54 4.27
N GLY A 40 -3.08 9.42 3.37
CA GLY A 40 -3.99 10.52 3.03
C GLY A 40 -3.73 11.07 1.64
N VAL A 41 -2.45 11.02 1.21
CA VAL A 41 -2.02 11.45 -0.12
C VAL A 41 -2.45 10.42 -1.20
N PRO A 42 -2.85 10.86 -2.43
CA PRO A 42 -3.26 9.94 -3.53
C PRO A 42 -2.12 8.99 -3.99
N LYS A 43 -2.50 7.98 -4.81
CA LYS A 43 -1.59 6.90 -5.26
C LYS A 43 -0.42 7.43 -6.11
N GLU A 44 -0.63 8.59 -6.76
CA GLU A 44 0.36 9.23 -7.65
C GLU A 44 1.56 9.77 -6.85
N GLU A 45 1.30 10.11 -5.58
CA GLU A 45 2.32 10.64 -4.66
C GLU A 45 3.24 9.51 -4.14
N ILE A 46 2.71 8.28 -4.18
CA ILE A 46 3.37 7.09 -3.61
C ILE A 46 3.87 6.17 -4.74
N SER A 47 5.01 5.54 -4.48
CA SER A 47 5.63 4.52 -5.34
C SER A 47 6.54 3.66 -4.49
N ARG A 48 7.05 2.55 -5.06
CA ARG A 48 7.97 1.65 -4.37
C ARG A 48 9.29 2.39 -4.02
N ASP A 49 9.67 3.35 -4.89
CA ASP A 49 10.94 4.09 -4.76
C ASP A 49 10.74 5.43 -4.02
N SER A 50 9.49 5.75 -3.62
CA SER A 50 9.16 6.98 -2.86
C SER A 50 9.68 6.92 -1.41
N ARG A 51 10.22 5.75 -0.98
CA ARG A 51 10.83 5.52 0.35
C ARG A 51 9.79 5.56 1.49
N MET A 52 10.23 5.17 2.70
CA MET A 52 9.35 5.00 3.85
C MET A 52 9.67 6.06 4.93
N GLU A 53 8.97 7.22 4.84
CA GLU A 53 9.08 8.33 5.81
C GLU A 53 7.79 8.43 6.65
N ASP A 54 6.69 8.83 6.00
CA ASP A 54 5.37 9.03 6.64
C ASP A 54 4.34 8.04 6.08
N LEU A 55 4.64 7.47 4.90
CA LEU A 55 3.71 6.63 4.11
C LEU A 55 3.24 5.38 4.86
N ALA A 56 4.14 4.83 5.70
CA ALA A 56 3.84 3.68 6.59
C ALA A 56 4.87 3.52 7.71
N PHE A 57 5.72 4.56 7.95
CA PHE A 57 6.75 4.52 9.02
C PHE A 57 6.28 5.29 10.26
N ASP A 58 5.49 6.35 10.04
CA ASP A 58 4.88 7.13 11.14
C ASP A 58 4.08 6.20 12.07
N SER A 59 4.29 6.35 13.39
CA SER A 59 3.76 5.41 14.42
C SER A 59 2.26 5.16 14.30
N LEU A 60 1.50 6.22 13.96
CA LEU A 60 0.03 6.13 13.76
C LEU A 60 -0.29 5.30 12.52
N VAL A 61 0.46 5.57 11.43
CA VAL A 61 0.26 4.90 10.13
C VAL A 61 0.68 3.41 10.21
N VAL A 62 1.65 3.08 11.10
CA VAL A 62 2.09 1.69 11.34
C VAL A 62 0.96 0.88 11.99
N SER A 63 0.37 1.45 13.06
CA SER A 63 -0.73 0.84 13.82
C SER A 63 -1.98 0.67 12.93
N GLU A 64 -2.24 1.71 12.10
CA GLU A 64 -3.33 1.72 11.11
C GLU A 64 -3.08 0.68 10.00
N LEU A 65 -1.83 0.58 9.54
CA LEU A 65 -1.47 -0.30 8.41
C LEU A 65 -1.62 -1.76 8.82
N SER A 66 -1.06 -2.13 9.98
CA SER A 66 -1.15 -3.50 10.51
C SER A 66 -2.62 -3.86 10.84
N LEU A 67 -3.42 -2.84 11.25
CA LEU A 67 -4.87 -2.98 11.52
C LEU A 67 -5.61 -3.36 10.23
N LYS A 68 -5.39 -2.57 9.16
CA LYS A 68 -6.15 -2.72 7.90
C LYS A 68 -5.68 -3.97 7.14
N LEU A 69 -4.35 -4.20 7.09
CA LEU A 69 -3.76 -5.41 6.44
C LEU A 69 -4.24 -6.70 7.14
N ARG A 70 -4.53 -6.58 8.46
CA ARG A 70 -5.05 -7.70 9.29
C ARG A 70 -6.36 -8.28 8.72
N LYS A 71 -7.16 -7.41 8.07
CA LYS A 71 -8.44 -7.80 7.41
C LYS A 71 -8.22 -8.03 5.90
N GLU A 72 -7.60 -7.03 5.26
CA GLU A 72 -7.45 -6.95 3.78
C GLU A 72 -6.63 -8.13 3.21
N PHE A 73 -5.43 -8.35 3.77
CA PHE A 73 -4.46 -9.35 3.26
C PHE A 73 -4.11 -10.42 4.33
N GLY A 74 -4.64 -10.23 5.55
CA GLY A 74 -4.37 -11.13 6.70
C GLY A 74 -2.96 -10.98 7.28
N VAL A 75 -2.31 -9.84 7.02
CA VAL A 75 -0.93 -9.55 7.48
C VAL A 75 -0.98 -8.84 8.86
N THR A 76 -0.41 -9.50 9.90
CA THR A 76 -0.52 -9.07 11.32
C THR A 76 0.77 -9.39 12.08
N GLY A 77 1.08 -8.55 13.12
CA GLY A 77 2.25 -8.75 13.98
C GLY A 77 3.56 -8.38 13.29
N VAL A 78 3.43 -7.64 12.17
CA VAL A 78 4.56 -7.22 11.32
C VAL A 78 4.98 -5.77 11.64
N ASP A 79 4.39 -5.19 12.71
CA ASP A 79 4.55 -3.77 13.12
C ASP A 79 6.02 -3.37 13.27
N ASP A 80 6.78 -4.27 13.89
CA ASP A 80 8.22 -4.13 14.15
C ASP A 80 8.99 -4.05 12.83
N GLU A 81 8.60 -4.95 11.89
CA GLU A 81 9.22 -5.05 10.56
C GLU A 81 8.80 -3.86 9.67
N LEU A 82 7.57 -3.32 9.91
CA LEU A 82 7.03 -2.11 9.20
C LEU A 82 7.90 -0.89 9.48
N ASP A 83 8.37 -0.82 10.73
CA ASP A 83 9.29 0.23 11.18
C ASP A 83 10.68 0.02 10.55
N LEU A 84 11.11 -1.25 10.44
CA LEU A 84 12.43 -1.62 9.85
C LEU A 84 12.51 -1.34 8.34
N LEU A 85 11.35 -1.10 7.69
CA LEU A 85 11.29 -0.79 6.25
C LEU A 85 11.83 0.62 5.99
N GLU A 86 12.85 0.69 5.11
CA GLU A 86 13.46 1.98 4.71
C GLU A 86 12.79 2.50 3.42
N THR A 87 12.17 1.58 2.65
CA THR A 87 11.49 1.89 1.36
C THR A 87 10.11 1.21 1.29
N VAL A 88 9.25 1.78 0.41
CA VAL A 88 7.93 1.19 0.11
C VAL A 88 8.10 -0.12 -0.67
N ASP A 89 9.22 -0.24 -1.41
CA ASP A 89 9.59 -1.47 -2.13
C ASP A 89 9.77 -2.63 -1.14
N GLU A 90 10.45 -2.35 -0.01
CA GLU A 90 10.59 -3.30 1.12
C GLU A 90 9.21 -3.67 1.72
N LEU A 91 8.25 -2.71 1.70
CA LEU A 91 6.85 -2.98 2.15
C LEU A 91 6.11 -3.95 1.21
N PHE A 92 6.29 -3.79 -0.11
CA PHE A 92 5.73 -4.73 -1.11
C PHE A 92 6.31 -6.14 -0.90
N GLN A 93 7.62 -6.18 -0.57
CA GLN A 93 8.33 -7.42 -0.21
C GLN A 93 7.77 -8.02 1.10
N LEU A 94 7.46 -7.14 2.08
CA LEU A 94 6.99 -7.53 3.44
C LEU A 94 5.70 -8.33 3.35
N VAL A 95 4.72 -7.79 2.61
CA VAL A 95 3.41 -8.43 2.46
C VAL A 95 3.58 -9.79 1.77
N GLU A 96 4.29 -9.82 0.62
CA GLU A 96 4.55 -11.07 -0.16
C GLU A 96 5.43 -12.08 0.63
N LYS A 97 6.23 -11.58 1.57
CA LYS A 97 7.11 -12.40 2.44
C LYS A 97 6.26 -13.26 3.38
N HIS A 98 5.33 -12.61 4.07
CA HIS A 98 4.44 -13.25 5.07
C HIS A 98 3.23 -13.94 4.39
N ARG A 99 2.98 -13.57 3.12
CA ARG A 99 1.90 -14.16 2.29
C ARG A 99 2.37 -15.52 1.74
N ALA A 100 3.64 -15.59 1.30
CA ALA A 100 4.27 -16.82 0.77
C ALA A 100 4.68 -17.75 1.93
N ALA A 101 5.42 -17.21 2.90
CA ALA A 101 5.83 -17.94 4.10
C ALA A 101 4.70 -17.87 5.15
N GLY A 102 3.89 -18.94 5.20
CA GLY A 102 2.76 -19.02 6.15
C GLY A 102 2.47 -20.46 6.53
N SER A 103 3.53 -21.26 6.67
CA SER A 103 3.44 -22.68 7.06
C SER A 103 3.24 -22.78 8.60
N MET A 1 -28.65 -18.98 -29.09
CA MET A 1 -27.57 -19.19 -30.08
C MET A 1 -26.64 -17.97 -30.07
N GLY A 2 -25.31 -18.24 -30.13
CA GLY A 2 -24.29 -17.22 -30.24
C GLY A 2 -24.00 -16.49 -28.93
N SER A 3 -23.76 -17.28 -27.85
CA SER A 3 -23.38 -16.74 -26.53
C SER A 3 -21.96 -16.15 -26.58
N SER A 4 -21.87 -14.81 -26.73
CA SER A 4 -20.60 -14.08 -26.84
C SER A 4 -20.09 -13.74 -25.44
N HIS A 5 -19.32 -14.66 -24.83
CA HIS A 5 -18.65 -14.46 -23.53
C HIS A 5 -17.16 -14.71 -23.73
N ASP A 6 -16.50 -13.75 -24.37
CA ASP A 6 -15.06 -13.83 -24.76
C ASP A 6 -14.34 -12.52 -24.40
N HIS A 7 -14.90 -11.80 -23.41
CA HIS A 7 -14.37 -10.54 -22.89
C HIS A 7 -13.16 -10.80 -21.96
N HIS A 8 -11.95 -10.66 -22.52
CA HIS A 8 -10.67 -10.81 -21.80
C HIS A 8 -9.87 -9.51 -21.97
N HIS A 9 -9.40 -8.90 -20.85
CA HIS A 9 -8.63 -7.65 -20.90
C HIS A 9 -7.24 -7.90 -21.53
N HIS A 10 -7.04 -7.38 -22.75
CA HIS A 10 -5.75 -7.42 -23.44
C HIS A 10 -4.92 -6.18 -22.99
N SER A 11 -4.18 -6.36 -21.88
CA SER A 11 -3.36 -5.30 -21.28
C SER A 11 -2.20 -4.92 -22.23
N SER A 12 -2.15 -3.64 -22.61
CA SER A 12 -1.13 -3.11 -23.54
C SER A 12 -0.11 -2.25 -22.77
N GLY A 13 1.14 -2.21 -23.28
CA GLY A 13 2.23 -1.44 -22.68
C GLY A 13 2.08 0.05 -22.95
N ARG A 14 1.17 0.68 -22.19
CA ARG A 14 0.84 2.11 -22.31
C ARG A 14 1.10 2.80 -20.96
N GLU A 15 2.23 3.56 -20.90
CA GLU A 15 2.69 4.26 -19.70
C GLU A 15 1.69 5.38 -19.28
N ASN A 16 0.85 5.04 -18.27
CA ASN A 16 -0.13 5.98 -17.66
C ASN A 16 -1.24 6.43 -18.64
N LEU A 17 -1.31 5.77 -19.82
CA LEU A 17 -2.31 6.09 -20.86
C LEU A 17 -3.54 5.17 -20.68
N TYR A 18 -4.12 5.26 -19.48
CA TYR A 18 -5.36 4.56 -19.11
C TYR A 18 -6.09 5.41 -18.03
N PHE A 19 -6.59 6.57 -18.49
CA PHE A 19 -7.31 7.53 -17.65
C PHE A 19 -8.67 6.95 -17.23
N GLN A 20 -9.33 6.24 -18.17
CA GLN A 20 -10.64 5.61 -17.93
C GLN A 20 -10.71 4.26 -18.67
N GLY A 21 -11.29 3.27 -18.00
CA GLY A 21 -11.46 1.92 -18.53
C GLY A 21 -11.67 0.94 -17.40
N HIS A 22 -10.57 0.58 -16.72
CA HIS A 22 -10.57 -0.24 -15.49
C HIS A 22 -9.17 -0.18 -14.85
N MET A 23 -9.12 0.24 -13.58
CA MET A 23 -7.86 0.31 -12.81
C MET A 23 -7.59 -1.06 -12.15
N PRO A 24 -6.28 -1.50 -12.02
CA PRO A 24 -5.90 -2.80 -11.39
C PRO A 24 -6.52 -2.97 -9.98
N ASN A 25 -7.20 -4.12 -9.75
CA ASN A 25 -7.81 -4.45 -8.43
C ASN A 25 -6.94 -5.49 -7.68
N ASP A 26 -5.65 -5.54 -8.04
CA ASP A 26 -4.68 -6.53 -7.57
C ASP A 26 -4.09 -6.13 -6.20
N MET A 27 -3.40 -7.08 -5.53
CA MET A 27 -2.72 -6.87 -4.23
C MET A 27 -1.64 -5.77 -4.33
N GLU A 28 -1.05 -5.61 -5.54
CA GLU A 28 -0.08 -4.54 -5.82
C GLU A 28 -0.71 -3.16 -5.60
N ASP A 29 -1.86 -2.96 -6.25
CA ASP A 29 -2.61 -1.71 -6.19
C ASP A 29 -3.15 -1.48 -4.77
N HIS A 30 -3.52 -2.59 -4.08
CA HIS A 30 -4.02 -2.55 -2.70
C HIS A 30 -2.95 -2.05 -1.71
N LEU A 31 -1.68 -2.45 -1.92
CA LEU A 31 -0.54 -1.96 -1.11
C LEU A 31 -0.26 -0.47 -1.38
N LEU A 32 -0.39 -0.09 -2.65
CA LEU A 32 -0.19 1.30 -3.12
C LEU A 32 -1.32 2.20 -2.55
N THR A 33 -2.53 1.63 -2.50
CA THR A 33 -3.75 2.31 -2.05
C THR A 33 -3.77 2.43 -0.52
N VAL A 34 -3.29 1.40 0.21
CA VAL A 34 -3.34 1.39 1.68
C VAL A 34 -2.40 2.46 2.26
N LEU A 35 -1.25 2.66 1.60
CA LEU A 35 -0.31 3.75 1.95
C LEU A 35 -0.93 5.12 1.64
N SER A 36 -1.65 5.19 0.50
CA SER A 36 -2.33 6.42 0.04
C SER A 36 -3.37 6.91 1.07
N VAL A 37 -4.25 5.98 1.48
CA VAL A 37 -5.39 6.26 2.37
C VAL A 37 -4.92 6.55 3.81
N ALA A 38 -4.00 5.71 4.32
CA ALA A 38 -3.51 5.80 5.71
C ALA A 38 -2.68 7.08 5.94
N SER A 39 -1.90 7.50 4.93
CA SER A 39 -1.06 8.72 4.98
C SER A 39 -1.87 9.98 4.57
N GLY A 40 -3.03 9.77 3.93
CA GLY A 40 -3.90 10.88 3.48
C GLY A 40 -3.43 11.53 2.18
N VAL A 41 -2.40 10.93 1.55
CA VAL A 41 -1.78 11.41 0.31
C VAL A 41 -2.49 10.84 -0.93
N PRO A 42 -2.30 11.45 -2.14
CA PRO A 42 -2.62 10.78 -3.43
C PRO A 42 -1.76 9.52 -3.64
N LYS A 43 -2.31 8.53 -4.33
CA LYS A 43 -1.58 7.30 -4.73
C LYS A 43 -0.51 7.62 -5.81
N GLU A 44 -0.69 8.78 -6.48
CA GLU A 44 0.28 9.35 -7.43
C GLU A 44 1.67 9.61 -6.80
N GLU A 45 1.68 9.85 -5.47
CA GLU A 45 2.91 10.10 -4.68
C GLU A 45 3.74 8.80 -4.50
N ILE A 46 3.07 7.65 -4.73
CA ILE A 46 3.58 6.33 -4.35
C ILE A 46 3.76 5.41 -5.58
N SER A 47 4.96 4.89 -5.75
CA SER A 47 5.28 3.82 -6.72
C SER A 47 5.96 2.67 -5.96
N ARG A 48 6.28 1.57 -6.66
CA ARG A 48 6.91 0.38 -6.05
C ARG A 48 8.36 0.71 -5.62
N ASP A 49 9.06 1.48 -6.45
CA ASP A 49 10.48 1.86 -6.23
C ASP A 49 10.61 3.09 -5.30
N SER A 50 9.47 3.67 -4.90
CA SER A 50 9.42 4.84 -4.00
C SER A 50 9.77 4.45 -2.55
N ARG A 51 10.08 5.47 -1.72
CA ARG A 51 10.30 5.29 -0.27
C ARG A 51 9.15 5.92 0.54
N MET A 52 8.64 5.15 1.50
CA MET A 52 7.65 5.60 2.50
C MET A 52 8.40 6.37 3.62
N GLU A 53 8.94 7.55 3.26
CA GLU A 53 9.75 8.38 4.17
C GLU A 53 8.78 9.28 4.97
N ASP A 54 8.18 10.28 4.28
CA ASP A 54 7.11 11.14 4.84
C ASP A 54 5.80 10.32 5.01
N LEU A 55 5.63 9.34 4.12
CA LEU A 55 4.42 8.53 3.99
C LEU A 55 4.57 7.29 4.86
N ALA A 56 3.48 6.88 5.53
CA ALA A 56 3.36 5.59 6.26
C ALA A 56 4.12 5.53 7.61
N PHE A 57 5.32 6.15 7.68
CA PHE A 57 6.31 5.97 8.75
C PHE A 57 5.82 6.43 10.15
N ASP A 58 4.93 7.43 10.16
CA ASP A 58 4.30 7.95 11.40
C ASP A 58 3.62 6.81 12.18
N SER A 59 3.81 6.78 13.52
CA SER A 59 3.38 5.65 14.38
C SER A 59 1.84 5.41 14.35
N LEU A 60 1.07 6.50 14.19
CA LEU A 60 -0.40 6.44 14.09
C LEU A 60 -0.79 5.82 12.73
N VAL A 61 -0.02 6.17 11.68
CA VAL A 61 -0.24 5.65 10.32
C VAL A 61 0.18 4.17 10.22
N VAL A 62 1.29 3.80 10.91
CA VAL A 62 1.77 2.39 11.01
C VAL A 62 0.74 1.53 11.78
N SER A 63 0.08 2.15 12.78
CA SER A 63 -0.95 1.51 13.59
C SER A 63 -2.14 1.10 12.70
N GLU A 64 -2.61 2.06 11.88
CA GLU A 64 -3.73 1.84 10.94
C GLU A 64 -3.31 0.86 9.82
N LEU A 65 -2.06 1.03 9.33
CA LEU A 65 -1.49 0.24 8.21
C LEU A 65 -1.39 -1.25 8.59
N SER A 66 -0.92 -1.51 9.81
CA SER A 66 -0.76 -2.88 10.34
C SER A 66 -2.11 -3.57 10.51
N LEU A 67 -3.15 -2.79 10.91
CA LEU A 67 -4.54 -3.27 10.99
C LEU A 67 -5.06 -3.67 9.59
N LYS A 68 -4.73 -2.86 8.58
CA LYS A 68 -5.19 -3.09 7.18
C LYS A 68 -4.55 -4.36 6.60
N LEU A 69 -3.23 -4.54 6.82
CA LEU A 69 -2.49 -5.73 6.35
C LEU A 69 -2.97 -6.98 7.10
N ARG A 70 -3.30 -6.78 8.39
CA ARG A 70 -3.80 -7.83 9.30
C ARG A 70 -5.12 -8.42 8.79
N LYS A 71 -5.99 -7.54 8.25
CA LYS A 71 -7.33 -7.94 7.78
C LYS A 71 -7.29 -8.32 6.28
N GLU A 72 -7.04 -7.30 5.43
CA GLU A 72 -7.19 -7.39 3.95
C GLU A 72 -6.20 -8.42 3.33
N PHE A 73 -4.96 -8.40 3.82
CA PHE A 73 -3.89 -9.29 3.31
C PHE A 73 -3.71 -10.52 4.21
N GLY A 74 -4.18 -10.41 5.48
CA GLY A 74 -4.02 -11.48 6.49
C GLY A 74 -2.66 -11.44 7.20
N VAL A 75 -1.76 -10.57 6.71
CA VAL A 75 -0.38 -10.45 7.20
C VAL A 75 -0.35 -9.71 8.56
N THR A 76 -0.27 -10.50 9.64
CA THR A 76 -0.37 -10.02 11.04
C THR A 76 1.00 -10.11 11.73
N GLY A 77 1.21 -9.26 12.76
CA GLY A 77 2.43 -9.29 13.60
C GLY A 77 3.62 -8.63 12.94
N VAL A 78 3.35 -7.77 11.94
CA VAL A 78 4.39 -7.07 11.16
C VAL A 78 4.42 -5.57 11.50
N ASP A 79 3.79 -5.22 12.64
CA ASP A 79 3.63 -3.83 13.13
C ASP A 79 4.98 -3.11 13.25
N ASP A 80 5.88 -3.72 14.03
CA ASP A 80 7.24 -3.22 14.29
C ASP A 80 8.07 -3.24 12.99
N GLU A 81 7.81 -4.26 12.14
CA GLU A 81 8.53 -4.46 10.87
C GLU A 81 8.17 -3.33 9.86
N LEU A 82 6.94 -2.79 9.97
CA LEU A 82 6.45 -1.66 9.14
C LEU A 82 7.14 -0.36 9.53
N ASP A 83 7.35 -0.18 10.85
CA ASP A 83 8.13 0.94 11.39
C ASP A 83 9.58 0.91 10.88
N LEU A 84 10.11 -0.31 10.71
CA LEU A 84 11.47 -0.54 10.18
C LEU A 84 11.54 -0.38 8.65
N LEU A 85 10.39 -0.48 7.94
CA LEU A 85 10.32 -0.27 6.47
C LEU A 85 10.61 1.19 6.09
N GLU A 86 11.39 1.38 5.02
CA GLU A 86 11.74 2.70 4.48
C GLU A 86 11.23 2.82 3.04
N THR A 87 11.32 1.71 2.25
CA THR A 87 10.83 1.69 0.86
C THR A 87 9.55 0.83 0.71
N VAL A 88 8.71 1.28 -0.24
CA VAL A 88 7.47 0.59 -0.62
C VAL A 88 7.81 -0.77 -1.28
N ASP A 89 8.99 -0.83 -1.94
CA ASP A 89 9.55 -2.07 -2.53
C ASP A 89 9.68 -3.17 -1.47
N GLU A 90 10.23 -2.80 -0.30
CA GLU A 90 10.37 -3.72 0.85
C GLU A 90 9.00 -4.16 1.38
N LEU A 91 7.98 -3.25 1.30
CA LEU A 91 6.59 -3.60 1.69
C LEU A 91 6.01 -4.73 0.81
N PHE A 92 6.16 -4.60 -0.53
CA PHE A 92 5.68 -5.61 -1.50
C PHE A 92 6.29 -6.98 -1.21
N GLN A 93 7.61 -6.97 -0.93
CA GLN A 93 8.38 -8.18 -0.62
C GLN A 93 7.90 -8.80 0.70
N LEU A 94 7.79 -7.96 1.75
CA LEU A 94 7.38 -8.35 3.12
C LEU A 94 6.07 -9.16 3.08
N VAL A 95 5.03 -8.52 2.51
CA VAL A 95 3.68 -9.10 2.41
C VAL A 95 3.71 -10.42 1.62
N GLU A 96 4.55 -10.47 0.56
CA GLU A 96 4.71 -11.67 -0.29
C GLU A 96 5.40 -12.82 0.47
N LYS A 97 6.37 -12.49 1.34
CA LYS A 97 7.13 -13.49 2.14
C LYS A 97 6.19 -14.18 3.15
N HIS A 98 5.28 -13.39 3.74
CA HIS A 98 4.28 -13.90 4.70
C HIS A 98 3.10 -14.59 3.96
N ARG A 99 2.88 -14.21 2.70
CA ARG A 99 1.81 -14.79 1.86
C ARG A 99 2.24 -16.17 1.31
N ALA A 100 3.55 -16.32 1.07
CA ALA A 100 4.15 -17.53 0.46
C ALA A 100 4.68 -18.48 1.53
N ALA A 101 5.67 -18.02 2.31
CA ALA A 101 6.43 -18.85 3.28
C ALA A 101 5.99 -18.63 4.74
N GLY A 102 5.15 -17.60 4.98
CA GLY A 102 4.71 -17.23 6.34
C GLY A 102 3.33 -17.76 6.67
N SER A 103 3.09 -19.03 6.35
CA SER A 103 1.80 -19.72 6.59
C SER A 103 1.75 -20.26 8.04
N MET A 1 -0.49 33.13 -51.50
CA MET A 1 -1.80 33.81 -51.62
C MET A 1 -2.86 33.04 -50.82
N GLY A 2 -3.31 33.63 -49.70
CA GLY A 2 -4.29 33.01 -48.81
C GLY A 2 -3.65 32.41 -47.56
N SER A 3 -3.93 31.12 -47.28
CA SER A 3 -3.40 30.39 -46.12
C SER A 3 -2.96 28.97 -46.54
N SER A 4 -1.64 28.80 -46.75
CA SER A 4 -1.04 27.50 -47.04
C SER A 4 -0.88 26.71 -45.74
N HIS A 5 -1.61 25.59 -45.61
CA HIS A 5 -1.55 24.70 -44.44
C HIS A 5 -0.40 23.70 -44.66
N ASP A 6 -0.70 22.55 -45.33
CA ASP A 6 0.32 21.57 -45.82
C ASP A 6 1.18 20.96 -44.69
N HIS A 7 0.67 21.03 -43.45
CA HIS A 7 1.37 20.54 -42.24
C HIS A 7 0.68 19.30 -41.68
N HIS A 8 1.32 18.69 -40.66
CA HIS A 8 0.81 17.51 -39.97
C HIS A 8 1.29 17.57 -38.50
N HIS A 9 0.37 17.35 -37.56
CA HIS A 9 0.65 17.43 -36.11
C HIS A 9 1.21 16.10 -35.57
N HIS A 10 0.97 14.99 -36.32
CA HIS A 10 1.36 13.62 -35.93
C HIS A 10 0.69 13.23 -34.60
N SER A 11 -0.55 12.70 -34.69
CA SER A 11 -1.35 12.30 -33.53
C SER A 11 -0.88 10.93 -32.99
N SER A 12 0.28 10.94 -32.32
CA SER A 12 0.95 9.76 -31.74
C SER A 12 2.21 10.20 -30.99
N GLY A 13 2.72 9.35 -30.10
CA GLY A 13 3.94 9.62 -29.36
C GLY A 13 4.17 8.61 -28.25
N ARG A 14 3.35 8.70 -27.19
CA ARG A 14 3.50 7.88 -25.97
C ARG A 14 2.17 7.25 -25.57
N GLU A 15 2.26 6.13 -24.83
CA GLU A 15 1.10 5.34 -24.37
C GLU A 15 1.51 4.48 -23.15
N ASN A 16 1.38 5.06 -21.94
CA ASN A 16 1.64 4.33 -20.67
C ASN A 16 0.50 3.32 -20.43
N LEU A 17 -0.74 3.84 -20.40
CA LEU A 17 -1.97 3.04 -20.34
C LEU A 17 -2.86 3.43 -21.52
N TYR A 18 -2.89 4.75 -21.80
CA TYR A 18 -3.64 5.35 -22.93
C TYR A 18 -5.16 5.22 -22.69
N PHE A 19 -5.56 5.02 -21.41
CA PHE A 19 -6.96 4.78 -20.97
C PHE A 19 -7.53 3.48 -21.59
N GLN A 20 -6.63 2.53 -21.94
CA GLN A 20 -7.00 1.26 -22.58
C GLN A 20 -7.44 0.25 -21.51
N GLY A 21 -8.77 0.14 -21.35
CA GLY A 21 -9.40 -0.84 -20.45
C GLY A 21 -9.27 -0.45 -18.98
N HIS A 22 -8.32 -1.09 -18.27
CA HIS A 22 -8.12 -0.90 -16.81
C HIS A 22 -6.63 -1.00 -16.44
N MET A 23 -6.32 -0.62 -15.19
CA MET A 23 -4.98 -0.76 -14.61
C MET A 23 -4.83 -2.18 -14.01
N PRO A 24 -3.59 -2.78 -13.93
CA PRO A 24 -3.37 -4.09 -13.26
C PRO A 24 -3.63 -4.00 -11.73
N ASN A 25 -4.91 -4.15 -11.35
CA ASN A 25 -5.38 -3.99 -9.97
C ASN A 25 -5.28 -5.32 -9.20
N ASP A 26 -4.14 -5.52 -8.50
CA ASP A 26 -3.91 -6.71 -7.63
C ASP A 26 -2.70 -6.49 -6.70
N MET A 27 -2.84 -7.02 -5.46
CA MET A 27 -1.86 -6.94 -4.33
C MET A 27 -1.20 -5.55 -4.21
N GLU A 28 -0.16 -5.30 -5.06
CA GLU A 28 0.60 -4.04 -5.07
C GLU A 28 -0.32 -2.82 -5.20
N ASP A 29 -1.24 -2.89 -6.17
CA ASP A 29 -2.17 -1.80 -6.48
C ASP A 29 -3.00 -1.39 -5.25
N HIS A 30 -3.55 -2.40 -4.53
CA HIS A 30 -4.35 -2.15 -3.33
C HIS A 30 -3.45 -1.72 -2.15
N LEU A 31 -2.17 -2.13 -2.18
CA LEU A 31 -1.16 -1.74 -1.18
C LEU A 31 -0.88 -0.23 -1.30
N LEU A 32 -0.80 0.28 -2.55
CA LEU A 32 -0.73 1.74 -2.82
C LEU A 32 -1.98 2.45 -2.27
N THR A 33 -3.16 1.82 -2.45
CA THR A 33 -4.46 2.33 -1.97
C THR A 33 -4.48 2.41 -0.42
N VAL A 34 -3.87 1.41 0.24
CA VAL A 34 -3.77 1.38 1.72
C VAL A 34 -2.95 2.58 2.21
N LEU A 35 -1.76 2.79 1.62
CA LEU A 35 -0.85 3.88 2.01
C LEU A 35 -1.47 5.26 1.71
N SER A 36 -2.11 5.40 0.54
CA SER A 36 -2.66 6.68 0.05
C SER A 36 -3.79 7.20 0.95
N VAL A 37 -4.64 6.27 1.42
CA VAL A 37 -5.74 6.56 2.37
C VAL A 37 -5.17 6.79 3.78
N ALA A 38 -4.05 6.10 4.10
CA ALA A 38 -3.39 6.19 5.43
C ALA A 38 -2.40 7.39 5.52
N SER A 39 -2.16 8.08 4.38
CA SER A 39 -1.26 9.24 4.31
C SER A 39 -2.06 10.51 4.02
N GLY A 40 -2.72 10.51 2.84
CA GLY A 40 -3.44 11.68 2.33
C GLY A 40 -3.17 11.91 0.84
N VAL A 41 -1.94 11.59 0.40
CA VAL A 41 -1.51 11.76 -1.00
C VAL A 41 -2.18 10.71 -1.92
N PRO A 42 -2.35 11.00 -3.26
CA PRO A 42 -2.74 9.99 -4.27
C PRO A 42 -1.82 8.75 -4.30
N LYS A 43 -2.39 7.60 -4.71
CA LYS A 43 -1.66 6.31 -4.79
C LYS A 43 -0.60 6.31 -5.92
N GLU A 44 -0.79 7.20 -6.92
CA GLU A 44 0.14 7.36 -8.05
C GLU A 44 1.43 8.08 -7.60
N GLU A 45 1.32 8.88 -6.51
CA GLU A 45 2.46 9.59 -5.90
C GLU A 45 3.38 8.63 -5.14
N ILE A 46 2.86 7.44 -4.81
CA ILE A 46 3.58 6.42 -4.04
C ILE A 46 4.09 5.33 -4.99
N SER A 47 5.41 5.09 -4.96
CA SER A 47 6.07 4.03 -5.72
C SER A 47 7.04 3.27 -4.78
N ARG A 48 7.75 2.26 -5.33
CA ARG A 48 8.59 1.34 -4.54
C ARG A 48 9.71 2.09 -3.76
N ASP A 49 10.50 2.88 -4.48
CA ASP A 49 11.66 3.61 -3.92
C ASP A 49 11.27 5.03 -3.42
N SER A 50 9.95 5.37 -3.49
CA SER A 50 9.45 6.70 -3.04
C SER A 50 9.40 6.84 -1.51
N ARG A 51 9.80 5.77 -0.80
CA ARG A 51 9.83 5.71 0.68
C ARG A 51 8.41 5.76 1.29
N MET A 52 8.36 5.51 2.59
CA MET A 52 7.17 5.74 3.43
C MET A 52 7.49 6.82 4.47
N GLU A 53 8.41 7.73 4.10
CA GLU A 53 8.98 8.74 5.00
C GLU A 53 7.87 9.64 5.59
N ASP A 54 7.09 10.26 4.70
CA ASP A 54 5.94 11.12 5.06
C ASP A 54 4.61 10.37 4.88
N LEU A 55 4.69 9.02 4.77
CA LEU A 55 3.52 8.18 4.39
C LEU A 55 3.10 7.27 5.55
N ALA A 56 3.95 6.28 5.88
CA ALA A 56 3.61 5.24 6.88
C ALA A 56 4.46 5.35 8.16
N PHE A 57 5.63 6.00 8.06
CA PHE A 57 6.59 6.12 9.19
C PHE A 57 6.02 7.05 10.29
N ASP A 58 5.28 6.42 11.22
CA ASP A 58 4.56 7.07 12.33
C ASP A 58 3.90 5.98 13.18
N SER A 59 3.79 6.20 14.51
CA SER A 59 3.23 5.21 15.45
C SER A 59 1.79 4.78 15.06
N LEU A 60 0.95 5.77 14.74
CA LEU A 60 -0.48 5.55 14.45
C LEU A 60 -0.66 4.92 13.05
N VAL A 61 0.18 5.35 12.06
CA VAL A 61 0.05 4.88 10.66
C VAL A 61 0.65 3.47 10.46
N VAL A 62 1.73 3.14 11.20
CA VAL A 62 2.30 1.77 11.23
C VAL A 62 1.27 0.79 11.89
N SER A 63 0.56 1.28 12.94
CA SER A 63 -0.55 0.53 13.58
C SER A 63 -1.74 0.37 12.62
N GLU A 64 -2.01 1.41 11.83
CA GLU A 64 -3.13 1.44 10.87
C GLU A 64 -2.80 0.53 9.67
N LEU A 65 -1.52 0.53 9.27
CA LEU A 65 -1.00 -0.29 8.17
C LEU A 65 -1.07 -1.77 8.56
N SER A 66 -0.59 -2.10 9.77
CA SER A 66 -0.59 -3.47 10.29
C SER A 66 -2.01 -3.99 10.53
N LEU A 67 -2.93 -3.09 10.92
CA LEU A 67 -4.37 -3.43 11.11
C LEU A 67 -5.05 -3.72 9.76
N LYS A 68 -4.69 -2.92 8.74
CA LYS A 68 -5.27 -3.02 7.39
C LYS A 68 -4.78 -4.29 6.68
N LEU A 69 -3.46 -4.56 6.83
CA LEU A 69 -2.81 -5.76 6.30
C LEU A 69 -3.34 -7.01 7.01
N ARG A 70 -3.57 -6.89 8.33
CA ARG A 70 -4.13 -7.95 9.21
C ARG A 70 -5.47 -8.47 8.66
N LYS A 71 -6.34 -7.53 8.27
CA LYS A 71 -7.67 -7.85 7.73
C LYS A 71 -7.56 -8.41 6.30
N GLU A 72 -7.12 -7.54 5.37
CA GLU A 72 -7.24 -7.79 3.92
C GLU A 72 -6.19 -8.80 3.42
N PHE A 73 -4.92 -8.51 3.70
CA PHE A 73 -3.78 -9.31 3.19
C PHE A 73 -3.42 -10.46 4.15
N GLY A 74 -4.00 -10.42 5.38
CA GLY A 74 -3.73 -11.39 6.44
C GLY A 74 -2.42 -11.16 7.20
N VAL A 75 -1.60 -10.20 6.71
CA VAL A 75 -0.24 -9.96 7.22
C VAL A 75 -0.27 -9.18 8.57
N THR A 76 -0.05 -9.92 9.67
CA THR A 76 -0.10 -9.36 11.04
C THR A 76 1.07 -9.91 11.87
N GLY A 77 1.27 -9.31 13.07
CA GLY A 77 2.38 -9.65 13.96
C GLY A 77 3.72 -9.13 13.45
N VAL A 78 3.67 -8.20 12.46
CA VAL A 78 4.86 -7.67 11.74
C VAL A 78 4.99 -6.15 11.92
N ASP A 79 4.28 -5.61 12.93
CA ASP A 79 4.16 -4.15 13.18
C ASP A 79 5.54 -3.47 13.32
N ASP A 80 6.44 -4.11 14.09
CA ASP A 80 7.79 -3.58 14.36
C ASP A 80 8.65 -3.56 13.09
N GLU A 81 8.44 -4.56 12.21
CA GLU A 81 9.13 -4.63 10.90
C GLU A 81 8.64 -3.49 9.99
N LEU A 82 7.33 -3.17 10.05
CA LEU A 82 6.72 -2.09 9.25
C LEU A 82 7.29 -0.72 9.65
N ASP A 83 7.66 -0.59 10.94
CA ASP A 83 8.33 0.62 11.46
C ASP A 83 9.82 0.67 11.01
N LEU A 84 10.45 -0.53 10.92
CA LEU A 84 11.83 -0.69 10.40
C LEU A 84 11.89 -0.43 8.89
N LEU A 85 10.74 -0.59 8.20
CA LEU A 85 10.64 -0.34 6.75
C LEU A 85 10.59 1.17 6.46
N GLU A 86 11.59 1.64 5.73
CA GLU A 86 11.71 3.05 5.32
C GLU A 86 11.21 3.25 3.88
N THR A 87 11.04 2.12 3.15
CA THR A 87 10.80 2.10 1.70
C THR A 87 9.70 1.08 1.33
N VAL A 88 8.90 1.45 0.31
CA VAL A 88 7.68 0.69 -0.09
C VAL A 88 8.06 -0.58 -0.85
N ASP A 89 9.26 -0.61 -1.47
CA ASP A 89 9.76 -1.78 -2.22
C ASP A 89 9.85 -3.00 -1.30
N GLU A 90 10.49 -2.77 -0.15
CA GLU A 90 10.66 -3.78 0.90
C GLU A 90 9.31 -4.11 1.55
N LEU A 91 8.40 -3.10 1.61
CA LEU A 91 7.02 -3.31 2.11
C LEU A 91 6.22 -4.28 1.22
N PHE A 92 6.28 -4.06 -0.13
CA PHE A 92 5.61 -4.93 -1.13
C PHE A 92 6.10 -6.38 -0.96
N GLN A 93 7.43 -6.51 -0.82
CA GLN A 93 8.09 -7.80 -0.68
C GLN A 93 7.76 -8.47 0.67
N LEU A 94 7.59 -7.66 1.74
CA LEU A 94 7.29 -8.19 3.09
C LEU A 94 5.86 -8.76 3.13
N VAL A 95 4.91 -7.97 2.59
CA VAL A 95 3.50 -8.37 2.50
C VAL A 95 3.38 -9.67 1.68
N GLU A 96 4.03 -9.70 0.51
CA GLU A 96 4.03 -10.86 -0.41
C GLU A 96 4.76 -12.09 0.19
N LYS A 97 5.85 -11.83 0.93
CA LYS A 97 6.67 -12.89 1.57
C LYS A 97 5.85 -13.65 2.62
N HIS A 98 5.19 -12.88 3.49
CA HIS A 98 4.39 -13.41 4.62
C HIS A 98 3.03 -13.94 4.13
N ARG A 99 2.61 -13.52 2.93
CA ARG A 99 1.38 -13.98 2.27
C ARG A 99 1.60 -15.38 1.65
N ALA A 100 2.72 -15.53 0.92
CA ALA A 100 3.09 -16.80 0.27
C ALA A 100 3.59 -17.79 1.32
N ALA A 101 4.68 -17.43 1.99
CA ALA A 101 5.29 -18.24 3.04
C ALA A 101 4.54 -18.03 4.37
N GLY A 102 3.37 -18.69 4.48
CA GLY A 102 2.59 -18.74 5.70
C GLY A 102 2.44 -20.17 6.21
N SER A 103 3.33 -21.06 5.74
CA SER A 103 3.35 -22.47 6.12
C SER A 103 4.05 -22.68 7.49
N MET A 1 -10.38 5.51 27.92
CA MET A 1 -10.91 4.18 27.60
C MET A 1 -12.30 4.35 26.97
N GLY A 2 -12.47 3.84 25.74
CA GLY A 2 -13.70 4.03 24.97
C GLY A 2 -13.58 5.19 23.98
N SER A 3 -14.73 5.72 23.54
CA SER A 3 -14.85 6.78 22.50
C SER A 3 -14.05 6.42 21.22
N SER A 4 -14.66 5.56 20.39
CA SER A 4 -14.11 5.17 19.09
C SER A 4 -14.28 6.33 18.09
N HIS A 5 -13.21 7.13 17.93
CA HIS A 5 -13.17 8.24 16.95
C HIS A 5 -13.33 7.73 15.51
N ASP A 6 -12.76 6.51 15.27
CA ASP A 6 -12.74 5.81 13.97
C ASP A 6 -11.92 6.59 12.91
N HIS A 7 -11.44 5.87 11.87
CA HIS A 7 -10.64 6.46 10.80
C HIS A 7 -11.53 7.34 9.88
N HIS A 8 -12.57 6.70 9.30
CA HIS A 8 -13.67 7.37 8.56
C HIS A 8 -13.17 8.30 7.41
N HIS A 9 -12.89 7.72 6.23
CA HIS A 9 -12.55 8.49 5.00
C HIS A 9 -13.61 8.21 3.91
N HIS A 10 -14.24 9.28 3.41
CA HIS A 10 -15.19 9.20 2.29
C HIS A 10 -14.57 9.96 1.10
N SER A 11 -13.57 9.30 0.48
CA SER A 11 -12.77 9.88 -0.62
C SER A 11 -13.46 9.63 -1.97
N SER A 12 -14.42 10.51 -2.29
CA SER A 12 -15.16 10.47 -3.57
C SER A 12 -15.36 11.91 -4.09
N GLY A 13 -15.74 12.02 -5.38
CA GLY A 13 -15.91 13.29 -6.07
C GLY A 13 -15.18 13.28 -7.39
N ARG A 14 -14.08 14.05 -7.50
CA ARG A 14 -13.27 14.15 -8.73
C ARG A 14 -12.19 13.04 -8.73
N GLU A 15 -12.56 11.88 -9.27
CA GLU A 15 -11.66 10.73 -9.44
C GLU A 15 -11.01 10.79 -10.84
N ASN A 16 -9.72 10.41 -10.94
CA ASN A 16 -8.96 10.47 -12.20
C ASN A 16 -8.69 9.06 -12.74
N LEU A 17 -8.71 8.94 -14.08
CA LEU A 17 -8.41 7.69 -14.79
C LEU A 17 -6.91 7.38 -14.76
N TYR A 18 -6.57 6.12 -15.09
CA TYR A 18 -5.17 5.63 -15.16
C TYR A 18 -4.61 5.82 -16.59
N PHE A 19 -3.30 5.58 -16.74
CA PHE A 19 -2.62 5.55 -18.04
C PHE A 19 -2.45 4.09 -18.50
N GLN A 20 -2.03 3.23 -17.56
CA GLN A 20 -1.77 1.81 -17.79
C GLN A 20 -2.29 0.99 -16.61
N GLY A 21 -2.79 -0.22 -16.90
CA GLY A 21 -3.28 -1.13 -15.86
C GLY A 21 -4.36 -2.06 -16.39
N HIS A 22 -5.58 -1.48 -16.58
CA HIS A 22 -6.82 -2.21 -16.99
C HIS A 22 -7.25 -3.26 -15.95
N MET A 23 -6.67 -3.15 -14.74
CA MET A 23 -6.93 -4.06 -13.62
C MET A 23 -6.43 -3.38 -12.32
N PRO A 24 -7.24 -2.43 -11.73
CA PRO A 24 -6.93 -1.82 -10.42
C PRO A 24 -7.44 -2.69 -9.26
N ASN A 25 -7.21 -2.22 -8.02
CA ASN A 25 -7.67 -2.86 -6.76
C ASN A 25 -6.98 -4.23 -6.51
N ASP A 26 -5.98 -4.58 -7.36
CA ASP A 26 -5.23 -5.85 -7.26
C ASP A 26 -3.98 -5.62 -6.41
N MET A 27 -3.56 -6.69 -5.67
CA MET A 27 -2.52 -6.69 -4.58
C MET A 27 -1.53 -5.48 -4.57
N GLU A 28 -0.77 -5.30 -5.67
CA GLU A 28 0.25 -4.23 -5.78
C GLU A 28 -0.42 -2.84 -5.71
N ASP A 29 -1.35 -2.58 -6.64
CA ASP A 29 -2.11 -1.31 -6.69
C ASP A 29 -2.95 -1.10 -5.42
N HIS A 30 -3.41 -2.23 -4.83
CA HIS A 30 -4.23 -2.21 -3.62
C HIS A 30 -3.36 -1.82 -2.42
N LEU A 31 -2.06 -2.20 -2.43
CA LEU A 31 -1.10 -1.81 -1.38
C LEU A 31 -0.88 -0.29 -1.42
N LEU A 32 -0.85 0.27 -2.64
CA LEU A 32 -0.83 1.73 -2.87
C LEU A 32 -2.15 2.38 -2.38
N THR A 33 -3.29 1.67 -2.54
CA THR A 33 -4.62 2.14 -2.06
C THR A 33 -4.63 2.20 -0.52
N VAL A 34 -4.04 1.17 0.11
CA VAL A 34 -3.92 1.06 1.58
C VAL A 34 -3.14 2.26 2.14
N LEU A 35 -2.00 2.57 1.48
CA LEU A 35 -1.14 3.70 1.85
C LEU A 35 -1.84 5.05 1.56
N SER A 36 -2.59 5.12 0.45
CA SER A 36 -3.28 6.35 -0.02
C SER A 36 -4.36 6.80 0.97
N VAL A 37 -5.08 5.82 1.53
CA VAL A 37 -6.14 6.06 2.52
C VAL A 37 -5.52 6.32 3.92
N ALA A 38 -4.36 5.70 4.18
CA ALA A 38 -3.63 5.84 5.46
C ALA A 38 -2.88 7.19 5.56
N SER A 39 -2.52 7.78 4.40
CA SER A 39 -1.76 9.04 4.35
C SER A 39 -2.67 10.19 3.86
N GLY A 40 -3.12 10.11 2.60
CA GLY A 40 -3.91 11.16 1.96
C GLY A 40 -3.48 11.43 0.53
N VAL A 41 -2.19 11.15 0.22
CA VAL A 41 -1.64 11.31 -1.15
C VAL A 41 -2.23 10.25 -2.11
N PRO A 42 -2.71 10.67 -3.32
CA PRO A 42 -3.25 9.73 -4.36
C PRO A 42 -2.19 8.71 -4.83
N LYS A 43 -2.65 7.58 -5.41
CA LYS A 43 -1.77 6.47 -5.86
C LYS A 43 -0.82 6.90 -7.00
N GLU A 44 -1.18 7.99 -7.68
CA GLU A 44 -0.37 8.58 -8.76
C GLU A 44 0.96 9.16 -8.21
N GLU A 45 0.95 9.53 -6.91
CA GLU A 45 2.14 10.05 -6.20
C GLU A 45 2.81 8.96 -5.33
N ILE A 46 2.36 7.70 -5.47
CA ILE A 46 2.89 6.57 -4.67
C ILE A 46 3.63 5.58 -5.59
N SER A 47 4.76 5.06 -5.11
CA SER A 47 5.63 4.11 -5.85
C SER A 47 6.36 3.21 -4.84
N ARG A 48 7.09 2.19 -5.35
CA ARG A 48 8.03 1.38 -4.52
C ARG A 48 9.23 2.26 -4.08
N ASP A 49 9.56 3.24 -4.94
CA ASP A 49 10.66 4.20 -4.72
C ASP A 49 10.13 5.46 -3.98
N SER A 50 8.93 5.35 -3.36
CA SER A 50 8.39 6.40 -2.47
C SER A 50 9.19 6.44 -1.15
N ARG A 51 9.89 5.31 -0.82
CA ARG A 51 10.91 5.23 0.27
C ARG A 51 10.34 5.66 1.66
N MET A 52 9.00 5.57 1.83
CA MET A 52 8.30 5.87 3.10
C MET A 52 8.53 7.33 3.57
N GLU A 53 8.23 8.31 2.68
CA GLU A 53 8.34 9.75 3.03
C GLU A 53 7.28 10.14 4.08
N ASP A 54 6.02 10.18 3.61
CA ASP A 54 4.83 10.49 4.42
C ASP A 54 4.04 9.19 4.72
N LEU A 55 4.30 8.16 3.90
CA LEU A 55 3.51 6.93 3.85
C LEU A 55 4.13 5.87 4.77
N ALA A 56 3.25 5.23 5.58
CA ALA A 56 3.57 4.12 6.50
C ALA A 56 4.46 4.58 7.68
N PHE A 57 5.73 4.93 7.38
CA PHE A 57 6.76 5.34 8.35
C PHE A 57 6.31 6.55 9.21
N ASP A 58 5.68 6.21 10.33
CA ASP A 58 5.14 7.14 11.35
C ASP A 58 4.44 6.28 12.40
N SER A 59 4.47 6.68 13.69
CA SER A 59 3.90 5.88 14.80
C SER A 59 2.40 5.54 14.59
N LEU A 60 1.62 6.56 14.17
CA LEU A 60 0.17 6.42 13.91
C LEU A 60 -0.09 5.58 12.66
N VAL A 61 0.61 5.93 11.56
CA VAL A 61 0.37 5.33 10.23
C VAL A 61 0.85 3.86 10.17
N VAL A 62 1.85 3.51 11.00
CA VAL A 62 2.31 2.11 11.19
C VAL A 62 1.25 1.32 11.99
N SER A 63 0.70 1.93 13.07
CA SER A 63 -0.36 1.31 13.90
C SER A 63 -1.64 1.07 13.06
N GLU A 64 -1.92 2.00 12.14
CA GLU A 64 -3.06 1.92 11.25
C GLU A 64 -2.76 0.88 10.15
N LEU A 65 -1.50 0.83 9.67
CA LEU A 65 -1.04 -0.17 8.67
C LEU A 65 -1.09 -1.59 9.27
N SER A 66 -0.93 -1.67 10.61
CA SER A 66 -1.03 -2.92 11.38
C SER A 66 -2.45 -3.50 11.28
N LEU A 67 -3.47 -2.64 11.52
CA LEU A 67 -4.89 -3.05 11.43
C LEU A 67 -5.36 -3.20 9.96
N LYS A 68 -4.64 -2.56 8.99
CA LYS A 68 -4.91 -2.76 7.55
C LYS A 68 -4.62 -4.22 7.20
N LEU A 69 -3.32 -4.61 7.36
CA LEU A 69 -2.79 -5.93 6.94
C LEU A 69 -3.49 -7.08 7.68
N ARG A 70 -3.93 -6.79 8.92
CA ARG A 70 -4.75 -7.69 9.76
C ARG A 70 -5.99 -8.16 8.98
N LYS A 71 -6.71 -7.20 8.36
CA LYS A 71 -7.95 -7.46 7.62
C LYS A 71 -7.68 -7.73 6.12
N GLU A 72 -6.54 -7.20 5.63
CA GLU A 72 -6.24 -7.09 4.18
C GLU A 72 -5.62 -8.38 3.64
N PHE A 73 -4.54 -8.84 4.29
CA PHE A 73 -3.80 -10.06 3.89
C PHE A 73 -3.87 -11.13 4.99
N GLY A 74 -4.52 -10.79 6.13
CA GLY A 74 -4.68 -11.72 7.26
C GLY A 74 -3.48 -11.75 8.20
N VAL A 75 -2.42 -11.00 7.83
CA VAL A 75 -1.16 -10.94 8.60
C VAL A 75 -1.30 -9.78 9.63
N THR A 76 -1.64 -10.12 10.89
CA THR A 76 -2.04 -9.14 11.92
C THR A 76 -0.82 -8.46 12.55
N GLY A 77 -0.98 -7.15 12.86
CA GLY A 77 0.02 -6.37 13.57
C GLY A 77 1.23 -6.05 12.70
N VAL A 78 2.21 -6.96 12.69
CA VAL A 78 3.48 -6.84 11.91
C VAL A 78 4.29 -5.60 12.41
N ASP A 79 4.00 -5.17 13.66
CA ASP A 79 4.45 -3.89 14.24
C ASP A 79 5.99 -3.74 14.21
N ASP A 80 6.70 -4.84 14.51
CA ASP A 80 8.16 -4.88 14.54
C ASP A 80 8.74 -4.59 13.15
N GLU A 81 8.14 -5.23 12.14
CA GLU A 81 8.62 -5.15 10.76
C GLU A 81 8.33 -3.77 10.15
N LEU A 82 7.08 -3.30 10.31
CA LEU A 82 6.60 -2.01 9.75
C LEU A 82 7.39 -0.82 10.31
N ASP A 83 7.86 -0.98 11.57
CA ASP A 83 8.79 -0.02 12.21
C ASP A 83 10.17 -0.06 11.51
N LEU A 84 10.65 -1.29 11.23
CA LEU A 84 11.97 -1.52 10.61
C LEU A 84 11.96 -1.10 9.11
N LEU A 85 10.78 -1.15 8.46
CA LEU A 85 10.63 -0.83 7.03
C LEU A 85 10.90 0.66 6.78
N GLU A 86 12.01 0.93 6.09
CA GLU A 86 12.48 2.28 5.79
C GLU A 86 12.10 2.68 4.35
N THR A 87 11.87 1.67 3.47
CA THR A 87 11.45 1.89 2.06
C THR A 87 10.18 1.07 1.72
N VAL A 88 9.36 1.62 0.80
CA VAL A 88 8.12 0.97 0.34
C VAL A 88 8.45 -0.32 -0.44
N ASP A 89 9.65 -0.35 -1.07
CA ASP A 89 10.15 -1.55 -1.76
C ASP A 89 10.28 -2.73 -0.77
N GLU A 90 10.79 -2.45 0.45
CA GLU A 90 10.89 -3.45 1.54
C GLU A 90 9.49 -3.87 2.05
N LEU A 91 8.51 -2.95 1.96
CA LEU A 91 7.08 -3.28 2.23
C LEU A 91 6.55 -4.28 1.19
N PHE A 92 6.95 -4.10 -0.08
CA PHE A 92 6.62 -5.05 -1.17
C PHE A 92 7.25 -6.42 -0.91
N GLN A 93 8.52 -6.44 -0.42
CA GLN A 93 9.25 -7.69 -0.10
C GLN A 93 8.52 -8.45 1.03
N LEU A 94 8.06 -7.70 2.04
CA LEU A 94 7.30 -8.23 3.17
C LEU A 94 5.99 -8.89 2.70
N VAL A 95 5.13 -8.10 2.05
CA VAL A 95 3.78 -8.54 1.66
C VAL A 95 3.82 -9.70 0.64
N GLU A 96 4.76 -9.60 -0.33
CA GLU A 96 4.90 -10.59 -1.44
C GLU A 96 5.37 -11.95 -0.88
N LYS A 97 6.49 -11.92 -0.14
CA LYS A 97 7.17 -13.14 0.36
C LYS A 97 6.30 -13.88 1.39
N HIS A 98 5.57 -13.12 2.23
CA HIS A 98 4.70 -13.68 3.30
C HIS A 98 3.31 -14.09 2.78
N ARG A 99 2.86 -13.50 1.65
CA ARG A 99 1.60 -13.92 0.99
C ARG A 99 1.85 -15.26 0.27
N ALA A 100 3.06 -15.40 -0.31
CA ALA A 100 3.55 -16.65 -0.92
C ALA A 100 3.75 -17.72 0.18
N ALA A 101 4.50 -17.33 1.23
CA ALA A 101 4.87 -18.15 2.40
C ALA A 101 5.83 -19.30 2.02
N GLY A 102 5.31 -20.31 1.28
CA GLY A 102 6.04 -21.53 0.95
C GLY A 102 5.89 -22.60 2.03
N SER A 103 4.89 -22.39 2.91
CA SER A 103 4.62 -23.26 4.06
C SER A 103 3.19 -23.83 3.91
N MET A 1 -6.05 -44.52 23.22
CA MET A 1 -5.02 -43.47 23.04
C MET A 1 -4.91 -43.11 21.55
N GLY A 2 -5.00 -41.81 21.23
CA GLY A 2 -4.95 -41.33 19.86
C GLY A 2 -4.68 -39.83 19.77
N SER A 3 -3.97 -39.41 18.72
CA SER A 3 -3.66 -38.02 18.42
C SER A 3 -3.22 -37.89 16.95
N SER A 4 -4.10 -37.34 16.10
CA SER A 4 -3.87 -37.18 14.65
C SER A 4 -3.93 -35.68 14.24
N HIS A 5 -3.63 -34.79 15.20
CA HIS A 5 -3.61 -33.34 14.97
C HIS A 5 -2.41 -32.97 14.09
N ASP A 6 -2.68 -32.76 12.80
CA ASP A 6 -1.67 -32.52 11.75
C ASP A 6 -2.30 -31.72 10.60
N HIS A 7 -1.47 -30.93 9.89
CA HIS A 7 -1.90 -30.05 8.79
C HIS A 7 -1.07 -30.33 7.52
N HIS A 8 -1.71 -30.13 6.36
CA HIS A 8 -1.05 -30.21 5.05
C HIS A 8 -0.20 -28.96 4.81
N HIS A 9 1.01 -29.16 4.28
CA HIS A 9 1.96 -28.07 3.98
C HIS A 9 1.76 -27.63 2.52
N HIS A 10 1.67 -26.29 2.32
CA HIS A 10 1.39 -25.69 1.02
C HIS A 10 2.60 -25.84 0.06
N SER A 11 2.41 -26.68 -0.97
CA SER A 11 3.40 -26.92 -2.02
C SER A 11 3.38 -25.78 -3.05
N SER A 12 4.56 -25.38 -3.56
CA SER A 12 4.71 -24.31 -4.57
C SER A 12 5.95 -24.58 -5.46
N GLY A 13 5.75 -24.46 -6.79
CA GLY A 13 6.81 -24.63 -7.78
C GLY A 13 7.03 -23.32 -8.52
N ARG A 14 7.66 -22.35 -7.82
CA ARG A 14 7.95 -21.01 -8.34
C ARG A 14 9.19 -21.07 -9.27
N GLU A 15 8.98 -21.62 -10.47
CA GLU A 15 10.05 -21.89 -11.45
C GLU A 15 10.29 -20.68 -12.35
N ASN A 16 9.24 -19.87 -12.50
CA ASN A 16 9.19 -18.73 -13.44
C ASN A 16 8.80 -17.44 -12.69
N LEU A 17 8.98 -16.31 -13.39
CA LEU A 17 8.51 -15.00 -12.93
C LEU A 17 7.01 -14.89 -13.25
N TYR A 18 6.19 -15.33 -12.29
CA TYR A 18 4.71 -15.34 -12.41
C TYR A 18 4.19 -13.89 -12.47
N PHE A 19 3.76 -13.47 -13.66
CA PHE A 19 3.32 -12.09 -13.92
C PHE A 19 2.37 -12.04 -15.12
N GLN A 20 1.33 -11.19 -15.00
CA GLN A 20 0.38 -10.86 -16.09
C GLN A 20 -0.15 -9.44 -15.86
N GLY A 21 -0.88 -8.91 -16.86
CA GLY A 21 -1.50 -7.59 -16.75
C GLY A 21 -2.81 -7.64 -15.98
N HIS A 22 -3.76 -8.45 -16.49
CA HIS A 22 -5.13 -8.62 -15.94
C HIS A 22 -5.84 -7.24 -15.86
N MET A 23 -5.89 -6.64 -14.66
CA MET A 23 -6.47 -5.31 -14.39
C MET A 23 -5.64 -4.69 -13.25
N PRO A 24 -5.71 -3.34 -13.00
CA PRO A 24 -5.15 -2.73 -11.77
C PRO A 24 -5.76 -3.33 -10.47
N ASN A 25 -5.15 -2.95 -9.34
CA ASN A 25 -5.49 -3.39 -7.97
C ASN A 25 -4.87 -4.78 -7.68
N ASP A 26 -5.68 -5.86 -7.80
CA ASP A 26 -5.31 -7.25 -7.41
C ASP A 26 -4.78 -7.32 -5.94
N MET A 27 -3.49 -7.02 -5.77
CA MET A 27 -2.81 -7.02 -4.46
C MET A 27 -1.81 -5.86 -4.41
N GLU A 28 -0.94 -5.79 -5.44
CA GLU A 28 0.15 -4.81 -5.53
C GLU A 28 -0.39 -3.36 -5.60
N ASP A 29 -1.15 -3.08 -6.66
CA ASP A 29 -1.72 -1.73 -6.89
C ASP A 29 -2.83 -1.41 -5.84
N HIS A 30 -3.45 -2.48 -5.30
CA HIS A 30 -4.38 -2.38 -4.15
C HIS A 30 -3.64 -1.91 -2.89
N LEU A 31 -2.36 -2.31 -2.74
CA LEU A 31 -1.51 -1.91 -1.61
C LEU A 31 -1.19 -0.40 -1.70
N LEU A 32 -0.98 0.12 -2.94
CA LEU A 32 -0.84 1.58 -3.16
C LEU A 32 -2.13 2.34 -2.76
N THR A 33 -3.31 1.70 -3.00
CA THR A 33 -4.64 2.24 -2.60
C THR A 33 -4.73 2.37 -1.07
N VAL A 34 -4.24 1.34 -0.39
CA VAL A 34 -4.20 1.28 1.09
C VAL A 34 -3.30 2.38 1.66
N LEU A 35 -2.13 2.58 1.04
CA LEU A 35 -1.16 3.61 1.46
C LEU A 35 -1.73 5.02 1.29
N SER A 36 -2.46 5.25 0.19
CA SER A 36 -3.05 6.57 -0.12
C SER A 36 -4.17 6.93 0.88
N VAL A 37 -4.87 5.91 1.38
CA VAL A 37 -5.90 6.09 2.43
C VAL A 37 -5.21 6.32 3.81
N ALA A 38 -4.11 5.57 4.06
CA ALA A 38 -3.38 5.60 5.35
C ALA A 38 -2.56 6.89 5.53
N SER A 39 -2.09 7.48 4.41
CA SER A 39 -1.28 8.71 4.43
C SER A 39 -2.17 9.94 4.24
N GLY A 40 -2.98 9.92 3.16
CA GLY A 40 -3.87 11.04 2.81
C GLY A 40 -3.57 11.62 1.43
N VAL A 41 -2.40 11.29 0.86
CA VAL A 41 -2.00 11.73 -0.50
C VAL A 41 -2.42 10.69 -1.56
N PRO A 42 -2.81 11.13 -2.80
CA PRO A 42 -3.13 10.22 -3.94
C PRO A 42 -2.04 9.15 -4.26
N LYS A 43 -2.50 8.08 -4.93
CA LYS A 43 -1.65 6.94 -5.36
C LYS A 43 -0.57 7.37 -6.37
N GLU A 44 -0.80 8.50 -7.07
CA GLU A 44 0.15 9.05 -8.05
C GLU A 44 1.43 9.55 -7.36
N GLU A 45 1.28 9.99 -6.10
CA GLU A 45 2.40 10.46 -5.25
C GLU A 45 3.04 9.28 -4.48
N ILE A 46 2.52 8.05 -4.67
CA ILE A 46 3.00 6.83 -3.97
C ILE A 46 3.29 5.69 -4.97
N SER A 47 4.57 5.42 -5.22
CA SER A 47 5.03 4.25 -5.99
C SER A 47 5.75 3.27 -5.03
N ARG A 48 6.27 2.16 -5.57
CA ARG A 48 7.11 1.21 -4.82
C ARG A 48 8.45 1.90 -4.45
N ASP A 49 8.90 2.79 -5.36
CA ASP A 49 10.18 3.53 -5.22
C ASP A 49 10.08 4.59 -4.11
N SER A 50 8.85 4.96 -3.72
CA SER A 50 8.59 5.94 -2.66
C SER A 50 9.03 5.40 -1.29
N ARG A 51 9.45 6.34 -0.43
CA ARG A 51 9.89 6.06 0.93
C ARG A 51 8.67 5.96 1.88
N MET A 52 8.88 6.09 3.21
CA MET A 52 7.78 5.99 4.19
C MET A 52 7.77 7.14 5.21
N GLU A 53 8.74 8.06 5.15
CA GLU A 53 8.90 9.14 6.17
C GLU A 53 7.70 10.12 6.21
N ASP A 54 6.81 10.02 5.20
CA ASP A 54 5.56 10.80 5.15
C ASP A 54 4.41 9.92 4.56
N LEU A 55 4.53 8.58 4.74
CA LEU A 55 3.56 7.58 4.17
C LEU A 55 3.18 6.48 5.18
N ALA A 56 4.11 6.10 6.09
CA ALA A 56 3.91 4.95 7.03
C ALA A 56 4.76 5.10 8.30
N PHE A 57 6.01 5.55 8.13
CA PHE A 57 6.99 5.80 9.22
C PHE A 57 6.47 6.88 10.20
N ASP A 58 5.71 6.40 11.20
CA ASP A 58 5.07 7.19 12.27
C ASP A 58 4.23 6.21 13.09
N SER A 59 4.31 6.23 14.43
CA SER A 59 3.65 5.22 15.32
C SER A 59 2.14 5.04 15.01
N LEU A 60 1.45 6.16 14.71
CA LEU A 60 0.00 6.18 14.40
C LEU A 60 -0.28 5.60 13.00
N VAL A 61 0.57 5.95 12.02
CA VAL A 61 0.40 5.49 10.62
C VAL A 61 0.86 4.01 10.47
N VAL A 62 1.77 3.57 11.36
CA VAL A 62 2.18 2.15 11.47
C VAL A 62 1.01 1.34 12.02
N SER A 63 0.29 1.94 13.00
CA SER A 63 -0.92 1.35 13.60
C SER A 63 -2.04 1.17 12.56
N GLU A 64 -2.23 2.21 11.72
CA GLU A 64 -3.28 2.25 10.68
C GLU A 64 -2.96 1.30 9.51
N LEU A 65 -1.66 1.25 9.13
CA LEU A 65 -1.15 0.34 8.09
C LEU A 65 -1.27 -1.12 8.56
N SER A 66 -0.84 -1.36 9.81
CA SER A 66 -0.89 -2.67 10.47
C SER A 66 -2.34 -3.15 10.63
N LEU A 67 -3.28 -2.19 10.82
CA LEU A 67 -4.72 -2.48 10.92
C LEU A 67 -5.19 -3.07 9.58
N LYS A 68 -4.76 -2.44 8.47
CA LYS A 68 -5.17 -2.84 7.11
C LYS A 68 -4.51 -4.17 6.70
N LEU A 69 -3.25 -4.37 7.12
CA LEU A 69 -2.51 -5.61 6.85
C LEU A 69 -3.14 -6.78 7.62
N ARG A 70 -3.49 -6.52 8.89
CA ARG A 70 -4.09 -7.52 9.83
C ARG A 70 -5.46 -7.97 9.31
N LYS A 71 -6.29 -6.98 8.94
CA LYS A 71 -7.68 -7.19 8.53
C LYS A 71 -7.75 -7.60 7.04
N GLU A 72 -7.39 -6.66 6.17
CA GLU A 72 -7.71 -6.72 4.74
C GLU A 72 -6.76 -7.69 3.99
N PHE A 73 -5.45 -7.57 4.23
CA PHE A 73 -4.43 -8.46 3.63
C PHE A 73 -4.36 -9.81 4.37
N GLY A 74 -4.77 -9.81 5.65
CA GLY A 74 -4.75 -11.02 6.49
C GLY A 74 -3.40 -11.27 7.16
N VAL A 75 -2.40 -10.42 6.83
CA VAL A 75 -1.04 -10.49 7.37
C VAL A 75 -1.02 -9.78 8.75
N THR A 76 -1.32 -10.55 9.80
CA THR A 76 -1.61 -10.02 11.15
C THR A 76 -0.34 -9.48 11.86
N GLY A 77 -0.49 -8.29 12.47
CA GLY A 77 0.55 -7.67 13.28
C GLY A 77 1.68 -7.08 12.45
N VAL A 78 2.87 -7.72 12.53
CA VAL A 78 4.11 -7.36 11.78
C VAL A 78 4.70 -6.02 12.30
N ASP A 79 4.13 -5.52 13.43
CA ASP A 79 4.36 -4.15 13.97
C ASP A 79 5.85 -3.76 14.04
N ASP A 80 6.65 -4.74 14.49
CA ASP A 80 8.11 -4.57 14.65
C ASP A 80 8.81 -4.41 13.30
N GLU A 81 8.46 -5.28 12.33
CA GLU A 81 9.10 -5.28 10.99
C GLU A 81 8.60 -4.08 10.15
N LEU A 82 7.39 -3.57 10.48
CA LEU A 82 6.80 -2.35 9.86
C LEU A 82 7.57 -1.11 10.33
N ASP A 83 8.07 -1.16 11.57
CA ASP A 83 8.97 -0.15 12.14
C ASP A 83 10.34 -0.21 11.42
N LEU A 84 10.78 -1.44 11.07
CA LEU A 84 12.04 -1.68 10.33
C LEU A 84 11.92 -1.39 8.81
N LEU A 85 10.72 -1.01 8.33
CA LEU A 85 10.50 -0.63 6.91
C LEU A 85 10.94 0.81 6.64
N GLU A 86 11.35 1.05 5.38
CA GLU A 86 11.86 2.35 4.90
C GLU A 86 11.17 2.70 3.57
N THR A 87 11.06 1.71 2.67
CA THR A 87 10.47 1.89 1.32
C THR A 87 9.22 1.02 1.14
N VAL A 88 8.35 1.44 0.20
CA VAL A 88 7.15 0.70 -0.19
C VAL A 88 7.55 -0.60 -0.93
N ASP A 89 8.67 -0.52 -1.68
CA ASP A 89 9.27 -1.67 -2.39
C ASP A 89 9.63 -2.79 -1.39
N GLU A 90 10.13 -2.38 -0.22
CA GLU A 90 10.50 -3.28 0.88
C GLU A 90 9.23 -3.88 1.56
N LEU A 91 8.14 -3.08 1.58
CA LEU A 91 6.81 -3.55 2.07
C LEU A 91 6.23 -4.62 1.10
N PHE A 92 6.51 -4.48 -0.20
CA PHE A 92 6.13 -5.48 -1.22
C PHE A 92 6.93 -6.79 -1.03
N GLN A 93 8.21 -6.64 -0.70
CA GLN A 93 9.10 -7.79 -0.38
C GLN A 93 8.69 -8.46 0.95
N LEU A 94 8.11 -7.66 1.86
CA LEU A 94 7.53 -8.14 3.13
C LEU A 94 6.32 -9.04 2.82
N VAL A 95 5.31 -8.47 2.13
CA VAL A 95 4.05 -9.17 1.77
C VAL A 95 4.35 -10.43 0.92
N GLU A 96 5.43 -10.37 0.13
CA GLU A 96 5.93 -11.50 -0.69
C GLU A 96 6.32 -12.70 0.22
N LYS A 97 7.18 -12.41 1.22
CA LYS A 97 7.70 -13.43 2.15
C LYS A 97 6.59 -13.96 3.08
N HIS A 98 5.60 -13.10 3.38
CA HIS A 98 4.44 -13.42 4.22
C HIS A 98 3.33 -14.14 3.41
N ARG A 99 3.40 -14.03 2.07
CA ARG A 99 2.56 -14.82 1.15
C ARG A 99 3.19 -16.21 0.93
N ALA A 100 4.53 -16.25 0.94
CA ALA A 100 5.31 -17.49 0.81
C ALA A 100 5.18 -18.36 2.08
N ALA A 101 5.11 -17.68 3.24
CA ALA A 101 4.88 -18.30 4.56
C ALA A 101 4.17 -17.29 5.45
N GLY A 102 2.88 -17.57 5.79
CA GLY A 102 2.02 -16.62 6.55
C GLY A 102 2.28 -16.61 8.07
N SER A 103 3.50 -17.02 8.46
CA SER A 103 3.97 -17.05 9.84
C SER A 103 5.51 -17.29 9.83
N MET A 1 28.76 -15.07 -12.42
CA MET A 1 28.01 -14.74 -13.66
C MET A 1 28.81 -13.74 -14.51
N GLY A 2 28.78 -13.93 -15.83
CA GLY A 2 29.51 -13.08 -16.78
C GLY A 2 29.74 -13.79 -18.11
N SER A 3 28.64 -14.27 -18.70
CA SER A 3 28.66 -15.02 -19.97
C SER A 3 27.37 -14.71 -20.77
N SER A 4 27.51 -14.60 -22.10
CA SER A 4 26.37 -14.39 -23.00
C SER A 4 25.67 -15.73 -23.26
N HIS A 5 24.50 -15.91 -22.64
CA HIS A 5 23.68 -17.13 -22.81
C HIS A 5 22.85 -17.03 -24.11
N ASP A 6 22.31 -18.19 -24.54
CA ASP A 6 21.62 -18.31 -25.85
C ASP A 6 20.38 -17.40 -25.93
N HIS A 7 19.49 -17.50 -24.93
CA HIS A 7 18.27 -16.66 -24.87
C HIS A 7 17.71 -16.59 -23.44
N HIS A 8 16.71 -15.71 -23.26
CA HIS A 8 15.98 -15.53 -21.99
C HIS A 8 14.46 -15.64 -22.25
N HIS A 9 13.73 -16.29 -21.32
CA HIS A 9 12.28 -16.40 -21.35
C HIS A 9 11.76 -16.71 -19.94
N HIS A 10 10.97 -15.79 -19.37
CA HIS A 10 10.29 -16.01 -18.08
C HIS A 10 8.86 -16.51 -18.36
N SER A 11 8.51 -17.67 -17.77
CA SER A 11 7.15 -18.22 -17.84
C SER A 11 6.33 -17.72 -16.64
N SER A 12 6.22 -16.38 -16.55
CA SER A 12 5.59 -15.68 -15.41
C SER A 12 4.99 -14.34 -15.90
N GLY A 13 4.35 -13.61 -14.97
CA GLY A 13 3.70 -12.32 -15.29
C GLY A 13 2.27 -12.51 -15.80
N ARG A 14 2.17 -13.16 -16.98
CA ARG A 14 0.88 -13.55 -17.59
C ARG A 14 0.43 -14.92 -17.06
N GLU A 15 -0.70 -15.44 -17.59
CA GLU A 15 -1.32 -16.74 -17.18
C GLU A 15 -1.75 -16.67 -15.69
N ASN A 16 -1.99 -15.44 -15.20
CA ASN A 16 -2.42 -15.15 -13.82
C ASN A 16 -3.96 -15.06 -13.73
N LEU A 17 -4.64 -15.46 -14.82
CA LEU A 17 -6.09 -15.44 -14.92
C LEU A 17 -6.70 -16.63 -14.16
N TYR A 18 -7.18 -16.36 -12.93
CA TYR A 18 -7.84 -17.35 -12.08
C TYR A 18 -9.30 -17.58 -12.55
N PHE A 19 -9.71 -18.86 -12.55
CA PHE A 19 -11.05 -19.30 -12.99
C PHE A 19 -12.13 -18.92 -11.95
N GLN A 20 -11.70 -18.83 -10.68
CA GLN A 20 -12.57 -18.45 -9.54
C GLN A 20 -12.40 -16.94 -9.22
N GLY A 21 -12.04 -16.15 -10.24
CA GLY A 21 -11.87 -14.69 -10.09
C GLY A 21 -12.11 -13.97 -11.41
N HIS A 22 -13.24 -13.25 -11.52
CA HIS A 22 -13.58 -12.48 -12.75
C HIS A 22 -12.66 -11.25 -12.87
N MET A 23 -12.51 -10.50 -11.77
CA MET A 23 -11.64 -9.31 -11.66
C MET A 23 -11.11 -9.22 -10.22
N PRO A 24 -9.81 -9.55 -9.97
CA PRO A 24 -9.20 -9.33 -8.65
C PRO A 24 -8.99 -7.83 -8.35
N ASN A 25 -9.16 -7.45 -7.08
CA ASN A 25 -8.87 -6.08 -6.59
C ASN A 25 -7.34 -5.85 -6.56
N ASP A 26 -6.58 -6.97 -6.55
CA ASP A 26 -5.10 -7.02 -6.69
C ASP A 26 -4.38 -6.57 -5.41
N MET A 27 -3.19 -7.15 -5.17
CA MET A 27 -2.32 -6.79 -4.03
C MET A 27 -1.73 -5.39 -4.24
N GLU A 28 -1.06 -5.21 -5.39
CA GLU A 28 -0.19 -4.04 -5.67
C GLU A 28 -0.96 -2.71 -5.63
N ASP A 29 -1.98 -2.61 -6.48
CA ASP A 29 -2.77 -1.37 -6.63
C ASP A 29 -3.46 -1.00 -5.31
N HIS A 30 -4.03 -2.02 -4.64
CA HIS A 30 -4.71 -1.87 -3.34
C HIS A 30 -3.70 -1.49 -2.24
N LEU A 31 -2.46 -1.99 -2.35
CA LEU A 31 -1.39 -1.72 -1.36
C LEU A 31 -1.05 -0.22 -1.36
N LEU A 32 -0.93 0.34 -2.57
CA LEU A 32 -0.72 1.79 -2.79
C LEU A 32 -1.95 2.60 -2.33
N THR A 33 -3.17 2.01 -2.43
CA THR A 33 -4.42 2.66 -1.96
C THR A 33 -4.41 2.76 -0.43
N VAL A 34 -3.95 1.68 0.21
CA VAL A 34 -3.82 1.59 1.67
C VAL A 34 -2.84 2.66 2.19
N LEU A 35 -1.70 2.81 1.49
CA LEU A 35 -0.67 3.80 1.83
C LEU A 35 -1.18 5.23 1.59
N SER A 36 -2.06 5.37 0.58
CA SER A 36 -2.71 6.66 0.26
C SER A 36 -3.64 7.11 1.41
N VAL A 37 -4.29 6.12 2.05
CA VAL A 37 -5.20 6.35 3.19
C VAL A 37 -4.40 6.46 4.52
N ALA A 38 -3.20 5.84 4.55
CA ALA A 38 -2.32 5.83 5.74
C ALA A 38 -1.47 7.12 5.84
N SER A 39 -1.17 7.76 4.70
CA SER A 39 -0.34 8.98 4.64
C SER A 39 -1.20 10.22 4.36
N GLY A 40 -1.97 10.17 3.25
CA GLY A 40 -2.81 11.28 2.82
C GLY A 40 -2.63 11.62 1.35
N VAL A 41 -1.41 11.38 0.82
CA VAL A 41 -1.09 11.61 -0.60
C VAL A 41 -1.63 10.45 -1.49
N PRO A 42 -2.19 10.75 -2.72
CA PRO A 42 -2.74 9.71 -3.63
C PRO A 42 -1.69 8.70 -4.13
N LYS A 43 -2.18 7.62 -4.79
CA LYS A 43 -1.34 6.54 -5.35
C LYS A 43 -0.39 7.06 -6.44
N GLU A 44 -0.75 8.20 -7.05
CA GLU A 44 0.07 8.85 -8.09
C GLU A 44 1.36 9.43 -7.49
N GLU A 45 1.28 9.82 -6.19
CA GLU A 45 2.44 10.34 -5.42
C GLU A 45 3.15 9.20 -4.67
N ILE A 46 2.71 7.94 -4.92
CA ILE A 46 3.30 6.73 -4.31
C ILE A 46 3.66 5.73 -5.43
N SER A 47 4.93 5.69 -5.83
CA SER A 47 5.41 4.73 -6.82
C SER A 47 6.08 3.54 -6.11
N ARG A 48 6.01 2.37 -6.74
CA ARG A 48 6.44 1.07 -6.15
C ARG A 48 7.96 1.02 -5.90
N ASP A 49 8.70 1.84 -6.68
CA ASP A 49 10.19 1.86 -6.66
C ASP A 49 10.72 3.02 -5.80
N SER A 50 9.81 3.79 -5.20
CA SER A 50 10.15 4.99 -4.40
C SER A 50 10.53 4.63 -2.96
N ARG A 51 11.05 5.64 -2.24
CA ARG A 51 11.21 5.61 -0.78
C ARG A 51 9.80 5.61 -0.14
N MET A 52 9.69 4.95 1.00
CA MET A 52 8.44 4.87 1.76
C MET A 52 8.50 5.82 2.94
N GLU A 53 9.23 5.41 4.01
CA GLU A 53 9.40 6.14 5.29
C GLU A 53 8.11 6.86 5.78
N ASP A 54 7.81 8.06 5.22
CA ASP A 54 6.62 8.86 5.62
C ASP A 54 5.29 8.07 5.47
N LEU A 55 5.25 7.14 4.50
CA LEU A 55 4.07 6.30 4.22
C LEU A 55 3.81 5.25 5.33
N ALA A 56 4.88 4.85 6.08
CA ALA A 56 4.79 3.97 7.28
C ALA A 56 6.15 3.91 8.01
N PHE A 57 6.28 4.74 9.06
CA PHE A 57 7.46 4.81 9.93
C PHE A 57 7.08 5.67 11.15
N ASP A 58 5.91 5.33 11.72
CA ASP A 58 5.25 6.10 12.78
C ASP A 58 4.24 5.18 13.47
N SER A 59 4.21 5.19 14.81
CA SER A 59 3.37 4.31 15.65
C SER A 59 1.91 4.23 15.19
N LEU A 60 1.29 5.40 14.90
CA LEU A 60 -0.13 5.48 14.49
C LEU A 60 -0.31 4.90 13.07
N VAL A 61 0.64 5.20 12.17
CA VAL A 61 0.60 4.67 10.78
C VAL A 61 0.79 3.15 10.76
N VAL A 62 1.62 2.64 11.68
CA VAL A 62 1.92 1.20 11.83
C VAL A 62 0.68 0.46 12.35
N SER A 63 -0.03 1.09 13.29
CA SER A 63 -1.29 0.58 13.85
C SER A 63 -2.37 0.52 12.74
N GLU A 64 -2.44 1.60 11.94
CA GLU A 64 -3.41 1.76 10.84
C GLU A 64 -3.15 0.72 9.73
N LEU A 65 -1.86 0.56 9.39
CA LEU A 65 -1.39 -0.34 8.31
C LEU A 65 -1.59 -1.80 8.73
N SER A 66 -1.34 -2.09 10.02
CA SER A 66 -1.53 -3.44 10.61
C SER A 66 -3.00 -3.87 10.51
N LEU A 67 -3.91 -2.90 10.72
CA LEU A 67 -5.37 -3.11 10.57
C LEU A 67 -5.71 -3.45 9.11
N LYS A 68 -5.19 -2.65 8.17
CA LYS A 68 -5.47 -2.83 6.73
C LYS A 68 -5.00 -4.20 6.24
N LEU A 69 -3.77 -4.58 6.61
CA LEU A 69 -3.17 -5.88 6.25
C LEU A 69 -3.90 -7.06 6.95
N ARG A 70 -4.45 -6.79 8.15
CA ARG A 70 -5.19 -7.78 8.98
C ARG A 70 -6.50 -8.21 8.29
N LYS A 71 -7.32 -7.21 7.92
CA LYS A 71 -8.64 -7.45 7.30
C LYS A 71 -8.49 -7.94 5.85
N GLU A 72 -7.54 -7.33 5.11
CA GLU A 72 -7.38 -7.54 3.66
C GLU A 72 -6.59 -8.82 3.35
N PHE A 73 -5.38 -8.94 3.94
CA PHE A 73 -4.42 -10.01 3.60
C PHE A 73 -4.31 -11.08 4.71
N GLY A 74 -4.83 -10.76 5.91
CA GLY A 74 -4.68 -11.61 7.10
C GLY A 74 -3.37 -11.37 7.84
N VAL A 75 -2.49 -10.53 7.24
CA VAL A 75 -1.12 -10.28 7.76
C VAL A 75 -1.18 -9.23 8.91
N THR A 76 -1.53 -9.70 10.11
CA THR A 76 -1.73 -8.83 11.30
C THR A 76 -0.44 -8.67 12.11
N GLY A 77 -0.38 -7.62 12.94
CA GLY A 77 0.80 -7.33 13.76
C GLY A 77 1.89 -6.65 12.94
N VAL A 78 3.00 -7.38 12.72
CA VAL A 78 4.13 -6.99 11.83
C VAL A 78 4.74 -5.64 12.28
N ASP A 79 4.59 -5.34 13.58
CA ASP A 79 4.83 -4.01 14.18
C ASP A 79 6.20 -3.41 13.82
N ASP A 80 7.26 -4.17 14.15
CA ASP A 80 8.66 -3.75 13.94
C ASP A 80 8.94 -3.49 12.47
N GLU A 81 8.44 -4.38 11.60
CA GLU A 81 8.74 -4.36 10.16
C GLU A 81 8.05 -3.16 9.48
N LEU A 82 6.80 -2.88 9.88
CA LEU A 82 6.01 -1.77 9.32
C LEU A 82 6.57 -0.41 9.78
N ASP A 83 7.26 -0.42 10.93
CA ASP A 83 7.92 0.78 11.48
C ASP A 83 9.36 0.93 10.94
N LEU A 84 9.90 -0.17 10.37
CA LEU A 84 11.29 -0.21 9.84
C LEU A 84 11.27 -0.02 8.28
N LEU A 85 10.12 0.37 7.72
CA LEU A 85 9.92 0.46 6.26
C LEU A 85 10.72 1.61 5.62
N GLU A 86 11.67 1.21 4.75
CA GLU A 86 12.58 2.12 4.04
C GLU A 86 11.97 2.50 2.69
N THR A 87 11.58 1.48 1.88
CA THR A 87 11.03 1.67 0.51
C THR A 87 9.70 0.93 0.36
N VAL A 88 8.88 1.38 -0.63
CA VAL A 88 7.59 0.73 -0.95
C VAL A 88 7.85 -0.69 -1.50
N ASP A 89 8.93 -0.81 -2.31
CA ASP A 89 9.43 -2.10 -2.85
C ASP A 89 9.76 -3.09 -1.70
N GLU A 90 10.23 -2.55 -0.55
CA GLU A 90 10.50 -3.36 0.65
C GLU A 90 9.18 -3.90 1.22
N LEU A 91 8.12 -3.05 1.24
CA LEU A 91 6.77 -3.48 1.70
C LEU A 91 6.17 -4.57 0.78
N PHE A 92 6.47 -4.51 -0.52
CA PHE A 92 6.08 -5.55 -1.50
C PHE A 92 6.70 -6.90 -1.12
N GLN A 93 8.02 -6.90 -0.92
CA GLN A 93 8.76 -8.11 -0.52
C GLN A 93 8.46 -8.50 0.93
N LEU A 94 7.95 -7.56 1.74
CA LEU A 94 7.58 -7.79 3.15
C LEU A 94 6.33 -8.67 3.21
N VAL A 95 5.24 -8.18 2.58
CA VAL A 95 3.94 -8.90 2.53
C VAL A 95 4.09 -10.23 1.76
N GLU A 96 5.01 -10.23 0.75
CA GLU A 96 5.36 -11.43 -0.03
C GLU A 96 6.17 -12.42 0.87
N LYS A 97 7.04 -11.88 1.75
CA LYS A 97 7.84 -12.70 2.69
C LYS A 97 6.90 -13.42 3.68
N HIS A 98 5.84 -12.70 4.09
CA HIS A 98 4.78 -13.23 4.98
C HIS A 98 3.88 -14.22 4.23
N ARG A 99 3.68 -13.97 2.92
CA ARG A 99 2.91 -14.85 2.02
C ARG A 99 3.63 -16.21 1.86
N ALA A 100 4.95 -16.15 1.65
CA ALA A 100 5.84 -17.31 1.50
C ALA A 100 6.02 -18.02 2.85
N ALA A 101 5.94 -17.24 3.95
CA ALA A 101 5.98 -17.76 5.32
C ALA A 101 4.67 -18.47 5.70
N GLY A 102 3.60 -18.19 4.93
CA GLY A 102 2.29 -18.84 5.11
C GLY A 102 2.26 -20.25 4.52
N SER A 103 3.10 -21.14 5.07
CA SER A 103 3.24 -22.52 4.63
C SER A 103 2.53 -23.46 5.65
N MET A 1 -33.53 56.81 -13.30
CA MET A 1 -34.02 55.45 -13.66
C MET A 1 -32.83 54.51 -13.83
N GLY A 2 -32.99 53.26 -13.38
CA GLY A 2 -31.96 52.23 -13.49
C GLY A 2 -32.49 50.86 -13.11
N SER A 3 -31.91 49.79 -13.68
CA SER A 3 -32.35 48.41 -13.44
C SER A 3 -31.13 47.47 -13.27
N SER A 4 -31.37 46.30 -12.66
CA SER A 4 -30.34 45.30 -12.38
C SER A 4 -30.59 44.05 -13.25
N HIS A 5 -30.15 44.14 -14.52
CA HIS A 5 -30.20 43.01 -15.46
C HIS A 5 -28.80 42.38 -15.53
N ASP A 6 -27.79 43.25 -15.76
CA ASP A 6 -26.35 42.92 -15.75
C ASP A 6 -25.93 41.98 -16.90
N HIS A 7 -24.71 42.21 -17.40
CA HIS A 7 -24.04 41.33 -18.37
C HIS A 7 -22.81 40.66 -17.73
N HIS A 8 -22.68 40.84 -16.39
CA HIS A 8 -21.55 40.32 -15.60
C HIS A 8 -21.68 38.79 -15.43
N HIS A 9 -20.96 38.03 -16.26
CA HIS A 9 -20.92 36.56 -16.20
C HIS A 9 -19.65 36.03 -16.89
N HIS A 10 -18.78 35.38 -16.10
CA HIS A 10 -17.57 34.69 -16.58
C HIS A 10 -17.87 33.19 -16.73
N SER A 11 -17.22 32.53 -17.71
CA SER A 11 -17.27 31.08 -17.89
C SER A 11 -15.85 30.53 -18.17
N SER A 12 -15.72 29.21 -18.08
CA SER A 12 -14.46 28.49 -18.30
C SER A 12 -14.78 27.06 -18.77
N GLY A 13 -13.75 26.31 -19.17
CA GLY A 13 -13.91 24.94 -19.64
C GLY A 13 -12.61 24.35 -20.12
N ARG A 14 -12.25 23.18 -19.58
CA ARG A 14 -11.01 22.47 -19.93
C ARG A 14 -11.33 21.08 -20.53
N GLU A 15 -10.39 20.59 -21.35
CA GLU A 15 -10.43 19.23 -21.90
C GLU A 15 -10.16 18.23 -20.76
N ASN A 16 -11.16 17.41 -20.42
CA ASN A 16 -11.03 16.41 -19.33
C ASN A 16 -10.58 15.05 -19.91
N LEU A 17 -9.50 14.48 -19.34
CA LEU A 17 -8.97 13.16 -19.74
C LEU A 17 -9.02 12.22 -18.52
N TYR A 18 -9.99 11.30 -18.54
CA TYR A 18 -10.17 10.26 -17.50
C TYR A 18 -10.07 8.87 -18.15
N PHE A 19 -9.35 7.95 -17.48
CA PHE A 19 -9.19 6.56 -17.93
C PHE A 19 -10.54 5.80 -17.82
N GLN A 20 -11.14 5.47 -18.98
CA GLN A 20 -12.42 4.76 -19.06
C GLN A 20 -12.18 3.24 -19.04
N GLY A 21 -12.34 2.62 -17.85
CA GLY A 21 -12.17 1.18 -17.67
C GLY A 21 -10.81 0.82 -17.08
N HIS A 22 -10.82 0.42 -15.80
CA HIS A 22 -9.63 -0.08 -15.08
C HIS A 22 -10.12 -0.79 -13.81
N MET A 23 -10.15 -2.13 -13.85
CA MET A 23 -10.53 -2.99 -12.71
C MET A 23 -9.35 -3.05 -11.70
N PRO A 24 -9.49 -2.44 -10.48
CA PRO A 24 -8.43 -2.45 -9.45
C PRO A 24 -8.49 -3.72 -8.58
N ASN A 25 -7.89 -4.81 -9.07
CA ASN A 25 -7.93 -6.14 -8.42
C ASN A 25 -6.54 -6.78 -8.48
N ASP A 26 -5.67 -6.42 -7.53
CA ASP A 26 -4.25 -6.85 -7.51
C ASP A 26 -3.63 -6.60 -6.12
N MET A 27 -2.65 -7.43 -5.73
CA MET A 27 -1.96 -7.33 -4.42
C MET A 27 -1.31 -5.95 -4.24
N GLU A 28 -0.51 -5.55 -5.25
CA GLU A 28 0.21 -4.26 -5.26
C GLU A 28 -0.79 -3.10 -5.24
N ASP A 29 -1.90 -3.24 -6.00
CA ASP A 29 -2.99 -2.22 -6.04
C ASP A 29 -3.59 -1.99 -4.65
N HIS A 30 -3.97 -3.09 -3.96
CA HIS A 30 -4.59 -3.03 -2.62
C HIS A 30 -3.61 -2.46 -1.59
N LEU A 31 -2.33 -2.80 -1.74
CA LEU A 31 -1.26 -2.32 -0.84
C LEU A 31 -1.03 -0.81 -1.09
N LEU A 32 -1.13 -0.39 -2.37
CA LEU A 32 -0.95 1.01 -2.79
C LEU A 32 -2.16 1.86 -2.34
N THR A 33 -3.33 1.20 -2.23
CA THR A 33 -4.57 1.78 -1.70
C THR A 33 -4.46 1.98 -0.18
N VAL A 34 -3.89 0.96 0.50
CA VAL A 34 -3.58 1.03 1.94
C VAL A 34 -2.69 2.25 2.23
N LEU A 35 -1.66 2.41 1.40
CA LEU A 35 -0.74 3.56 1.46
C LEU A 35 -1.48 4.88 1.23
N SER A 36 -2.37 4.90 0.22
CA SER A 36 -3.12 6.11 -0.21
C SER A 36 -4.08 6.61 0.89
N VAL A 37 -4.65 5.66 1.64
CA VAL A 37 -5.57 5.95 2.76
C VAL A 37 -4.76 6.35 4.01
N ALA A 38 -3.60 5.69 4.22
CA ALA A 38 -2.72 5.90 5.39
C ALA A 38 -1.95 7.23 5.29
N SER A 39 -1.70 7.70 4.05
CA SER A 39 -0.97 8.94 3.79
C SER A 39 -1.94 10.09 3.55
N GLY A 40 -3.01 9.81 2.81
CA GLY A 40 -3.97 10.82 2.36
C GLY A 40 -3.70 11.30 0.93
N VAL A 41 -2.48 10.98 0.40
CA VAL A 41 -2.08 11.39 -0.95
C VAL A 41 -2.55 10.35 -1.99
N PRO A 42 -2.91 10.79 -3.25
CA PRO A 42 -3.26 9.86 -4.37
C PRO A 42 -2.21 8.76 -4.63
N LYS A 43 -2.66 7.62 -5.22
CA LYS A 43 -1.78 6.49 -5.58
C LYS A 43 -0.73 6.89 -6.64
N GLU A 44 -1.08 7.92 -7.44
CA GLU A 44 -0.18 8.49 -8.47
C GLU A 44 1.03 9.21 -7.83
N GLU A 45 0.81 9.76 -6.62
CA GLU A 45 1.87 10.41 -5.82
C GLU A 45 2.83 9.36 -5.23
N ILE A 46 2.28 8.17 -4.97
CA ILE A 46 3.00 7.08 -4.29
C ILE A 46 3.72 6.18 -5.32
N SER A 47 5.02 6.45 -5.53
CA SER A 47 5.92 5.55 -6.26
C SER A 47 6.35 4.40 -5.34
N ARG A 48 6.76 3.27 -5.94
CA ARG A 48 7.27 2.10 -5.17
C ARG A 48 8.62 2.46 -4.52
N ASP A 49 9.36 3.34 -5.19
CA ASP A 49 10.57 3.94 -4.61
C ASP A 49 10.17 5.26 -3.90
N SER A 50 9.78 5.14 -2.62
CA SER A 50 9.51 6.29 -1.74
C SER A 50 9.99 5.94 -0.33
N ARG A 51 10.55 6.95 0.37
CA ARG A 51 11.14 6.80 1.73
C ARG A 51 10.08 6.92 2.84
N MET A 52 8.78 6.78 2.47
CA MET A 52 7.63 6.80 3.41
C MET A 52 7.52 8.13 4.16
N GLU A 53 8.08 9.21 3.53
CA GLU A 53 8.32 10.55 4.12
C GLU A 53 7.25 10.96 5.15
N ASP A 54 6.01 11.00 4.69
CA ASP A 54 4.82 11.21 5.56
C ASP A 54 3.75 10.14 5.22
N LEU A 55 4.17 9.13 4.39
CA LEU A 55 3.27 8.09 3.86
C LEU A 55 3.06 6.94 4.86
N ALA A 56 4.15 6.50 5.53
CA ALA A 56 4.10 5.37 6.51
C ALA A 56 5.16 5.50 7.62
N PHE A 57 6.01 6.56 7.56
CA PHE A 57 7.09 6.79 8.55
C PHE A 57 6.52 7.57 9.75
N ASP A 58 5.79 6.83 10.61
CA ASP A 58 5.13 7.34 11.84
C ASP A 58 4.39 6.17 12.52
N SER A 59 4.51 6.07 13.85
CA SER A 59 3.99 4.92 14.65
C SER A 59 2.47 4.72 14.48
N LEU A 60 1.70 5.84 14.38
CA LEU A 60 0.24 5.77 14.22
C LEU A 60 -0.10 5.25 12.82
N VAL A 61 0.69 5.67 11.81
CA VAL A 61 0.50 5.25 10.41
C VAL A 61 0.91 3.76 10.24
N VAL A 62 1.89 3.31 11.04
CA VAL A 62 2.34 1.89 11.08
C VAL A 62 1.24 1.01 11.72
N SER A 63 0.52 1.58 12.71
CA SER A 63 -0.61 0.90 13.37
C SER A 63 -1.84 0.85 12.44
N GLU A 64 -2.00 1.90 11.61
CA GLU A 64 -3.03 1.97 10.56
C GLU A 64 -2.71 0.93 9.47
N LEU A 65 -1.41 0.82 9.16
CA LEU A 65 -0.87 -0.09 8.13
C LEU A 65 -1.13 -1.55 8.51
N SER A 66 -0.74 -1.92 9.75
CA SER A 66 -0.90 -3.30 10.28
C SER A 66 -2.38 -3.71 10.36
N LEU A 67 -3.25 -2.74 10.70
CA LEU A 67 -4.71 -2.92 10.73
C LEU A 67 -5.26 -3.21 9.31
N LYS A 68 -4.74 -2.47 8.32
CA LYS A 68 -5.12 -2.63 6.91
C LYS A 68 -4.59 -3.97 6.34
N LEU A 69 -3.39 -4.40 6.78
CA LEU A 69 -2.79 -5.69 6.37
C LEU A 69 -3.62 -6.86 6.94
N ARG A 70 -4.19 -6.63 8.14
CA ARG A 70 -5.09 -7.57 8.84
C ARG A 70 -6.40 -7.78 8.05
N LYS A 71 -6.84 -6.76 7.31
CA LYS A 71 -8.12 -6.78 6.58
C LYS A 71 -7.92 -7.24 5.12
N GLU A 72 -7.13 -6.46 4.37
CA GLU A 72 -6.85 -6.66 2.93
C GLU A 72 -6.16 -8.02 2.66
N PHE A 73 -5.11 -8.31 3.45
CA PHE A 73 -4.23 -9.49 3.23
C PHE A 73 -4.44 -10.57 4.30
N GLY A 74 -5.04 -10.17 5.45
CA GLY A 74 -5.24 -11.08 6.60
C GLY A 74 -4.01 -11.15 7.52
N VAL A 75 -2.87 -10.62 7.04
CA VAL A 75 -1.58 -10.72 7.73
C VAL A 75 -1.53 -9.66 8.86
N THR A 76 -1.77 -10.11 10.09
CA THR A 76 -1.99 -9.24 11.27
C THR A 76 -0.68 -8.92 12.00
N GLY A 77 -0.55 -7.67 12.47
CA GLY A 77 0.56 -7.23 13.29
C GLY A 77 1.79 -6.93 12.45
N VAL A 78 2.81 -7.81 12.53
CA VAL A 78 4.08 -7.72 11.75
C VAL A 78 4.90 -6.45 12.16
N ASP A 79 4.51 -5.85 13.31
CA ASP A 79 4.95 -4.49 13.73
C ASP A 79 6.47 -4.34 13.87
N ASP A 80 7.15 -5.46 14.18
CA ASP A 80 8.63 -5.52 14.26
C ASP A 80 9.23 -5.24 12.88
N GLU A 81 8.76 -5.97 11.86
CA GLU A 81 9.23 -5.82 10.48
C GLU A 81 8.77 -4.45 9.91
N LEU A 82 7.59 -3.99 10.37
CA LEU A 82 7.02 -2.70 9.96
C LEU A 82 7.79 -1.51 10.58
N ASP A 83 8.56 -1.80 11.65
CA ASP A 83 9.52 -0.85 12.24
C ASP A 83 10.81 -0.81 11.38
N LEU A 84 11.18 -1.99 10.82
CA LEU A 84 12.35 -2.13 9.90
C LEU A 84 12.04 -1.57 8.48
N LEU A 85 10.83 -1.01 8.29
CA LEU A 85 10.47 -0.31 7.05
C LEU A 85 11.21 1.02 6.91
N GLU A 86 11.60 1.32 5.68
CA GLU A 86 12.15 2.62 5.28
C GLU A 86 11.50 3.03 3.95
N THR A 87 11.55 2.10 2.96
CA THR A 87 10.92 2.30 1.64
C THR A 87 9.61 1.50 1.55
N VAL A 88 8.65 2.04 0.76
CA VAL A 88 7.41 1.31 0.43
C VAL A 88 7.72 0.09 -0.47
N ASP A 89 8.83 0.17 -1.24
CA ASP A 89 9.39 -0.98 -2.00
C ASP A 89 9.67 -2.16 -1.05
N GLU A 90 10.29 -1.83 0.09
CA GLU A 90 10.57 -2.79 1.17
C GLU A 90 9.26 -3.43 1.66
N LEU A 91 8.20 -2.59 1.79
CA LEU A 91 6.85 -3.03 2.24
C LEU A 91 6.18 -3.98 1.25
N PHE A 92 6.34 -3.73 -0.07
CA PHE A 92 5.80 -4.62 -1.12
C PHE A 92 6.47 -6.01 -1.01
N GLN A 93 7.77 -6.03 -0.67
CA GLN A 93 8.57 -7.26 -0.49
C GLN A 93 8.39 -7.89 0.91
N LEU A 94 7.98 -7.06 1.88
CA LEU A 94 7.75 -7.47 3.28
C LEU A 94 6.45 -8.27 3.34
N VAL A 95 5.37 -7.65 2.85
CA VAL A 95 4.05 -8.28 2.80
C VAL A 95 4.14 -9.53 1.92
N GLU A 96 4.93 -9.45 0.83
CA GLU A 96 5.24 -10.62 -0.03
C GLU A 96 5.88 -11.76 0.78
N LYS A 97 6.85 -11.42 1.63
CA LYS A 97 7.63 -12.39 2.44
C LYS A 97 6.70 -13.24 3.34
N HIS A 98 5.79 -12.53 4.04
CA HIS A 98 4.89 -13.14 5.05
C HIS A 98 3.65 -13.78 4.40
N ARG A 99 3.17 -13.18 3.29
CA ARG A 99 1.94 -13.64 2.59
C ARG A 99 2.25 -14.92 1.79
N ALA A 100 3.41 -14.93 1.12
CA ALA A 100 3.91 -16.11 0.38
C ALA A 100 4.09 -17.29 1.34
N ALA A 101 4.88 -17.04 2.42
CA ALA A 101 5.10 -17.99 3.54
C ALA A 101 5.86 -19.28 3.11
N GLY A 102 6.51 -19.91 4.09
CA GLY A 102 7.36 -21.09 3.86
C GLY A 102 8.82 -20.78 4.13
N SER A 103 9.18 -19.49 4.00
CA SER A 103 10.50 -18.96 4.33
C SER A 103 10.30 -17.60 5.06
N MET A 1 -53.70 1.72 24.38
CA MET A 1 -53.31 1.18 23.04
C MET A 1 -52.03 1.87 22.54
N GLY A 2 -51.39 1.24 21.54
CA GLY A 2 -50.19 1.77 20.92
C GLY A 2 -49.86 1.01 19.63
N SER A 3 -50.11 1.66 18.49
CA SER A 3 -49.90 1.07 17.16
C SER A 3 -48.42 1.22 16.75
N SER A 4 -47.72 0.06 16.61
CA SER A 4 -46.32 0.02 16.20
C SER A 4 -46.19 0.42 14.72
N HIS A 5 -46.02 1.73 14.46
CA HIS A 5 -45.89 2.26 13.09
C HIS A 5 -44.42 2.19 12.64
N ASP A 6 -44.17 1.42 11.58
CA ASP A 6 -42.82 1.12 11.06
C ASP A 6 -42.36 2.22 10.08
N HIS A 7 -41.03 2.45 10.03
CA HIS A 7 -40.42 3.39 9.07
C HIS A 7 -39.10 2.79 8.56
N HIS A 8 -39.21 1.78 7.69
CA HIS A 8 -38.05 1.29 6.91
C HIS A 8 -37.82 2.23 5.70
N HIS A 9 -36.67 2.04 5.03
CA HIS A 9 -36.28 2.80 3.84
C HIS A 9 -35.76 1.83 2.77
N HIS A 10 -36.15 2.08 1.50
CA HIS A 10 -35.77 1.22 0.37
C HIS A 10 -34.29 1.44 0.01
N SER A 11 -33.52 0.34 -0.05
CA SER A 11 -32.15 0.33 -0.55
C SER A 11 -32.18 0.52 -2.08
N SER A 12 -32.17 1.78 -2.52
CA SER A 12 -32.33 2.17 -3.94
C SER A 12 -31.01 2.77 -4.49
N GLY A 13 -29.92 2.63 -3.73
CA GLY A 13 -28.63 3.23 -4.08
C GLY A 13 -27.94 2.52 -5.23
N ARG A 14 -28.33 2.87 -6.47
CA ARG A 14 -27.69 2.35 -7.70
C ARG A 14 -26.52 3.26 -8.06
N GLU A 15 -26.82 4.39 -8.78
CA GLU A 15 -25.85 5.45 -9.12
C GLU A 15 -24.60 4.88 -9.84
N ASN A 16 -23.49 5.64 -9.83
CA ASN A 16 -22.17 5.22 -10.31
C ASN A 16 -22.21 4.65 -11.75
N LEU A 17 -22.13 5.56 -12.72
CA LEU A 17 -22.11 5.22 -14.15
C LEU A 17 -20.78 4.50 -14.47
N TYR A 18 -20.90 3.19 -14.73
CA TYR A 18 -19.77 2.28 -14.98
C TYR A 18 -19.13 2.56 -16.36
N PHE A 19 -17.82 2.87 -16.35
CA PHE A 19 -17.03 3.14 -17.56
C PHE A 19 -15.70 2.38 -17.46
N GLN A 20 -15.63 1.19 -18.12
CA GLN A 20 -14.46 0.30 -18.15
C GLN A 20 -14.02 -0.07 -16.71
N GLY A 21 -14.85 -0.91 -16.06
CA GLY A 21 -14.67 -1.30 -14.66
C GLY A 21 -13.35 -2.04 -14.41
N HIS A 22 -13.38 -3.38 -14.64
CA HIS A 22 -12.23 -4.29 -14.48
C HIS A 22 -11.60 -4.13 -13.06
N MET A 23 -12.24 -4.75 -12.06
CA MET A 23 -11.84 -4.59 -10.64
C MET A 23 -11.57 -5.97 -9.99
N PRO A 24 -10.27 -6.40 -9.91
CA PRO A 24 -9.87 -7.56 -9.09
C PRO A 24 -9.70 -7.17 -7.62
N ASN A 25 -9.40 -8.16 -6.76
CA ASN A 25 -9.11 -7.89 -5.33
C ASN A 25 -7.67 -7.35 -5.22
N ASP A 26 -6.69 -8.15 -5.73
CA ASP A 26 -5.26 -7.77 -5.84
C ASP A 26 -4.59 -7.58 -4.44
N MET A 27 -3.25 -7.54 -4.38
CA MET A 27 -2.49 -7.33 -3.12
C MET A 27 -1.58 -6.10 -3.21
N GLU A 28 -0.87 -5.96 -4.34
CA GLU A 28 0.19 -4.93 -4.54
C GLU A 28 -0.40 -3.51 -4.74
N ASP A 29 -1.19 -3.34 -5.80
CA ASP A 29 -1.89 -2.07 -6.11
C ASP A 29 -2.94 -1.77 -5.03
N HIS A 30 -3.50 -2.85 -4.45
CA HIS A 30 -4.44 -2.78 -3.32
C HIS A 30 -3.72 -2.16 -2.09
N LEU A 31 -2.45 -2.59 -1.88
CA LEU A 31 -1.59 -2.09 -0.78
C LEU A 31 -1.25 -0.61 -1.01
N LEU A 32 -1.02 -0.27 -2.29
CA LEU A 32 -0.71 1.09 -2.76
C LEU A 32 -1.88 2.05 -2.46
N THR A 33 -3.12 1.53 -2.65
CA THR A 33 -4.37 2.25 -2.35
C THR A 33 -4.53 2.50 -0.84
N VAL A 34 -4.18 1.47 -0.03
CA VAL A 34 -4.21 1.54 1.43
C VAL A 34 -3.31 2.66 1.95
N LEU A 35 -2.08 2.74 1.40
CA LEU A 35 -1.09 3.78 1.75
C LEU A 35 -1.61 5.18 1.39
N SER A 36 -2.31 5.27 0.25
CA SER A 36 -2.89 6.54 -0.25
C SER A 36 -3.92 7.11 0.74
N VAL A 37 -4.70 6.19 1.35
CA VAL A 37 -5.72 6.55 2.36
C VAL A 37 -5.06 6.78 3.75
N ALA A 38 -3.97 6.04 4.02
CA ALA A 38 -3.26 6.09 5.32
C ALA A 38 -2.31 7.30 5.41
N SER A 39 -2.04 7.96 4.26
CA SER A 39 -1.14 9.14 4.19
C SER A 39 -1.93 10.41 3.83
N GLY A 40 -2.91 10.25 2.93
CA GLY A 40 -3.70 11.38 2.41
C GLY A 40 -3.26 11.78 1.00
N VAL A 41 -1.97 11.57 0.68
CA VAL A 41 -1.40 11.83 -0.64
C VAL A 41 -1.95 10.80 -1.67
N PRO A 42 -2.32 11.25 -2.91
CA PRO A 42 -2.82 10.35 -4.00
C PRO A 42 -1.85 9.22 -4.37
N LYS A 43 -2.39 8.18 -5.04
CA LYS A 43 -1.62 7.02 -5.53
C LYS A 43 -0.56 7.45 -6.57
N GLU A 44 -0.88 8.53 -7.31
CA GLU A 44 0.02 9.12 -8.33
C GLU A 44 1.28 9.77 -7.68
N GLU A 45 1.19 10.05 -6.37
CA GLU A 45 2.31 10.60 -5.58
C GLU A 45 3.16 9.46 -4.98
N ILE A 46 2.59 8.25 -4.87
CA ILE A 46 3.25 7.11 -4.21
C ILE A 46 3.81 6.12 -5.26
N SER A 47 5.14 6.15 -5.42
CA SER A 47 5.91 5.10 -6.11
C SER A 47 6.44 4.10 -5.05
N ARG A 48 7.20 3.07 -5.47
CA ARG A 48 7.82 2.14 -4.48
C ARG A 48 9.17 2.70 -3.95
N ASP A 49 9.67 3.76 -4.61
CA ASP A 49 10.86 4.52 -4.16
C ASP A 49 10.45 5.77 -3.36
N SER A 50 9.16 5.85 -2.96
CA SER A 50 8.57 7.06 -2.32
C SER A 50 8.82 7.08 -0.78
N ARG A 51 9.80 6.27 -0.29
CA ARG A 51 10.24 6.25 1.14
C ARG A 51 9.15 5.67 2.08
N MET A 52 9.52 5.34 3.32
CA MET A 52 8.58 4.97 4.38
C MET A 52 8.77 5.95 5.54
N GLU A 53 7.94 7.02 5.54
CA GLU A 53 7.90 8.04 6.61
C GLU A 53 6.42 8.37 6.91
N ASP A 54 5.77 8.96 5.90
CA ASP A 54 4.34 9.31 5.93
C ASP A 54 3.49 8.09 5.54
N LEU A 55 4.04 7.29 4.61
CA LEU A 55 3.34 6.16 3.97
C LEU A 55 3.10 5.00 4.94
N ALA A 56 4.14 4.66 5.74
CA ALA A 56 4.05 3.74 6.88
C ALA A 56 5.39 3.69 7.62
N PHE A 57 5.50 4.52 8.67
CA PHE A 57 6.67 4.55 9.58
C PHE A 57 6.28 5.31 10.85
N ASP A 58 5.45 6.36 10.66
CA ASP A 58 4.77 7.05 11.77
C ASP A 58 3.98 6.04 12.62
N SER A 59 4.01 6.21 13.95
CA SER A 59 3.44 5.28 14.95
C SER A 59 2.00 4.84 14.62
N LEU A 60 1.15 5.83 14.26
CA LEU A 60 -0.28 5.60 14.03
C LEU A 60 -0.54 5.03 12.63
N VAL A 61 0.36 5.32 11.68
CA VAL A 61 0.26 4.77 10.30
C VAL A 61 0.72 3.29 10.28
N VAL A 62 1.65 2.95 11.20
CA VAL A 62 2.12 1.56 11.39
C VAL A 62 1.01 0.69 12.01
N SER A 63 0.33 1.25 13.03
CA SER A 63 -0.81 0.58 13.69
C SER A 63 -2.02 0.47 12.73
N GLU A 64 -2.17 1.49 11.86
CA GLU A 64 -3.20 1.52 10.80
C GLU A 64 -2.94 0.41 9.77
N LEU A 65 -1.68 0.32 9.31
CA LEU A 65 -1.29 -0.60 8.24
C LEU A 65 -1.37 -2.05 8.72
N SER A 66 -0.94 -2.30 9.97
CA SER A 66 -1.03 -3.64 10.59
C SER A 66 -2.49 -4.08 10.72
N LEU A 67 -3.32 -3.17 11.26
CA LEU A 67 -4.78 -3.40 11.40
C LEU A 67 -5.42 -3.72 10.05
N LYS A 68 -4.90 -3.05 8.99
CA LYS A 68 -5.35 -3.25 7.62
C LYS A 68 -4.94 -4.65 7.14
N LEU A 69 -3.63 -4.97 7.29
CA LEU A 69 -3.02 -6.23 6.80
C LEU A 69 -3.79 -7.46 7.31
N ARG A 70 -4.16 -7.43 8.60
CA ARG A 70 -4.81 -8.56 9.31
C ARG A 70 -6.17 -8.93 8.68
N LYS A 71 -6.92 -7.92 8.22
CA LYS A 71 -8.23 -8.13 7.56
C LYS A 71 -8.08 -8.11 6.02
N GLU A 72 -7.70 -6.92 5.52
CA GLU A 72 -7.62 -6.58 4.08
C GLU A 72 -6.77 -7.59 3.26
N PHE A 73 -5.64 -8.05 3.83
CA PHE A 73 -4.64 -8.87 3.10
C PHE A 73 -4.41 -10.26 3.74
N GLY A 74 -4.87 -10.44 5.00
CA GLY A 74 -4.65 -11.68 5.75
C GLY A 74 -3.21 -11.86 6.25
N VAL A 75 -2.44 -10.76 6.28
CA VAL A 75 -1.05 -10.74 6.81
C VAL A 75 -1.10 -10.29 8.28
N THR A 76 -0.34 -10.96 9.16
CA THR A 76 -0.35 -10.65 10.60
C THR A 76 0.27 -9.24 10.90
N GLY A 77 -0.10 -8.65 12.06
CA GLY A 77 0.35 -7.32 12.47
C GLY A 77 1.85 -7.25 12.74
N VAL A 78 2.64 -6.98 11.68
CA VAL A 78 4.12 -6.99 11.73
C VAL A 78 4.69 -5.56 11.99
N ASP A 79 4.10 -4.90 13.02
CA ASP A 79 4.39 -3.49 13.41
C ASP A 79 5.90 -3.17 13.53
N ASP A 80 6.65 -4.13 14.09
CA ASP A 80 8.11 -4.02 14.30
C ASP A 80 8.83 -3.82 12.97
N GLU A 81 8.52 -4.72 12.03
CA GLU A 81 9.14 -4.75 10.70
C GLU A 81 8.65 -3.58 9.82
N LEU A 82 7.43 -3.06 10.10
CA LEU A 82 6.89 -1.86 9.42
C LEU A 82 7.68 -0.61 9.81
N ASP A 83 8.21 -0.61 11.04
CA ASP A 83 9.09 0.46 11.55
C ASP A 83 10.52 0.29 11.01
N LEU A 84 10.91 -0.95 10.67
CA LEU A 84 12.23 -1.25 10.07
C LEU A 84 12.19 -1.21 8.52
N LEU A 85 11.11 -0.66 7.94
CA LEU A 85 11.01 -0.41 6.49
C LEU A 85 11.77 0.88 6.12
N GLU A 86 12.32 0.89 4.89
CA GLU A 86 13.09 2.04 4.35
C GLU A 86 12.35 2.63 3.13
N THR A 87 12.08 1.77 2.14
CA THR A 87 11.34 2.14 0.91
C THR A 87 10.06 1.28 0.81
N VAL A 88 9.12 1.73 -0.03
CA VAL A 88 7.82 1.04 -0.19
C VAL A 88 8.03 -0.33 -0.90
N ASP A 89 9.15 -0.43 -1.65
CA ASP A 89 9.62 -1.71 -2.23
C ASP A 89 9.82 -2.74 -1.11
N GLU A 90 10.52 -2.31 -0.04
CA GLU A 90 10.74 -3.13 1.18
C GLU A 90 9.41 -3.60 1.78
N LEU A 91 8.39 -2.71 1.77
CA LEU A 91 7.02 -3.04 2.25
C LEU A 91 6.38 -4.15 1.38
N PHE A 92 6.44 -3.98 0.05
CA PHE A 92 5.86 -4.93 -0.92
C PHE A 92 6.52 -6.32 -0.77
N GLN A 93 7.82 -6.34 -0.45
CA GLN A 93 8.57 -7.59 -0.23
C GLN A 93 8.22 -8.19 1.15
N LEU A 94 8.00 -7.32 2.14
CA LEU A 94 7.65 -7.73 3.52
C LEU A 94 6.31 -8.51 3.50
N VAL A 95 5.30 -7.87 2.91
CA VAL A 95 3.96 -8.45 2.74
C VAL A 95 4.02 -9.72 1.86
N GLU A 96 4.94 -9.72 0.86
CA GLU A 96 5.13 -10.85 -0.07
C GLU A 96 5.49 -12.14 0.68
N LYS A 97 6.65 -12.15 1.39
CA LYS A 97 7.15 -13.35 2.12
C LYS A 97 6.18 -13.80 3.22
N HIS A 98 5.59 -12.80 3.91
CA HIS A 98 4.69 -13.04 5.06
C HIS A 98 3.30 -13.56 4.62
N ARG A 99 2.88 -13.26 3.38
CA ARG A 99 1.62 -13.79 2.82
C ARG A 99 1.88 -15.14 2.12
N ALA A 100 3.07 -15.28 1.50
CA ALA A 100 3.48 -16.51 0.77
C ALA A 100 3.78 -17.64 1.77
N ALA A 101 4.28 -17.24 2.96
CA ALA A 101 4.68 -18.15 4.06
C ALA A 101 5.71 -19.20 3.59
N GLY A 102 6.60 -18.77 2.67
CA GLY A 102 7.60 -19.63 2.04
C GLY A 102 8.63 -20.20 3.01
N SER A 103 8.73 -19.58 4.19
CA SER A 103 9.59 -20.04 5.29
C SER A 103 9.01 -19.52 6.62
N MET A 1 47.54 21.23 12.26
CA MET A 1 47.28 21.80 10.91
C MET A 1 46.54 20.76 10.05
N GLY A 2 45.20 20.87 10.02
CA GLY A 2 44.34 19.95 9.27
C GLY A 2 42.97 19.83 9.89
N SER A 3 42.37 20.99 10.22
CA SER A 3 41.03 21.05 10.83
C SER A 3 39.96 20.69 9.78
N SER A 4 39.23 19.59 10.03
CA SER A 4 38.16 19.10 9.14
C SER A 4 36.99 18.60 9.99
N HIS A 5 35.78 19.09 9.66
CA HIS A 5 34.54 18.70 10.35
C HIS A 5 33.41 18.66 9.30
N ASP A 6 32.77 17.49 9.16
CA ASP A 6 31.72 17.26 8.16
C ASP A 6 30.46 16.71 8.87
N HIS A 7 29.31 16.77 8.17
CA HIS A 7 27.98 16.43 8.72
C HIS A 7 27.24 15.45 7.77
N HIS A 8 28.00 14.67 6.97
CA HIS A 8 27.43 13.71 6.01
C HIS A 8 26.85 12.45 6.73
N HIS A 9 25.64 12.62 7.26
CA HIS A 9 24.84 11.55 7.92
C HIS A 9 23.36 11.93 7.85
N HIS A 10 23.07 13.24 7.94
CA HIS A 10 21.73 13.79 7.70
C HIS A 10 21.71 14.44 6.31
N SER A 11 20.92 13.86 5.40
CA SER A 11 20.79 14.33 4.01
C SER A 11 19.31 14.24 3.58
N SER A 12 18.42 14.48 4.57
CA SER A 12 16.96 14.38 4.39
C SER A 12 16.46 15.38 3.33
N GLY A 13 15.87 14.84 2.26
CA GLY A 13 15.36 15.64 1.15
C GLY A 13 14.45 14.84 0.24
N ARG A 14 13.73 15.56 -0.62
CA ARG A 14 12.78 14.99 -1.58
C ARG A 14 13.49 14.54 -2.87
N GLU A 15 13.32 13.27 -3.24
CA GLU A 15 13.64 12.79 -4.60
C GLU A 15 12.45 13.12 -5.51
N ASN A 16 12.74 13.69 -6.70
CA ASN A 16 11.70 14.20 -7.61
C ASN A 16 11.04 13.04 -8.40
N LEU A 17 10.16 12.30 -7.72
CA LEU A 17 9.35 11.22 -8.33
C LEU A 17 7.98 11.79 -8.69
N TYR A 18 7.79 12.06 -9.98
CA TYR A 18 6.53 12.51 -10.55
C TYR A 18 5.61 11.29 -10.74
N PHE A 19 5.99 10.46 -11.74
CA PHE A 19 5.28 9.22 -12.14
C PHE A 19 3.87 9.52 -12.69
N GLN A 20 3.46 8.78 -13.72
CA GLN A 20 2.11 8.87 -14.29
C GLN A 20 1.66 7.43 -14.63
N GLY A 21 0.60 6.99 -13.95
CA GLY A 21 0.04 5.65 -14.14
C GLY A 21 -0.85 5.24 -12.99
N HIS A 22 -1.45 4.04 -13.13
CA HIS A 22 -2.39 3.48 -12.13
C HIS A 22 -1.92 2.09 -11.65
N MET A 23 -1.02 1.45 -12.46
CA MET A 23 -0.76 -0.01 -12.43
C MET A 23 -2.00 -0.77 -12.98
N PRO A 24 -1.94 -2.12 -13.26
CA PRO A 24 -3.15 -2.89 -13.67
C PRO A 24 -4.29 -2.85 -12.61
N ASN A 25 -4.33 -3.83 -11.68
CA ASN A 25 -5.39 -4.00 -10.64
C ASN A 25 -5.11 -5.28 -9.84
N ASP A 26 -3.83 -5.67 -9.84
CA ASP A 26 -3.34 -6.98 -9.38
C ASP A 26 -3.23 -7.04 -7.83
N MET A 27 -2.36 -6.17 -7.28
CA MET A 27 -1.92 -6.23 -5.88
C MET A 27 -1.10 -4.99 -5.58
N GLU A 28 -0.26 -4.56 -6.56
CA GLU A 28 0.56 -3.36 -6.44
C GLU A 28 -0.31 -2.11 -6.21
N ASP A 29 -1.34 -1.97 -7.07
CA ASP A 29 -2.41 -0.96 -6.93
C ASP A 29 -3.01 -0.96 -5.50
N HIS A 30 -3.20 -2.17 -4.94
CA HIS A 30 -3.89 -2.37 -3.64
C HIS A 30 -3.01 -1.90 -2.47
N LEU A 31 -1.68 -2.14 -2.54
CA LEU A 31 -0.73 -1.63 -1.49
C LEU A 31 -0.60 -0.11 -1.57
N LEU A 32 -0.70 0.44 -2.79
CA LEU A 32 -0.76 1.90 -3.00
C LEU A 32 -2.06 2.48 -2.40
N THR A 33 -3.15 1.70 -2.44
CA THR A 33 -4.45 2.08 -1.84
C THR A 33 -4.37 2.03 -0.30
N VAL A 34 -3.68 1.00 0.21
CA VAL A 34 -3.41 0.81 1.65
C VAL A 34 -2.66 2.02 2.22
N LEU A 35 -1.58 2.41 1.52
CA LEU A 35 -0.76 3.59 1.88
C LEU A 35 -1.52 4.89 1.62
N SER A 36 -2.45 4.89 0.66
CA SER A 36 -3.24 6.07 0.30
C SER A 36 -4.18 6.48 1.44
N VAL A 37 -4.74 5.47 2.13
CA VAL A 37 -5.65 5.68 3.26
C VAL A 37 -4.86 5.81 4.59
N ALA A 38 -3.68 5.15 4.68
CA ALA A 38 -2.84 5.15 5.90
C ALA A 38 -2.03 6.45 6.04
N SER A 39 -1.67 7.08 4.90
CA SER A 39 -0.80 8.29 4.87
C SER A 39 -1.60 9.54 4.49
N GLY A 40 -2.71 9.36 3.76
CA GLY A 40 -3.56 10.48 3.32
C GLY A 40 -3.27 10.91 1.88
N VAL A 41 -2.03 10.68 1.41
CA VAL A 41 -1.62 11.01 0.03
C VAL A 41 -2.24 10.00 -0.97
N PRO A 42 -2.71 10.44 -2.18
CA PRO A 42 -3.28 9.53 -3.20
C PRO A 42 -2.22 8.59 -3.81
N LYS A 43 -2.67 7.53 -4.51
CA LYS A 43 -1.81 6.48 -5.09
C LYS A 43 -0.81 7.04 -6.12
N GLU A 44 -1.16 8.20 -6.70
CA GLU A 44 -0.39 8.88 -7.75
C GLU A 44 0.93 9.45 -7.18
N GLU A 45 0.89 9.81 -5.88
CA GLU A 45 2.07 10.30 -5.13
C GLU A 45 2.98 9.13 -4.69
N ILE A 46 2.45 7.90 -4.82
CA ILE A 46 3.10 6.68 -4.35
C ILE A 46 3.58 5.84 -5.55
N SER A 47 4.71 5.15 -5.35
CA SER A 47 5.24 4.15 -6.30
C SER A 47 5.90 3.04 -5.47
N ARG A 48 6.03 1.82 -6.05
CA ARG A 48 6.58 0.66 -5.31
C ARG A 48 8.07 0.88 -4.96
N ASP A 49 8.76 1.77 -5.71
CA ASP A 49 10.11 2.21 -5.37
C ASP A 49 10.07 3.70 -4.97
N SER A 50 9.93 3.92 -3.67
CA SER A 50 9.87 5.27 -3.07
C SER A 50 10.22 5.18 -1.58
N ARG A 51 10.59 6.34 -1.01
CA ARG A 51 10.98 6.46 0.40
C ARG A 51 9.74 6.64 1.29
N MET A 52 9.65 5.82 2.36
CA MET A 52 8.60 5.91 3.39
C MET A 52 9.05 6.87 4.51
N GLU A 53 9.38 8.11 4.10
CA GLU A 53 9.75 9.21 5.02
C GLU A 53 8.51 9.70 5.80
N ASP A 54 7.33 9.35 5.29
CA ASP A 54 6.03 9.68 5.90
C ASP A 54 5.03 8.51 5.75
N LEU A 55 5.19 7.74 4.65
CA LEU A 55 4.20 6.72 4.19
C LEU A 55 4.18 5.45 5.06
N ALA A 56 5.16 5.31 5.96
CA ALA A 56 5.19 4.23 6.98
C ALA A 56 6.15 4.64 8.11
N PHE A 57 6.22 5.95 8.39
CA PHE A 57 7.21 6.52 9.33
C PHE A 57 6.59 6.75 10.72
N ASP A 58 5.57 7.62 10.79
CA ASP A 58 4.92 8.00 12.07
C ASP A 58 4.17 6.83 12.72
N SER A 59 4.06 6.87 14.05
CA SER A 59 3.41 5.84 14.88
C SER A 59 1.98 5.50 14.41
N LEU A 60 1.21 6.55 14.07
CA LEU A 60 -0.18 6.41 13.59
C LEU A 60 -0.20 5.72 12.21
N VAL A 61 0.74 6.11 11.33
CA VAL A 61 0.81 5.57 9.95
C VAL A 61 1.12 4.06 9.98
N VAL A 62 2.06 3.67 10.87
CA VAL A 62 2.47 2.27 11.08
C VAL A 62 1.30 1.45 11.68
N SER A 63 0.56 2.09 12.61
CA SER A 63 -0.60 1.46 13.29
C SER A 63 -1.76 1.20 12.29
N GLU A 64 -2.01 2.18 11.41
CA GLU A 64 -3.07 2.12 10.39
C GLU A 64 -2.67 1.17 9.25
N LEU A 65 -1.36 1.12 8.96
CA LEU A 65 -0.77 0.20 7.95
C LEU A 65 -0.94 -1.25 8.43
N SER A 66 -0.72 -1.46 9.74
CA SER A 66 -0.91 -2.76 10.42
C SER A 66 -2.38 -3.19 10.35
N LEU A 67 -3.27 -2.23 10.66
CA LEU A 67 -4.73 -2.45 10.73
C LEU A 67 -5.31 -2.78 9.33
N LYS A 68 -4.68 -2.21 8.27
CA LYS A 68 -5.06 -2.51 6.88
C LYS A 68 -4.65 -3.93 6.48
N LEU A 69 -3.32 -4.23 6.57
CA LEU A 69 -2.73 -5.51 6.13
C LEU A 69 -3.31 -6.71 6.91
N ARG A 70 -3.74 -6.45 8.16
CA ARG A 70 -4.43 -7.42 9.03
C ARG A 70 -5.63 -8.03 8.29
N LYS A 71 -6.53 -7.17 7.82
CA LYS A 71 -7.78 -7.58 7.16
C LYS A 71 -7.53 -7.93 5.68
N GLU A 72 -6.69 -7.12 5.02
CA GLU A 72 -6.54 -7.10 3.56
C GLU A 72 -5.79 -8.34 3.04
N PHE A 73 -4.67 -8.68 3.69
CA PHE A 73 -3.78 -9.80 3.26
C PHE A 73 -3.55 -10.83 4.39
N GLY A 74 -4.01 -10.51 5.61
CA GLY A 74 -3.78 -11.35 6.80
C GLY A 74 -2.40 -11.17 7.41
N VAL A 75 -1.62 -10.22 6.84
CA VAL A 75 -0.23 -9.94 7.25
C VAL A 75 -0.24 -9.03 8.50
N THR A 76 -0.39 -9.67 9.67
CA THR A 76 -0.41 -9.02 10.99
C THR A 76 0.57 -9.78 11.92
N GLY A 77 1.00 -9.10 12.99
CA GLY A 77 2.12 -9.58 13.81
C GLY A 77 3.45 -9.28 13.14
N VAL A 78 3.45 -8.26 12.29
CA VAL A 78 4.61 -7.79 11.53
C VAL A 78 4.88 -6.30 11.84
N ASP A 79 4.30 -5.81 12.95
CA ASP A 79 4.28 -4.36 13.31
C ASP A 79 5.69 -3.80 13.55
N ASP A 80 6.59 -4.68 14.06
CA ASP A 80 8.02 -4.37 14.22
C ASP A 80 8.65 -4.07 12.85
N GLU A 81 8.38 -4.96 11.87
CA GLU A 81 8.87 -4.83 10.48
C GLU A 81 8.28 -3.57 9.80
N LEU A 82 7.00 -3.27 10.10
CA LEU A 82 6.28 -2.10 9.57
C LEU A 82 6.94 -0.78 10.01
N ASP A 83 7.42 -0.79 11.26
CA ASP A 83 8.14 0.35 11.86
C ASP A 83 9.57 0.42 11.27
N LEU A 84 10.09 -0.72 10.80
CA LEU A 84 11.42 -0.82 10.14
C LEU A 84 11.33 -0.59 8.61
N LEU A 85 10.10 -0.38 8.08
CA LEU A 85 9.90 -0.10 6.63
C LEU A 85 10.25 1.37 6.34
N GLU A 86 11.29 1.55 5.53
CA GLU A 86 11.77 2.87 5.08
C GLU A 86 11.63 2.99 3.55
N THR A 87 11.15 1.90 2.92
CA THR A 87 11.00 1.78 1.47
C THR A 87 9.72 0.98 1.14
N VAL A 88 8.98 1.45 0.12
CA VAL A 88 7.70 0.88 -0.28
C VAL A 88 7.89 -0.56 -0.82
N ASP A 89 9.02 -0.80 -1.50
CA ASP A 89 9.35 -2.13 -2.05
C ASP A 89 9.48 -3.18 -0.94
N GLU A 90 10.02 -2.76 0.24
CA GLU A 90 10.13 -3.64 1.42
C GLU A 90 8.75 -3.97 2.02
N LEU A 91 7.76 -3.07 1.84
CA LEU A 91 6.34 -3.39 2.15
C LEU A 91 5.84 -4.55 1.26
N PHE A 92 6.22 -4.51 -0.02
CA PHE A 92 5.87 -5.56 -1.01
C PHE A 92 6.54 -6.90 -0.67
N GLN A 93 7.80 -6.85 -0.21
CA GLN A 93 8.56 -8.07 0.18
C GLN A 93 7.96 -8.67 1.46
N LEU A 94 7.49 -7.77 2.35
CA LEU A 94 6.79 -8.13 3.58
C LEU A 94 5.53 -8.96 3.27
N VAL A 95 4.66 -8.40 2.42
CA VAL A 95 3.38 -9.02 2.05
C VAL A 95 3.62 -10.36 1.30
N GLU A 96 4.55 -10.34 0.32
CA GLU A 96 4.85 -11.51 -0.54
C GLU A 96 5.33 -12.73 0.28
N LYS A 97 6.39 -12.51 1.09
CA LYS A 97 7.05 -13.59 1.87
C LYS A 97 6.11 -14.12 2.98
N HIS A 98 5.43 -13.20 3.67
CA HIS A 98 4.52 -13.56 4.78
C HIS A 98 3.19 -14.15 4.28
N ARG A 99 2.85 -13.93 3.00
CA ARG A 99 1.69 -14.57 2.35
C ARG A 99 2.08 -15.95 1.79
N ALA A 100 3.37 -16.10 1.43
CA ALA A 100 3.94 -17.38 0.94
C ALA A 100 4.08 -18.38 2.10
N ALA A 101 4.59 -17.87 3.24
CA ALA A 101 4.79 -18.64 4.49
C ALA A 101 5.69 -19.89 4.25
N GLY A 102 6.77 -19.69 3.46
CA GLY A 102 7.71 -20.77 3.14
C GLY A 102 8.45 -21.33 4.35
N SER A 103 8.77 -20.43 5.30
CA SER A 103 9.40 -20.79 6.59
C SER A 103 8.30 -21.25 7.58
N MET A 1 -32.03 16.32 -24.56
CA MET A 1 -32.03 15.92 -25.99
C MET A 1 -31.74 14.42 -26.11
N GLY A 2 -32.15 13.83 -27.24
CA GLY A 2 -31.90 12.40 -27.52
C GLY A 2 -32.62 11.47 -26.55
N SER A 3 -31.96 10.33 -26.26
CA SER A 3 -32.49 9.28 -25.36
C SER A 3 -31.40 8.22 -25.10
N SER A 4 -31.65 7.29 -24.15
CA SER A 4 -30.76 6.15 -23.91
C SER A 4 -30.90 5.14 -25.07
N HIS A 5 -32.17 4.69 -25.28
CA HIS A 5 -32.54 3.63 -26.26
C HIS A 5 -31.72 2.35 -25.96
N ASP A 6 -32.14 1.63 -24.90
CA ASP A 6 -31.44 0.43 -24.41
C ASP A 6 -31.97 -0.82 -25.14
N HIS A 7 -31.07 -1.82 -25.37
CA HIS A 7 -31.40 -3.03 -26.13
C HIS A 7 -32.32 -3.98 -25.35
N HIS A 8 -31.95 -4.29 -24.10
CA HIS A 8 -32.69 -5.26 -23.24
C HIS A 8 -32.44 -4.96 -21.75
N HIS A 9 -33.52 -4.96 -20.96
CA HIS A 9 -33.43 -4.87 -19.49
C HIS A 9 -33.13 -6.27 -18.91
N HIS A 10 -32.40 -6.32 -17.79
CA HIS A 10 -32.06 -7.59 -17.12
C HIS A 10 -33.30 -8.18 -16.41
N SER A 11 -33.37 -9.51 -16.35
CA SER A 11 -34.49 -10.23 -15.72
C SER A 11 -34.48 -9.96 -14.19
N SER A 12 -33.31 -10.15 -13.55
CA SER A 12 -33.07 -9.84 -12.13
C SER A 12 -31.59 -9.52 -11.90
N GLY A 13 -30.72 -10.52 -12.07
CA GLY A 13 -29.28 -10.38 -11.80
C GLY A 13 -28.97 -10.34 -10.30
N ARG A 14 -29.33 -11.44 -9.61
CA ARG A 14 -29.15 -11.58 -8.14
C ARG A 14 -27.68 -11.84 -7.79
N GLU A 15 -26.99 -12.62 -8.65
CA GLU A 15 -25.56 -12.95 -8.46
C GLU A 15 -24.69 -11.70 -8.72
N ASN A 16 -23.70 -11.48 -7.84
CA ASN A 16 -22.73 -10.39 -7.95
C ASN A 16 -21.78 -10.69 -9.13
N LEU A 17 -22.09 -10.09 -10.31
CA LEU A 17 -21.39 -10.38 -11.58
C LEU A 17 -21.63 -11.86 -11.98
N TYR A 18 -20.70 -12.45 -12.76
CA TYR A 18 -20.70 -13.90 -13.05
C TYR A 18 -19.25 -14.31 -13.39
N PHE A 19 -18.71 -13.67 -14.44
CA PHE A 19 -17.32 -13.86 -14.88
C PHE A 19 -16.38 -13.05 -13.98
N GLN A 20 -15.66 -13.76 -13.10
CA GLN A 20 -14.67 -13.16 -12.19
C GLN A 20 -13.79 -14.27 -11.60
N GLY A 21 -12.51 -14.30 -12.02
CA GLY A 21 -11.55 -15.32 -11.58
C GLY A 21 -10.44 -15.51 -12.59
N HIS A 22 -10.77 -15.38 -13.90
CA HIS A 22 -9.80 -15.48 -15.01
C HIS A 22 -9.18 -14.09 -15.25
N MET A 23 -8.42 -13.64 -14.24
CA MET A 23 -7.74 -12.34 -14.21
C MET A 23 -6.74 -12.33 -13.03
N PRO A 24 -5.40 -12.11 -13.27
CA PRO A 24 -4.41 -11.93 -12.18
C PRO A 24 -4.69 -10.62 -11.39
N ASN A 25 -5.36 -10.77 -10.24
CA ASN A 25 -5.78 -9.65 -9.37
C ASN A 25 -4.56 -8.94 -8.78
N ASP A 26 -4.37 -7.65 -9.18
CA ASP A 26 -3.22 -6.83 -8.79
C ASP A 26 -3.28 -6.45 -7.30
N MET A 27 -2.66 -7.30 -6.45
CA MET A 27 -2.50 -7.05 -5.01
C MET A 27 -1.63 -5.80 -4.76
N GLU A 28 -0.80 -5.44 -5.76
CA GLU A 28 0.09 -4.27 -5.73
C GLU A 28 -0.71 -2.98 -5.67
N ASP A 29 -1.69 -2.84 -6.60
CA ASP A 29 -2.57 -1.65 -6.68
C ASP A 29 -3.51 -1.58 -5.48
N HIS A 30 -3.90 -2.76 -4.97
CA HIS A 30 -4.74 -2.89 -3.76
C HIS A 30 -3.97 -2.37 -2.52
N LEU A 31 -2.67 -2.74 -2.47
CA LEU A 31 -1.74 -2.36 -1.40
C LEU A 31 -1.41 -0.86 -1.52
N LEU A 32 -1.40 -0.38 -2.77
CA LEU A 32 -1.12 1.02 -3.12
C LEU A 32 -2.28 1.91 -2.62
N THR A 33 -3.52 1.38 -2.71
CA THR A 33 -4.75 2.03 -2.22
C THR A 33 -4.76 2.08 -0.67
N VAL A 34 -4.25 1.01 -0.05
CA VAL A 34 -4.07 0.93 1.41
C VAL A 34 -3.12 2.05 1.89
N LEU A 35 -1.99 2.21 1.17
CA LEU A 35 -0.98 3.27 1.44
C LEU A 35 -1.53 4.65 1.11
N SER A 36 -2.46 4.71 0.15
CA SER A 36 -3.07 5.96 -0.30
C SER A 36 -3.89 6.60 0.84
N VAL A 37 -4.81 5.79 1.41
CA VAL A 37 -5.71 6.23 2.48
C VAL A 37 -4.93 6.35 3.82
N ALA A 38 -3.99 5.43 4.06
CA ALA A 38 -3.19 5.40 5.32
C ALA A 38 -2.30 6.65 5.46
N SER A 39 -1.54 6.95 4.40
CA SER A 39 -0.62 8.11 4.37
C SER A 39 -1.37 9.42 4.09
N GLY A 40 -2.58 9.31 3.51
CA GLY A 40 -3.43 10.45 3.21
C GLY A 40 -3.14 11.12 1.87
N VAL A 41 -2.21 10.53 1.09
CA VAL A 41 -1.82 11.01 -0.25
C VAL A 41 -2.42 10.10 -1.33
N PRO A 42 -2.74 10.62 -2.57
CA PRO A 42 -3.18 9.75 -3.71
C PRO A 42 -2.09 8.74 -4.13
N LYS A 43 -2.51 7.66 -4.84
CA LYS A 43 -1.61 6.59 -5.32
C LYS A 43 -0.57 7.13 -6.33
N GLU A 44 -0.89 8.29 -6.94
CA GLU A 44 -0.02 8.98 -7.90
C GLU A 44 1.24 9.57 -7.22
N GLU A 45 1.20 9.75 -5.89
CA GLU A 45 2.36 10.20 -5.08
C GLU A 45 3.27 9.01 -4.75
N ILE A 46 2.65 7.81 -4.66
CA ILE A 46 3.32 6.58 -4.21
C ILE A 46 3.96 5.88 -5.41
N SER A 47 5.22 6.21 -5.70
CA SER A 47 5.99 5.64 -6.84
C SER A 47 6.54 4.22 -6.51
N ARG A 48 6.25 3.73 -5.27
CA ARG A 48 6.72 2.44 -4.69
C ARG A 48 8.21 2.49 -4.29
N ASP A 49 9.03 3.22 -5.06
CA ASP A 49 10.43 3.55 -4.72
C ASP A 49 10.51 4.66 -3.67
N SER A 50 9.33 5.12 -3.18
CA SER A 50 9.20 6.04 -2.06
C SER A 50 9.95 5.52 -0.81
N ARG A 51 10.76 6.39 -0.18
CA ARG A 51 11.61 6.05 0.98
C ARG A 51 10.88 6.28 2.31
N MET A 52 9.53 6.11 2.30
CA MET A 52 8.67 6.19 3.51
C MET A 52 8.70 7.59 4.18
N GLU A 53 9.18 8.61 3.44
CA GLU A 53 9.50 9.94 4.01
C GLU A 53 8.27 10.62 4.64
N ASP A 54 7.15 10.58 3.91
CA ASP A 54 5.84 11.13 4.37
C ASP A 54 4.76 10.03 4.29
N LEU A 55 5.18 8.78 3.95
CA LEU A 55 4.25 7.68 3.62
C LEU A 55 4.51 6.48 4.54
N ALA A 56 3.47 6.05 5.29
CA ALA A 56 3.41 4.74 6.02
C ALA A 56 4.28 4.67 7.31
N PHE A 57 5.40 5.44 7.37
CA PHE A 57 6.42 5.30 8.42
C PHE A 57 6.04 6.06 9.72
N ASP A 58 5.12 7.02 9.62
CA ASP A 58 4.61 7.76 10.80
C ASP A 58 3.97 6.79 11.79
N SER A 59 4.25 6.95 13.10
CA SER A 59 3.88 5.99 14.16
C SER A 59 2.36 5.66 14.16
N LEU A 60 1.54 6.70 13.94
CA LEU A 60 0.07 6.58 13.84
C LEU A 60 -0.31 5.75 12.60
N VAL A 61 0.39 6.02 11.50
CA VAL A 61 0.15 5.35 10.20
C VAL A 61 0.70 3.90 10.19
N VAL A 62 1.69 3.61 11.07
CA VAL A 62 2.20 2.23 11.29
C VAL A 62 1.14 1.40 12.04
N SER A 63 0.39 2.08 12.94
CA SER A 63 -0.75 1.48 13.63
C SER A 63 -1.92 1.26 12.66
N GLU A 64 -2.04 2.13 11.64
CA GLU A 64 -3.03 2.00 10.55
C GLU A 64 -2.60 0.93 9.53
N LEU A 65 -1.26 0.74 9.38
CA LEU A 65 -0.69 -0.28 8.47
C LEU A 65 -0.96 -1.68 9.03
N SER A 66 -0.67 -1.86 10.34
CA SER A 66 -0.95 -3.11 11.05
C SER A 66 -2.45 -3.41 11.05
N LEU A 67 -3.28 -2.34 11.22
CA LEU A 67 -4.77 -2.43 11.16
C LEU A 67 -5.24 -3.00 9.81
N LYS A 68 -4.74 -2.39 8.72
CA LYS A 68 -5.15 -2.71 7.35
C LYS A 68 -4.66 -4.09 6.94
N LEU A 69 -3.32 -4.29 6.91
CA LEU A 69 -2.69 -5.56 6.47
C LEU A 69 -3.30 -6.79 7.19
N ARG A 70 -3.65 -6.61 8.49
CA ARG A 70 -4.24 -7.65 9.37
C ARG A 70 -5.53 -8.27 8.78
N LYS A 71 -6.43 -7.42 8.25
CA LYS A 71 -7.73 -7.85 7.68
C LYS A 71 -7.68 -7.94 6.14
N GLU A 72 -7.28 -6.81 5.53
CA GLU A 72 -7.22 -6.61 4.06
C GLU A 72 -6.44 -7.72 3.34
N PHE A 73 -5.23 -8.04 3.87
CA PHE A 73 -4.32 -9.04 3.26
C PHE A 73 -4.09 -10.24 4.20
N GLY A 74 -4.50 -10.12 5.47
CA GLY A 74 -4.26 -11.16 6.49
C GLY A 74 -2.88 -11.06 7.15
N VAL A 75 -2.00 -10.22 6.57
CA VAL A 75 -0.60 -10.06 6.99
C VAL A 75 -0.54 -9.32 8.36
N THR A 76 -0.51 -10.10 9.46
CA THR A 76 -0.62 -9.56 10.83
C THR A 76 0.65 -9.86 11.64
N GLY A 77 0.79 -9.18 12.80
CA GLY A 77 1.97 -9.29 13.66
C GLY A 77 3.24 -8.73 13.01
N VAL A 78 3.05 -7.93 11.97
CA VAL A 78 4.14 -7.35 11.15
C VAL A 78 4.45 -5.91 11.57
N ASP A 79 3.84 -5.46 12.69
CA ASP A 79 4.01 -4.10 13.26
C ASP A 79 5.49 -3.82 13.60
N ASP A 80 6.21 -4.90 14.01
CA ASP A 80 7.66 -4.87 14.28
C ASP A 80 8.45 -4.43 13.04
N GLU A 81 8.26 -5.18 11.95
CA GLU A 81 9.02 -5.00 10.70
C GLU A 81 8.50 -3.80 9.88
N LEU A 82 7.26 -3.37 10.17
CA LEU A 82 6.67 -2.09 9.66
C LEU A 82 7.45 -0.89 10.22
N ASP A 83 7.84 -1.00 11.51
CA ASP A 83 8.70 -0.01 12.18
C ASP A 83 10.13 -0.05 11.59
N LEU A 84 10.59 -1.27 11.22
CA LEU A 84 11.93 -1.50 10.64
C LEU A 84 12.01 -1.12 9.14
N LEU A 85 10.88 -0.72 8.54
CA LEU A 85 10.83 -0.26 7.13
C LEU A 85 11.42 1.15 6.97
N GLU A 86 12.16 1.33 5.88
CA GLU A 86 12.70 2.64 5.45
C GLU A 86 12.33 2.91 3.99
N THR A 87 11.60 1.95 3.36
CA THR A 87 11.31 1.93 1.91
C THR A 87 10.01 1.12 1.61
N VAL A 88 9.21 1.63 0.66
CA VAL A 88 7.88 1.09 0.31
C VAL A 88 8.02 -0.20 -0.53
N ASP A 89 9.06 -0.28 -1.38
CA ASP A 89 9.36 -1.49 -2.17
C ASP A 89 9.63 -2.70 -1.25
N GLU A 90 10.34 -2.43 -0.14
CA GLU A 90 10.61 -3.40 0.93
C GLU A 90 9.31 -3.79 1.69
N LEU A 91 8.34 -2.87 1.76
CA LEU A 91 6.97 -3.17 2.29
C LEU A 91 6.21 -4.14 1.37
N PHE A 92 6.37 -3.97 0.04
CA PHE A 92 5.79 -4.91 -0.92
C PHE A 92 6.40 -6.31 -0.71
N GLN A 93 7.73 -6.37 -0.60
CA GLN A 93 8.48 -7.61 -0.34
C GLN A 93 8.14 -8.23 1.03
N LEU A 94 7.77 -7.37 2.00
CA LEU A 94 7.30 -7.78 3.34
C LEU A 94 6.02 -8.62 3.20
N VAL A 95 5.01 -8.01 2.57
CA VAL A 95 3.68 -8.60 2.39
C VAL A 95 3.76 -9.85 1.50
N GLU A 96 4.59 -9.80 0.44
CA GLU A 96 4.79 -10.92 -0.51
C GLU A 96 5.49 -12.11 0.17
N LYS A 97 6.42 -11.83 1.11
CA LYS A 97 7.16 -12.87 1.86
C LYS A 97 6.17 -13.63 2.77
N HIS A 98 5.34 -12.86 3.49
CA HIS A 98 4.31 -13.40 4.41
C HIS A 98 3.14 -14.04 3.64
N ARG A 99 2.94 -13.61 2.39
CA ARG A 99 1.89 -14.16 1.50
C ARG A 99 2.35 -15.53 0.96
N ALA A 100 3.67 -15.66 0.74
CA ALA A 100 4.30 -16.93 0.34
C ALA A 100 4.58 -17.83 1.55
N ALA A 101 4.59 -17.20 2.76
CA ALA A 101 4.98 -17.83 4.05
C ALA A 101 6.48 -18.23 4.07
N GLY A 102 7.24 -17.79 3.03
CA GLY A 102 8.63 -18.19 2.82
C GLY A 102 8.80 -19.71 2.62
N SER A 103 7.80 -20.33 1.94
CA SER A 103 7.77 -21.79 1.72
C SER A 103 8.73 -22.19 0.57
N MET A 1 -47.48 -12.30 12.89
CA MET A 1 -48.10 -11.66 11.70
C MET A 1 -47.07 -11.52 10.56
N GLY A 2 -47.57 -11.31 9.34
CA GLY A 2 -46.74 -11.18 8.13
C GLY A 2 -47.25 -12.05 6.98
N SER A 3 -46.62 -11.90 5.81
CA SER A 3 -46.93 -12.69 4.60
C SER A 3 -45.78 -12.60 3.60
N SER A 4 -45.31 -13.76 3.09
CA SER A 4 -44.20 -13.85 2.12
C SER A 4 -44.71 -13.59 0.69
N HIS A 5 -44.63 -12.33 0.25
CA HIS A 5 -45.04 -11.92 -1.10
C HIS A 5 -43.86 -12.10 -2.08
N ASP A 6 -44.10 -12.87 -3.16
CA ASP A 6 -43.11 -13.06 -4.24
C ASP A 6 -43.01 -11.78 -5.08
N HIS A 7 -41.78 -11.29 -5.25
CA HIS A 7 -41.50 -10.02 -5.95
C HIS A 7 -40.25 -10.20 -6.82
N HIS A 8 -40.20 -9.52 -7.97
CA HIS A 8 -39.07 -9.62 -8.92
C HIS A 8 -38.50 -8.23 -9.22
N HIS A 9 -37.24 -8.20 -9.67
CA HIS A 9 -36.52 -6.97 -10.07
C HIS A 9 -35.65 -7.29 -11.29
N HIS A 10 -36.01 -6.73 -12.45
CA HIS A 10 -35.25 -6.90 -13.70
C HIS A 10 -33.99 -6.01 -13.63
N SER A 11 -32.84 -6.64 -13.38
CA SER A 11 -31.54 -5.97 -13.21
C SER A 11 -30.49 -6.57 -14.15
N SER A 12 -29.57 -5.73 -14.63
CA SER A 12 -28.44 -6.15 -15.46
C SER A 12 -27.32 -6.73 -14.57
N GLY A 13 -26.97 -8.01 -14.78
CA GLY A 13 -25.92 -8.70 -14.01
C GLY A 13 -24.53 -8.41 -14.52
N ARG A 14 -24.15 -7.12 -14.52
CA ARG A 14 -22.83 -6.64 -14.99
C ARG A 14 -21.91 -6.34 -13.76
N GLU A 15 -22.34 -6.81 -12.58
CA GLU A 15 -21.63 -6.61 -11.31
C GLU A 15 -20.38 -7.52 -11.26
N ASN A 16 -19.26 -6.99 -11.82
CA ASN A 16 -17.95 -7.69 -11.93
C ASN A 16 -18.07 -8.92 -12.89
N LEU A 17 -16.92 -9.48 -13.29
CA LEU A 17 -16.86 -10.76 -14.00
C LEU A 17 -15.50 -11.40 -13.68
N TYR A 18 -15.57 -12.58 -13.03
CA TYR A 18 -14.39 -13.37 -12.68
C TYR A 18 -13.93 -14.15 -13.93
N PHE A 19 -13.05 -13.52 -14.72
CA PHE A 19 -12.48 -14.12 -15.94
C PHE A 19 -11.65 -15.36 -15.57
N GLN A 20 -10.68 -15.15 -14.67
CA GLN A 20 -9.78 -16.21 -14.17
C GLN A 20 -9.35 -15.83 -12.74
N GLY A 21 -8.58 -16.72 -12.06
CA GLY A 21 -8.08 -16.47 -10.70
C GLY A 21 -7.31 -15.16 -10.56
N HIS A 22 -6.48 -14.87 -11.59
CA HIS A 22 -5.80 -13.58 -11.72
C HIS A 22 -6.77 -12.57 -12.33
N MET A 23 -7.19 -11.61 -11.50
CA MET A 23 -8.07 -10.49 -11.90
C MET A 23 -7.24 -9.18 -11.94
N PRO A 24 -7.64 -8.16 -12.80
CA PRO A 24 -6.98 -6.83 -12.84
C PRO A 24 -6.93 -6.15 -11.45
N ASN A 25 -5.94 -5.22 -11.27
CA ASN A 25 -5.57 -4.60 -9.98
C ASN A 25 -4.99 -5.66 -9.04
N ASP A 26 -3.66 -5.69 -8.92
CA ASP A 26 -2.92 -6.68 -8.12
C ASP A 26 -2.97 -6.31 -6.62
N MET A 27 -2.47 -7.22 -5.75
CA MET A 27 -2.33 -6.97 -4.31
C MET A 27 -1.40 -5.77 -4.07
N GLU A 28 -0.42 -5.55 -4.99
CA GLU A 28 0.49 -4.39 -4.98
C GLU A 28 -0.29 -3.07 -5.11
N ASP A 29 -1.24 -3.04 -6.06
CA ASP A 29 -2.09 -1.86 -6.31
C ASP A 29 -2.99 -1.57 -5.10
N HIS A 30 -3.46 -2.66 -4.46
CA HIS A 30 -4.34 -2.58 -3.27
C HIS A 30 -3.52 -2.16 -2.04
N LEU A 31 -2.22 -2.52 -2.02
CA LEU A 31 -1.27 -2.13 -0.96
C LEU A 31 -0.91 -0.65 -1.12
N LEU A 32 -0.85 -0.21 -2.38
CA LEU A 32 -0.63 1.18 -2.77
C LEU A 32 -1.86 2.03 -2.37
N THR A 33 -3.06 1.40 -2.42
CA THR A 33 -4.34 1.99 -1.98
C THR A 33 -4.35 2.13 -0.45
N VAL A 34 -3.80 1.12 0.25
CA VAL A 34 -3.62 1.15 1.73
C VAL A 34 -2.76 2.36 2.11
N LEU A 35 -1.62 2.50 1.42
CA LEU A 35 -0.67 3.61 1.63
C LEU A 35 -1.29 4.97 1.28
N SER A 36 -2.18 4.99 0.28
CA SER A 36 -2.87 6.22 -0.15
C SER A 36 -3.77 6.76 0.98
N VAL A 37 -4.57 5.86 1.56
CA VAL A 37 -5.55 6.19 2.62
C VAL A 37 -4.83 6.35 3.99
N ALA A 38 -3.64 5.74 4.12
CA ALA A 38 -2.83 5.78 5.36
C ALA A 38 -2.06 7.12 5.46
N SER A 39 -1.48 7.56 4.33
CA SER A 39 -0.66 8.78 4.26
C SER A 39 -1.56 10.02 4.15
N GLY A 40 -2.47 10.01 3.16
CA GLY A 40 -3.33 11.14 2.84
C GLY A 40 -3.17 11.58 1.39
N VAL A 41 -2.01 11.26 0.78
CA VAL A 41 -1.73 11.56 -0.63
C VAL A 41 -2.24 10.39 -1.52
N PRO A 42 -2.67 10.66 -2.81
CA PRO A 42 -3.17 9.59 -3.72
C PRO A 42 -2.05 8.66 -4.20
N LYS A 43 -2.44 7.52 -4.78
CA LYS A 43 -1.50 6.49 -5.31
C LYS A 43 -0.61 7.07 -6.42
N GLU A 44 -1.13 8.10 -7.11
CA GLU A 44 -0.41 8.79 -8.21
C GLU A 44 0.88 9.48 -7.70
N GLU A 45 0.84 9.97 -6.45
CA GLU A 45 1.99 10.65 -5.82
C GLU A 45 2.96 9.64 -5.17
N ILE A 46 2.46 8.41 -4.92
CA ILE A 46 3.26 7.31 -4.32
C ILE A 46 3.79 6.39 -5.44
N SER A 47 4.91 5.70 -5.16
CA SER A 47 5.47 4.66 -6.01
C SER A 47 6.32 3.74 -5.13
N ARG A 48 6.87 2.66 -5.74
CA ARG A 48 7.88 1.80 -5.07
C ARG A 48 9.10 2.67 -4.66
N ASP A 49 9.47 3.57 -5.60
CA ASP A 49 10.55 4.53 -5.41
C ASP A 49 10.02 5.70 -4.57
N SER A 50 10.00 5.47 -3.25
CA SER A 50 9.54 6.43 -2.26
C SER A 50 10.07 6.01 -0.89
N ARG A 51 10.96 6.84 -0.32
CA ARG A 51 11.47 6.65 1.05
C ARG A 51 10.32 6.90 2.04
N MET A 52 9.86 5.81 2.65
CA MET A 52 8.78 5.80 3.64
C MET A 52 9.26 6.38 4.98
N GLU A 53 9.38 7.72 5.03
CA GLU A 53 9.79 8.48 6.23
C GLU A 53 8.70 9.52 6.58
N ASP A 54 7.51 9.31 6.00
CA ASP A 54 6.36 10.24 6.12
C ASP A 54 5.05 9.47 5.82
N LEU A 55 5.09 8.65 4.75
CA LEU A 55 3.91 7.99 4.18
C LEU A 55 3.33 6.88 5.10
N ALA A 56 4.21 6.23 5.89
CA ALA A 56 3.81 5.17 6.83
C ALA A 56 4.84 5.07 7.98
N PHE A 57 5.29 6.25 8.44
CA PHE A 57 6.33 6.36 9.50
C PHE A 57 5.71 6.82 10.84
N ASP A 58 4.63 7.64 10.74
CA ASP A 58 3.87 8.12 11.91
C ASP A 58 3.26 6.93 12.68
N SER A 59 3.27 7.02 14.02
CA SER A 59 2.85 5.93 14.93
C SER A 59 1.42 5.41 14.63
N LEU A 60 0.49 6.34 14.39
CA LEU A 60 -0.92 6.02 14.10
C LEU A 60 -1.00 5.34 12.72
N VAL A 61 -0.19 5.81 11.76
CA VAL A 61 -0.16 5.27 10.38
C VAL A 61 0.44 3.84 10.36
N VAL A 62 1.40 3.57 11.25
CA VAL A 62 2.02 2.23 11.41
C VAL A 62 0.97 1.24 11.96
N SER A 63 0.15 1.72 12.92
CA SER A 63 -0.96 0.93 13.49
C SER A 63 -2.01 0.64 12.41
N GLU A 64 -2.40 1.69 11.66
CA GLU A 64 -3.39 1.64 10.57
C GLU A 64 -2.95 0.63 9.49
N LEU A 65 -1.63 0.66 9.19
CA LEU A 65 -0.98 -0.19 8.19
C LEU A 65 -1.08 -1.67 8.62
N SER A 66 -0.66 -1.97 9.87
CA SER A 66 -0.70 -3.34 10.47
C SER A 66 -2.12 -3.94 10.41
N LEU A 67 -3.12 -3.15 10.83
CA LEU A 67 -4.53 -3.57 10.90
C LEU A 67 -5.10 -3.82 9.48
N LYS A 68 -4.64 -2.99 8.51
CA LYS A 68 -5.13 -3.07 7.12
C LYS A 68 -4.55 -4.31 6.41
N LEU A 69 -3.25 -4.59 6.68
CA LEU A 69 -2.55 -5.78 6.13
C LEU A 69 -3.15 -7.06 6.72
N ARG A 70 -3.54 -6.97 8.00
CA ARG A 70 -4.18 -8.05 8.76
C ARG A 70 -5.53 -8.43 8.13
N LYS A 71 -6.36 -7.42 7.90
CA LYS A 71 -7.74 -7.56 7.41
C LYS A 71 -7.74 -8.02 5.94
N GLU A 72 -6.95 -7.32 5.11
CA GLU A 72 -6.99 -7.44 3.64
C GLU A 72 -6.07 -8.58 3.13
N PHE A 73 -4.80 -8.53 3.54
CA PHE A 73 -3.73 -9.42 2.99
C PHE A 73 -3.53 -10.67 3.87
N GLY A 74 -4.09 -10.65 5.10
CA GLY A 74 -3.96 -11.77 6.05
C GLY A 74 -2.64 -11.74 6.82
N VAL A 75 -1.86 -10.67 6.62
CA VAL A 75 -0.55 -10.47 7.24
C VAL A 75 -0.75 -9.89 8.66
N THR A 76 -0.43 -10.71 9.67
CA THR A 76 -0.62 -10.39 11.10
C THR A 76 0.21 -9.16 11.53
N GLY A 77 -0.05 -8.68 12.78
CA GLY A 77 0.61 -7.49 13.36
C GLY A 77 2.14 -7.53 13.25
N VAL A 78 2.65 -6.94 12.16
CA VAL A 78 4.08 -6.89 11.83
C VAL A 78 4.65 -5.48 12.10
N ASP A 79 4.17 -4.85 13.19
CA ASP A 79 4.54 -3.46 13.60
C ASP A 79 6.08 -3.27 13.71
N ASP A 80 6.75 -4.29 14.29
CA ASP A 80 8.23 -4.33 14.42
C ASP A 80 8.91 -4.34 13.04
N GLU A 81 8.36 -5.18 12.14
CA GLU A 81 8.84 -5.30 10.76
C GLU A 81 8.60 -3.99 9.98
N LEU A 82 7.53 -3.25 10.33
CA LEU A 82 7.14 -2.02 9.64
C LEU A 82 8.10 -0.86 9.93
N ASP A 83 8.61 -0.78 11.19
CA ASP A 83 9.63 0.24 11.55
C ASP A 83 11.01 -0.15 11.00
N LEU A 84 11.21 -1.46 10.72
CA LEU A 84 12.41 -1.97 10.02
C LEU A 84 12.44 -1.54 8.54
N LEU A 85 11.27 -1.16 7.99
CA LEU A 85 11.15 -0.67 6.61
C LEU A 85 11.52 0.82 6.54
N GLU A 86 12.05 1.25 5.38
CA GLU A 86 12.37 2.65 5.08
C GLU A 86 11.89 3.00 3.65
N THR A 87 11.41 1.99 2.90
CA THR A 87 11.03 2.16 1.49
C THR A 87 9.77 1.34 1.17
N VAL A 88 9.03 1.79 0.15
CA VAL A 88 7.77 1.15 -0.29
C VAL A 88 8.02 -0.23 -0.94
N ASP A 89 9.19 -0.39 -1.60
CA ASP A 89 9.67 -1.72 -2.09
C ASP A 89 9.70 -2.74 -0.96
N GLU A 90 10.32 -2.32 0.15
CA GLU A 90 10.51 -3.16 1.34
C GLU A 90 9.17 -3.62 1.93
N LEU A 91 8.16 -2.72 1.90
CA LEU A 91 6.80 -3.05 2.36
C LEU A 91 6.11 -4.08 1.44
N PHE A 92 6.18 -3.83 0.13
CA PHE A 92 5.50 -4.68 -0.90
C PHE A 92 5.99 -6.14 -0.85
N GLN A 93 7.33 -6.33 -0.72
CA GLN A 93 7.93 -7.67 -0.66
C GLN A 93 7.74 -8.32 0.72
N LEU A 94 7.69 -7.50 1.79
CA LEU A 94 7.46 -7.98 3.18
C LEU A 94 6.08 -8.65 3.29
N VAL A 95 5.07 -7.93 2.82
CA VAL A 95 3.67 -8.35 2.87
C VAL A 95 3.43 -9.57 1.98
N GLU A 96 4.04 -9.58 0.79
CA GLU A 96 3.88 -10.68 -0.19
C GLU A 96 4.44 -12.00 0.36
N LYS A 97 5.65 -11.93 0.94
CA LYS A 97 6.35 -13.10 1.50
C LYS A 97 5.71 -13.56 2.82
N HIS A 98 5.09 -12.63 3.57
CA HIS A 98 4.35 -12.95 4.80
C HIS A 98 2.92 -13.46 4.47
N ARG A 99 2.45 -13.15 3.26
CA ARG A 99 1.16 -13.65 2.74
C ARG A 99 1.36 -15.08 2.19
N ALA A 100 2.57 -15.34 1.68
CA ALA A 100 2.99 -16.66 1.18
C ALA A 100 3.44 -17.57 2.34
N ALA A 101 3.99 -16.96 3.40
CA ALA A 101 4.45 -17.65 4.61
C ALA A 101 3.98 -16.85 5.84
N GLY A 102 2.77 -17.17 6.33
CA GLY A 102 2.18 -16.52 7.51
C GLY A 102 2.80 -16.99 8.80
N SER A 103 4.01 -16.46 9.11
CA SER A 103 4.82 -16.81 10.29
C SER A 103 5.22 -18.31 10.26
#